data_3I4Q
# 
_entry.id   3I4Q 
# 
_audit_conform.dict_name       mmcif_pdbx.dic 
_audit_conform.dict_version    5.398 
_audit_conform.dict_location   http://mmcif.pdb.org/dictionaries/ascii/mmcif_pdbx.dic 
# 
loop_
_database_2.database_id 
_database_2.database_code 
_database_2.pdbx_database_accession 
_database_2.pdbx_DOI 
PDB   3I4Q         pdb_00003i4q 10.2210/pdb3i4q/pdb 
RCSB  RCSB053961   ?            ?                   
WWPDB D_1000053961 ?            ?                   
# 
loop_
_pdbx_audit_revision_history.ordinal 
_pdbx_audit_revision_history.data_content_type 
_pdbx_audit_revision_history.major_revision 
_pdbx_audit_revision_history.minor_revision 
_pdbx_audit_revision_history.revision_date 
1 'Structure model' 1 0 2009-07-28 
2 'Structure model' 1 1 2011-07-13 
3 'Structure model' 1 2 2012-02-22 
4 'Structure model' 1 3 2013-08-07 
5 'Structure model' 1 4 2023-09-06 
6 'Structure model' 1 5 2023-11-22 
7 'Structure model' 1 6 2024-11-06 
# 
_pdbx_audit_revision_details.ordinal             1 
_pdbx_audit_revision_details.revision_ordinal    1 
_pdbx_audit_revision_details.data_content_type   'Structure model' 
_pdbx_audit_revision_details.provider            repository 
_pdbx_audit_revision_details.type                'Initial release' 
_pdbx_audit_revision_details.description         ? 
_pdbx_audit_revision_details.details             ? 
# 
loop_
_pdbx_audit_revision_group.ordinal 
_pdbx_audit_revision_group.revision_ordinal 
_pdbx_audit_revision_group.data_content_type 
_pdbx_audit_revision_group.group 
1 2 'Structure model' 'Version format compliance' 
2 3 'Structure model' 'Structure summary'         
3 4 'Structure model' 'Database references'       
4 5 'Structure model' 'Data collection'           
5 5 'Structure model' 'Database references'       
6 5 'Structure model' 'Derived calculations'      
7 5 'Structure model' 'Refinement description'    
8 6 'Structure model' 'Data collection'           
9 7 'Structure model' 'Structure summary'         
# 
loop_
_pdbx_audit_revision_category.ordinal 
_pdbx_audit_revision_category.revision_ordinal 
_pdbx_audit_revision_category.data_content_type 
_pdbx_audit_revision_category.category 
1  5 'Structure model' chem_comp_atom                
2  5 'Structure model' chem_comp_bond                
3  5 'Structure model' database_2                    
4  5 'Structure model' pdbx_initial_refinement_model 
5  5 'Structure model' pdbx_struct_conn_angle        
6  5 'Structure model' struct_conn                   
7  5 'Structure model' struct_ref_seq                
8  5 'Structure model' struct_site                   
9  6 'Structure model' chem_comp_atom                
10 6 'Structure model' chem_comp_bond                
11 7 'Structure model' pdbx_entry_details            
12 7 'Structure model' pdbx_modification_feature     
# 
loop_
_pdbx_audit_revision_item.ordinal 
_pdbx_audit_revision_item.revision_ordinal 
_pdbx_audit_revision_item.data_content_type 
_pdbx_audit_revision_item.item 
1  5 'Structure model' '_database_2.pdbx_DOI'                      
2  5 'Structure model' '_database_2.pdbx_database_accession'       
3  5 'Structure model' '_pdbx_struct_conn_angle.ptnr1_auth_seq_id' 
4  5 'Structure model' '_pdbx_struct_conn_angle.ptnr3_auth_seq_id' 
5  5 'Structure model' '_pdbx_struct_conn_angle.value'             
6  5 'Structure model' '_struct_conn.pdbx_dist_value'              
7  5 'Structure model' '_struct_conn.pdbx_leaving_atom_flag'       
8  5 'Structure model' '_struct_conn.ptnr1_auth_seq_id'            
9  5 'Structure model' '_struct_conn.ptnr1_label_asym_id'          
10 5 'Structure model' '_struct_conn.ptnr2_auth_seq_id'            
11 5 'Structure model' '_struct_ref_seq.db_align_beg'              
12 5 'Structure model' '_struct_ref_seq.db_align_end'              
13 5 'Structure model' '_struct_site.pdbx_auth_asym_id'            
14 5 'Structure model' '_struct_site.pdbx_auth_comp_id'            
15 5 'Structure model' '_struct_site.pdbx_auth_seq_id'             
16 6 'Structure model' '_chem_comp_atom.atom_id'                   
17 6 'Structure model' '_chem_comp_bond.atom_id_2'                 
# 
_pdbx_database_status.status_code                     REL 
_pdbx_database_status.entry_id                        3I4Q 
_pdbx_database_status.recvd_initial_deposition_date   2009-07-02 
_pdbx_database_status.deposit_site                    RCSB 
_pdbx_database_status.process_site                    RCSB 
_pdbx_database_status.status_code_sf                  REL 
_pdbx_database_status.status_code_mr                  ? 
_pdbx_database_status.SG_entry                        Y 
_pdbx_database_status.status_code_cs                  ? 
_pdbx_database_status.methods_development_category    ? 
_pdbx_database_status.pdb_format_compatible           Y 
_pdbx_database_status.status_code_nmr_data            ? 
# 
_pdbx_database_related.db_name        TargetDB 
_pdbx_database_related.db_id          APC40078 
_pdbx_database_related.details        . 
_pdbx_database_related.content_type   unspecified 
# 
loop_
_audit_author.name 
_audit_author.pdbx_ordinal 
'Singer, A.U.'                                  1 
'Evdokimova, E.'                                2 
'Kagan, O.'                                     3 
'Edwards, A.M.'                                 4 
'Joachimiak, A.'                                5 
'Savchenko, A.'                                 6 
'Midwest Center for Structural Genomics (MCSG)' 7 
# 
_citation.id                        primary 
_citation.title                     
'Genome sequence and functional genomic analysis of the oil-degrading bacterium Oleispira antarctica.' 
_citation.journal_abbrev            'Nat Commun' 
_citation.journal_volume            4 
_citation.page_first                2156 
_citation.page_last                 2156 
_citation.year                      2013 
_citation.journal_id_ASTM           ? 
_citation.country                   UK 
_citation.journal_id_ISSN           2041-1723 
_citation.journal_id_CSD            ? 
_citation.book_publisher            ? 
_citation.pdbx_database_id_PubMed   23877221 
_citation.pdbx_database_id_DOI      10.1038/ncomms3156 
# 
loop_
_citation_author.citation_id 
_citation_author.name 
_citation_author.ordinal 
_citation_author.identifier_ORCID 
primary 'Kube, M.'             1  ? 
primary 'Chernikova, T.N.'     2  ? 
primary 'Al-Ramahi, Y.'        3  ? 
primary 'Beloqui, A.'          4  ? 
primary 'Lopez-Cortez, N.'     5  ? 
primary 'Guazzaroni, M.E.'     6  ? 
primary 'Heipieper, H.J.'      7  ? 
primary 'Klages, S.'           8  ? 
primary 'Kotsyurbenko, O.R.'   9  ? 
primary 'Langer, I.'           10 ? 
primary 'Nechitaylo, T.Y.'     11 ? 
primary 'Lunsdorf, H.'         12 ? 
primary 'Fernandez, M.'        13 ? 
primary 'Juarez, S.'           14 ? 
primary 'Ciordia, S.'          15 ? 
primary 'Singer, A.'           16 ? 
primary 'Kagan, O.'            17 ? 
primary 'Egorova, O.'          18 ? 
primary 'Alain Petit, P.'      19 ? 
primary 'Stogios, P.'          20 ? 
primary 'Kim, Y.'              21 ? 
primary 'Tchigvintsev, A.'     22 ? 
primary 'Flick, R.'            23 ? 
primary 'Denaro, R.'           24 ? 
primary 'Genovese, M.'         25 ? 
primary 'Albar, J.P.'          26 ? 
primary 'Reva, O.N.'           27 ? 
primary 'Martinez-Gomariz, M.' 28 ? 
primary 'Tran, H.'             29 ? 
primary 'Ferrer, M.'           30 ? 
primary 'Savchenko, A.'        31 ? 
primary 'Yakunin, A.F.'        32 ? 
primary 'Yakimov, M.M.'        33 ? 
primary 'Golyshina, O.V.'      34 ? 
primary 'Reinhardt, R.'        35 ? 
primary 'Golyshin, P.N.'       36 ? 
# 
loop_
_entity.id 
_entity.type 
_entity.src_method 
_entity.pdbx_description 
_entity.formula_weight 
_entity.pdbx_number_of_molecules 
_entity.pdbx_ec 
_entity.pdbx_mutation 
_entity.pdbx_fragment 
_entity.details 
1 polymer     man APC40078     19647.492 1   3.6.1.1 ? ? ? 
2 non-polymer syn 'SODIUM ION' 22.990    2   ?       ? ? ? 
3 water       nat water        18.015    174 ?       ? ? ? 
# 
_entity_poly.entity_id                      1 
_entity_poly.type                           'polypeptide(L)' 
_entity_poly.nstd_linkage                   no 
_entity_poly.nstd_monomer                   yes 
_entity_poly.pdbx_seq_one_letter_code       
;G(MSE)GYNTIPAGKDLPNDIYVAIEIPANASPIKYEIDKD(MSE)DALLVDRF(MSE)ATP(MSE)FYPANYGYINNTL
ADDGDALDVLVITPYPVAPGSVIRARPVGVLK(MSE)SDEAGGDEKLLAVPHEKLTQLYNDIHDIDDVPQLLKDQIVHFF
EHYKDLEKGKWVKVEGWENADAARAAIVKSAAAYKG
;
_entity_poly.pdbx_seq_one_letter_code_can   
;GMGYNTIPAGKDLPNDIYVAIEIPANASPIKYEIDKDMDALLVDRFMATPMFYPANYGYINNTLADDGDALDVLVITPYP
VAPGSVIRARPVGVLKMSDEAGGDEKLLAVPHEKLTQLYNDIHDIDDVPQLLKDQIVHFFEHYKDLEKGKWVKVEGWENA
DAARAAIVKSAAAYKG
;
_entity_poly.pdbx_strand_id                 A 
_entity_poly.pdbx_target_identifier         APC40078 
# 
loop_
_pdbx_entity_nonpoly.entity_id 
_pdbx_entity_nonpoly.name 
_pdbx_entity_nonpoly.comp_id 
2 'SODIUM ION' NA  
3 water        HOH 
# 
loop_
_entity_poly_seq.entity_id 
_entity_poly_seq.num 
_entity_poly_seq.mon_id 
_entity_poly_seq.hetero 
1 1   GLY n 
1 2   MSE n 
1 3   GLY n 
1 4   TYR n 
1 5   ASN n 
1 6   THR n 
1 7   ILE n 
1 8   PRO n 
1 9   ALA n 
1 10  GLY n 
1 11  LYS n 
1 12  ASP n 
1 13  LEU n 
1 14  PRO n 
1 15  ASN n 
1 16  ASP n 
1 17  ILE n 
1 18  TYR n 
1 19  VAL n 
1 20  ALA n 
1 21  ILE n 
1 22  GLU n 
1 23  ILE n 
1 24  PRO n 
1 25  ALA n 
1 26  ASN n 
1 27  ALA n 
1 28  SER n 
1 29  PRO n 
1 30  ILE n 
1 31  LYS n 
1 32  TYR n 
1 33  GLU n 
1 34  ILE n 
1 35  ASP n 
1 36  LYS n 
1 37  ASP n 
1 38  MSE n 
1 39  ASP n 
1 40  ALA n 
1 41  LEU n 
1 42  LEU n 
1 43  VAL n 
1 44  ASP n 
1 45  ARG n 
1 46  PHE n 
1 47  MSE n 
1 48  ALA n 
1 49  THR n 
1 50  PRO n 
1 51  MSE n 
1 52  PHE n 
1 53  TYR n 
1 54  PRO n 
1 55  ALA n 
1 56  ASN n 
1 57  TYR n 
1 58  GLY n 
1 59  TYR n 
1 60  ILE n 
1 61  ASN n 
1 62  ASN n 
1 63  THR n 
1 64  LEU n 
1 65  ALA n 
1 66  ASP n 
1 67  ASP n 
1 68  GLY n 
1 69  ASP n 
1 70  ALA n 
1 71  LEU n 
1 72  ASP n 
1 73  VAL n 
1 74  LEU n 
1 75  VAL n 
1 76  ILE n 
1 77  THR n 
1 78  PRO n 
1 79  TYR n 
1 80  PRO n 
1 81  VAL n 
1 82  ALA n 
1 83  PRO n 
1 84  GLY n 
1 85  SER n 
1 86  VAL n 
1 87  ILE n 
1 88  ARG n 
1 89  ALA n 
1 90  ARG n 
1 91  PRO n 
1 92  VAL n 
1 93  GLY n 
1 94  VAL n 
1 95  LEU n 
1 96  LYS n 
1 97  MSE n 
1 98  SER n 
1 99  ASP n 
1 100 GLU n 
1 101 ALA n 
1 102 GLY n 
1 103 GLY n 
1 104 ASP n 
1 105 GLU n 
1 106 LYS n 
1 107 LEU n 
1 108 LEU n 
1 109 ALA n 
1 110 VAL n 
1 111 PRO n 
1 112 HIS n 
1 113 GLU n 
1 114 LYS n 
1 115 LEU n 
1 116 THR n 
1 117 GLN n 
1 118 LEU n 
1 119 TYR n 
1 120 ASN n 
1 121 ASP n 
1 122 ILE n 
1 123 HIS n 
1 124 ASP n 
1 125 ILE n 
1 126 ASP n 
1 127 ASP n 
1 128 VAL n 
1 129 PRO n 
1 130 GLN n 
1 131 LEU n 
1 132 LEU n 
1 133 LYS n 
1 134 ASP n 
1 135 GLN n 
1 136 ILE n 
1 137 VAL n 
1 138 HIS n 
1 139 PHE n 
1 140 PHE n 
1 141 GLU n 
1 142 HIS n 
1 143 TYR n 
1 144 LYS n 
1 145 ASP n 
1 146 LEU n 
1 147 GLU n 
1 148 LYS n 
1 149 GLY n 
1 150 LYS n 
1 151 TRP n 
1 152 VAL n 
1 153 LYS n 
1 154 VAL n 
1 155 GLU n 
1 156 GLY n 
1 157 TRP n 
1 158 GLU n 
1 159 ASN n 
1 160 ALA n 
1 161 ASP n 
1 162 ALA n 
1 163 ALA n 
1 164 ARG n 
1 165 ALA n 
1 166 ALA n 
1 167 ILE n 
1 168 VAL n 
1 169 LYS n 
1 170 SER n 
1 171 ALA n 
1 172 ALA n 
1 173 ALA n 
1 174 TYR n 
1 175 LYS n 
1 176 GLY n 
# 
_entity_src_gen.entity_id                          1 
_entity_src_gen.pdbx_src_id                        1 
_entity_src_gen.pdbx_alt_source_flag               sample 
_entity_src_gen.pdbx_seq_type                      ? 
_entity_src_gen.pdbx_beg_seq_num                   ? 
_entity_src_gen.pdbx_end_seq_num                   ? 
_entity_src_gen.gene_src_common_name               ? 
_entity_src_gen.gene_src_genus                     ? 
_entity_src_gen.pdbx_gene_src_gene                 olei03685 
_entity_src_gen.gene_src_species                   ? 
_entity_src_gen.gene_src_strain                    ? 
_entity_src_gen.gene_src_tissue                    ? 
_entity_src_gen.gene_src_tissue_fraction           ? 
_entity_src_gen.gene_src_details                   'thrombin cleavage' 
_entity_src_gen.pdbx_gene_src_fragment             ? 
_entity_src_gen.pdbx_gene_src_scientific_name      'Oleispira antarctica' 
_entity_src_gen.pdbx_gene_src_ncbi_taxonomy_id     188908 
_entity_src_gen.pdbx_gene_src_variant              ? 
_entity_src_gen.pdbx_gene_src_cell_line            ? 
_entity_src_gen.pdbx_gene_src_atcc                 ? 
_entity_src_gen.pdbx_gene_src_organ                ? 
_entity_src_gen.pdbx_gene_src_organelle            ? 
_entity_src_gen.pdbx_gene_src_cell                 ? 
_entity_src_gen.pdbx_gene_src_cellular_location    ? 
_entity_src_gen.host_org_common_name               ? 
_entity_src_gen.pdbx_host_org_scientific_name      'Escherichia coli BL21(DE3)' 
_entity_src_gen.pdbx_host_org_ncbi_taxonomy_id     469008 
_entity_src_gen.host_org_genus                     ? 
_entity_src_gen.pdbx_host_org_gene                 ? 
_entity_src_gen.pdbx_host_org_organ                ? 
_entity_src_gen.host_org_species                   ? 
_entity_src_gen.pdbx_host_org_tissue               ? 
_entity_src_gen.pdbx_host_org_tissue_fraction      ? 
_entity_src_gen.pdbx_host_org_strain               'BL21(DE3)-RIPL' 
_entity_src_gen.pdbx_host_org_variant              ? 
_entity_src_gen.pdbx_host_org_cell_line            ? 
_entity_src_gen.pdbx_host_org_atcc                 ? 
_entity_src_gen.pdbx_host_org_culture_collection   ? 
_entity_src_gen.pdbx_host_org_cell                 ? 
_entity_src_gen.pdbx_host_org_organelle            ? 
_entity_src_gen.pdbx_host_org_cellular_location    ? 
_entity_src_gen.pdbx_host_org_vector_type          plasmid 
_entity_src_gen.pdbx_host_org_vector               ? 
_entity_src_gen.host_org_details                   ? 
_entity_src_gen.expression_system_id               ? 
_entity_src_gen.plasmid_name                       'p15Tv lic' 
_entity_src_gen.plasmid_details                    ? 
_entity_src_gen.pdbx_description                   ? 
# 
loop_
_chem_comp.id 
_chem_comp.type 
_chem_comp.mon_nstd_flag 
_chem_comp.name 
_chem_comp.pdbx_synonyms 
_chem_comp.formula 
_chem_comp.formula_weight 
ALA 'L-peptide linking' y ALANINE          ? 'C3 H7 N O2'     89.093  
ARG 'L-peptide linking' y ARGININE         ? 'C6 H15 N4 O2 1' 175.209 
ASN 'L-peptide linking' y ASPARAGINE       ? 'C4 H8 N2 O3'    132.118 
ASP 'L-peptide linking' y 'ASPARTIC ACID'  ? 'C4 H7 N O4'     133.103 
GLN 'L-peptide linking' y GLUTAMINE        ? 'C5 H10 N2 O3'   146.144 
GLU 'L-peptide linking' y 'GLUTAMIC ACID'  ? 'C5 H9 N O4'     147.129 
GLY 'peptide linking'   y GLYCINE          ? 'C2 H5 N O2'     75.067  
HIS 'L-peptide linking' y HISTIDINE        ? 'C6 H10 N3 O2 1' 156.162 
HOH non-polymer         . WATER            ? 'H2 O'           18.015  
ILE 'L-peptide linking' y ISOLEUCINE       ? 'C6 H13 N O2'    131.173 
LEU 'L-peptide linking' y LEUCINE          ? 'C6 H13 N O2'    131.173 
LYS 'L-peptide linking' y LYSINE           ? 'C6 H15 N2 O2 1' 147.195 
MSE 'L-peptide linking' n SELENOMETHIONINE ? 'C5 H11 N O2 Se' 196.106 
NA  non-polymer         . 'SODIUM ION'     ? 'Na 1'           22.990  
PHE 'L-peptide linking' y PHENYLALANINE    ? 'C9 H11 N O2'    165.189 
PRO 'L-peptide linking' y PROLINE          ? 'C5 H9 N O2'     115.130 
SER 'L-peptide linking' y SERINE           ? 'C3 H7 N O3'     105.093 
THR 'L-peptide linking' y THREONINE        ? 'C4 H9 N O3'     119.119 
TRP 'L-peptide linking' y TRYPTOPHAN       ? 'C11 H12 N2 O2'  204.225 
TYR 'L-peptide linking' y TYROSINE         ? 'C9 H11 N O3'    181.189 
VAL 'L-peptide linking' y VALINE           ? 'C5 H11 N O2'    117.146 
# 
loop_
_pdbx_poly_seq_scheme.asym_id 
_pdbx_poly_seq_scheme.entity_id 
_pdbx_poly_seq_scheme.seq_id 
_pdbx_poly_seq_scheme.mon_id 
_pdbx_poly_seq_scheme.ndb_seq_num 
_pdbx_poly_seq_scheme.pdb_seq_num 
_pdbx_poly_seq_scheme.auth_seq_num 
_pdbx_poly_seq_scheme.pdb_mon_id 
_pdbx_poly_seq_scheme.auth_mon_id 
_pdbx_poly_seq_scheme.pdb_strand_id 
_pdbx_poly_seq_scheme.pdb_ins_code 
_pdbx_poly_seq_scheme.hetero 
A 1 1   GLY 1   0   ?   ?   ?   A . n 
A 1 2   MSE 2   1   ?   ?   ?   A . n 
A 1 3   GLY 3   2   ?   ?   ?   A . n 
A 1 4   TYR 4   3   3   TYR TYR A . n 
A 1 5   ASN 5   4   4   ASN ASN A . n 
A 1 6   THR 6   5   5   THR THR A . n 
A 1 7   ILE 7   6   6   ILE ILE A . n 
A 1 8   PRO 8   7   7   PRO PRO A . n 
A 1 9   ALA 9   8   8   ALA ALA A . n 
A 1 10  GLY 10  9   9   GLY GLY A . n 
A 1 11  LYS 11  10  10  LYS LYS A . n 
A 1 12  ASP 12  11  11  ASP ASP A . n 
A 1 13  LEU 13  12  12  LEU LEU A . n 
A 1 14  PRO 14  13  13  PRO PRO A . n 
A 1 15  ASN 15  14  14  ASN ASN A . n 
A 1 16  ASP 16  15  15  ASP ASP A . n 
A 1 17  ILE 17  16  16  ILE ILE A . n 
A 1 18  TYR 18  17  17  TYR TYR A . n 
A 1 19  VAL 19  18  18  VAL VAL A . n 
A 1 20  ALA 20  19  19  ALA ALA A . n 
A 1 21  ILE 21  20  20  ILE ILE A . n 
A 1 22  GLU 22  21  21  GLU GLU A . n 
A 1 23  ILE 23  22  22  ILE ILE A . n 
A 1 24  PRO 24  23  23  PRO PRO A . n 
A 1 25  ALA 25  24  24  ALA ALA A . n 
A 1 26  ASN 26  25  25  ASN ASN A . n 
A 1 27  ALA 27  26  26  ALA ALA A . n 
A 1 28  SER 28  27  27  SER SER A . n 
A 1 29  PRO 29  28  28  PRO PRO A . n 
A 1 30  ILE 30  29  29  ILE ILE A . n 
A 1 31  LYS 31  30  30  LYS LYS A . n 
A 1 32  TYR 32  31  31  TYR TYR A . n 
A 1 33  GLU 33  32  32  GLU GLU A . n 
A 1 34  ILE 34  33  33  ILE ILE A . n 
A 1 35  ASP 35  34  34  ASP ASP A . n 
A 1 36  LYS 36  35  ?   ?   ?   A . n 
A 1 37  ASP 37  36  ?   ?   ?   A . n 
A 1 38  MSE 38  37  37  MSE MSE A . n 
A 1 39  ASP 39  38  38  ASP ASP A . n 
A 1 40  ALA 40  39  39  ALA ALA A . n 
A 1 41  LEU 41  40  40  LEU LEU A . n 
A 1 42  LEU 42  41  41  LEU LEU A . n 
A 1 43  VAL 43  42  42  VAL VAL A . n 
A 1 44  ASP 44  43  43  ASP ASP A . n 
A 1 45  ARG 45  44  44  ARG ARG A . n 
A 1 46  PHE 46  45  45  PHE PHE A . n 
A 1 47  MSE 47  46  46  MSE MSE A . n 
A 1 48  ALA 48  47  47  ALA ALA A . n 
A 1 49  THR 49  48  48  THR THR A . n 
A 1 50  PRO 50  49  49  PRO PRO A . n 
A 1 51  MSE 51  50  50  MSE MSE A . n 
A 1 52  PHE 52  51  51  PHE PHE A . n 
A 1 53  TYR 53  52  52  TYR TYR A . n 
A 1 54  PRO 54  53  53  PRO PRO A . n 
A 1 55  ALA 55  54  54  ALA ALA A . n 
A 1 56  ASN 56  55  55  ASN ASN A . n 
A 1 57  TYR 57  56  56  TYR TYR A . n 
A 1 58  GLY 58  57  57  GLY GLY A . n 
A 1 59  TYR 59  58  58  TYR TYR A . n 
A 1 60  ILE 60  59  59  ILE ILE A . n 
A 1 61  ASN 61  60  60  ASN ASN A . n 
A 1 62  ASN 62  61  61  ASN ASN A . n 
A 1 63  THR 63  62  62  THR THR A . n 
A 1 64  LEU 64  63  63  LEU LEU A . n 
A 1 65  ALA 65  64  64  ALA ALA A . n 
A 1 66  ASP 66  65  65  ASP ASP A . n 
A 1 67  ASP 67  66  66  ASP ASP A . n 
A 1 68  GLY 68  67  67  GLY GLY A . n 
A 1 69  ASP 69  68  68  ASP ASP A . n 
A 1 70  ALA 70  69  69  ALA ALA A . n 
A 1 71  LEU 71  70  70  LEU LEU A . n 
A 1 72  ASP 72  71  71  ASP ASP A . n 
A 1 73  VAL 73  72  72  VAL VAL A . n 
A 1 74  LEU 74  73  73  LEU LEU A . n 
A 1 75  VAL 75  74  74  VAL VAL A . n 
A 1 76  ILE 76  75  75  ILE ILE A . n 
A 1 77  THR 77  76  76  THR THR A . n 
A 1 78  PRO 78  77  77  PRO PRO A . n 
A 1 79  TYR 79  78  78  TYR TYR A . n 
A 1 80  PRO 80  79  79  PRO PRO A . n 
A 1 81  VAL 81  80  80  VAL VAL A . n 
A 1 82  ALA 82  81  81  ALA ALA A . n 
A 1 83  PRO 83  82  82  PRO PRO A . n 
A 1 84  GLY 84  83  83  GLY GLY A . n 
A 1 85  SER 85  84  84  SER SER A . n 
A 1 86  VAL 86  85  85  VAL VAL A . n 
A 1 87  ILE 87  86  86  ILE ILE A . n 
A 1 88  ARG 88  87  87  ARG ARG A . n 
A 1 89  ALA 89  88  88  ALA ALA A . n 
A 1 90  ARG 90  89  89  ARG ARG A . n 
A 1 91  PRO 91  90  90  PRO PRO A . n 
A 1 92  VAL 92  91  91  VAL VAL A . n 
A 1 93  GLY 93  92  92  GLY GLY A . n 
A 1 94  VAL 94  93  93  VAL VAL A . n 
A 1 95  LEU 95  94  94  LEU LEU A . n 
A 1 96  LYS 96  95  95  LYS LYS A . n 
A 1 97  MSE 97  96  96  MSE MSE A . n 
A 1 98  SER 98  97  97  SER SER A . n 
A 1 99  ASP 99  98  98  ASP ASP A . n 
A 1 100 GLU 100 99  99  GLU GLU A . n 
A 1 101 ALA 101 100 100 ALA ALA A . n 
A 1 102 GLY 102 101 101 GLY GLY A . n 
A 1 103 GLY 103 102 102 GLY GLY A . n 
A 1 104 ASP 104 103 103 ASP ASP A . n 
A 1 105 GLU 105 104 104 GLU GLU A . n 
A 1 106 LYS 106 105 105 LYS LYS A . n 
A 1 107 LEU 107 106 106 LEU LEU A . n 
A 1 108 LEU 108 107 107 LEU LEU A . n 
A 1 109 ALA 109 108 108 ALA ALA A . n 
A 1 110 VAL 110 109 109 VAL VAL A . n 
A 1 111 PRO 111 110 110 PRO PRO A . n 
A 1 112 HIS 112 111 111 HIS HIS A . n 
A 1 113 GLU 113 112 112 GLU GLU A . n 
A 1 114 LYS 114 113 113 LYS LYS A . n 
A 1 115 LEU 115 114 114 LEU LEU A . n 
A 1 116 THR 116 115 115 THR THR A . n 
A 1 117 GLN 117 116 116 GLN GLN A . n 
A 1 118 LEU 118 117 117 LEU LEU A . n 
A 1 119 TYR 119 118 118 TYR TYR A . n 
A 1 120 ASN 120 119 119 ASN ASN A . n 
A 1 121 ASP 121 120 120 ASP ASP A . n 
A 1 122 ILE 122 121 121 ILE ILE A . n 
A 1 123 HIS 123 122 122 HIS HIS A . n 
A 1 124 ASP 124 123 123 ASP ASP A . n 
A 1 125 ILE 125 124 124 ILE ILE A . n 
A 1 126 ASP 126 125 125 ASP ASP A . n 
A 1 127 ASP 127 126 126 ASP ASP A . n 
A 1 128 VAL 128 127 127 VAL VAL A . n 
A 1 129 PRO 129 128 128 PRO PRO A . n 
A 1 130 GLN 130 129 129 GLN GLN A . n 
A 1 131 LEU 131 130 130 LEU LEU A . n 
A 1 132 LEU 132 131 131 LEU LEU A . n 
A 1 133 LYS 133 132 132 LYS LYS A . n 
A 1 134 ASP 134 133 133 ASP ASP A . n 
A 1 135 GLN 135 134 134 GLN GLN A . n 
A 1 136 ILE 136 135 135 ILE ILE A . n 
A 1 137 VAL 137 136 136 VAL VAL A . n 
A 1 138 HIS 138 137 137 HIS HIS A . n 
A 1 139 PHE 139 138 138 PHE PHE A . n 
A 1 140 PHE 140 139 139 PHE PHE A . n 
A 1 141 GLU 141 140 140 GLU GLU A . n 
A 1 142 HIS 142 141 141 HIS HIS A . n 
A 1 143 TYR 143 142 142 TYR TYR A . n 
A 1 144 LYS 144 143 143 LYS LYS A . n 
A 1 145 ASP 145 144 144 ASP ASP A . n 
A 1 146 LEU 146 145 145 LEU LEU A . n 
A 1 147 GLU 147 146 146 GLU GLU A . n 
A 1 148 LYS 148 147 ?   ?   ?   A . n 
A 1 149 GLY 149 148 148 GLY GLY A . n 
A 1 150 LYS 150 149 149 LYS LYS A . n 
A 1 151 TRP 151 150 150 TRP TRP A . n 
A 1 152 VAL 152 151 151 VAL VAL A . n 
A 1 153 LYS 153 152 152 LYS LYS A . n 
A 1 154 VAL 154 153 153 VAL VAL A . n 
A 1 155 GLU 155 154 154 GLU GLU A . n 
A 1 156 GLY 156 155 155 GLY GLY A . n 
A 1 157 TRP 157 156 156 TRP TRP A . n 
A 1 158 GLU 158 157 157 GLU GLU A . n 
A 1 159 ASN 159 158 158 ASN ASN A . n 
A 1 160 ALA 160 159 159 ALA ALA A . n 
A 1 161 ASP 161 160 160 ASP ASP A . n 
A 1 162 ALA 162 161 161 ALA ALA A . n 
A 1 163 ALA 163 162 162 ALA ALA A . n 
A 1 164 ARG 164 163 163 ARG ARG A . n 
A 1 165 ALA 165 164 164 ALA ALA A . n 
A 1 166 ALA 166 165 165 ALA ALA A . n 
A 1 167 ILE 167 166 166 ILE ILE A . n 
A 1 168 VAL 168 167 167 VAL VAL A . n 
A 1 169 LYS 169 168 168 LYS LYS A . n 
A 1 170 SER 170 169 169 SER SER A . n 
A 1 171 ALA 171 170 170 ALA ALA A . n 
A 1 172 ALA 172 171 171 ALA ALA A . n 
A 1 173 ALA 173 172 172 ALA ALA A . n 
A 1 174 TYR 174 173 173 TYR TYR A . n 
A 1 175 LYS 175 174 174 LYS LYS A . n 
A 1 176 GLY 176 175 175 GLY GLY A . n 
# 
loop_
_pdbx_nonpoly_scheme.asym_id 
_pdbx_nonpoly_scheme.entity_id 
_pdbx_nonpoly_scheme.mon_id 
_pdbx_nonpoly_scheme.ndb_seq_num 
_pdbx_nonpoly_scheme.pdb_seq_num 
_pdbx_nonpoly_scheme.auth_seq_num 
_pdbx_nonpoly_scheme.pdb_mon_id 
_pdbx_nonpoly_scheme.auth_mon_id 
_pdbx_nonpoly_scheme.pdb_strand_id 
_pdbx_nonpoly_scheme.pdb_ins_code 
B 2 NA  1   176 1   NA  NA  A . 
C 2 NA  1   177 2   NA  NA  A . 
D 3 HOH 1   178 1   HOH HOH A . 
D 3 HOH 2   179 2   HOH HOH A . 
D 3 HOH 3   180 3   HOH HOH A . 
D 3 HOH 4   181 4   HOH HOH A . 
D 3 HOH 5   182 5   HOH HOH A . 
D 3 HOH 6   183 6   HOH HOH A . 
D 3 HOH 7   184 7   HOH HOH A . 
D 3 HOH 8   185 8   HOH HOH A . 
D 3 HOH 9   186 9   HOH HOH A . 
D 3 HOH 10  187 10  HOH HOH A . 
D 3 HOH 11  188 11  HOH HOH A . 
D 3 HOH 12  189 12  HOH HOH A . 
D 3 HOH 13  190 13  HOH HOH A . 
D 3 HOH 14  191 14  HOH HOH A . 
D 3 HOH 15  192 15  HOH HOH A . 
D 3 HOH 16  193 16  HOH HOH A . 
D 3 HOH 17  194 17  HOH HOH A . 
D 3 HOH 18  195 18  HOH HOH A . 
D 3 HOH 19  196 19  HOH HOH A . 
D 3 HOH 20  197 20  HOH HOH A . 
D 3 HOH 21  198 21  HOH HOH A . 
D 3 HOH 22  199 22  HOH HOH A . 
D 3 HOH 23  200 24  HOH HOH A . 
D 3 HOH 24  201 25  HOH HOH A . 
D 3 HOH 25  202 26  HOH HOH A . 
D 3 HOH 26  203 27  HOH HOH A . 
D 3 HOH 27  204 29  HOH HOH A . 
D 3 HOH 28  205 31  HOH HOH A . 
D 3 HOH 29  206 32  HOH HOH A . 
D 3 HOH 30  207 33  HOH HOH A . 
D 3 HOH 31  208 34  HOH HOH A . 
D 3 HOH 32  209 37  HOH HOH A . 
D 3 HOH 33  210 38  HOH HOH A . 
D 3 HOH 34  211 39  HOH HOH A . 
D 3 HOH 35  212 41  HOH HOH A . 
D 3 HOH 36  213 42  HOH HOH A . 
D 3 HOH 37  214 43  HOH HOH A . 
D 3 HOH 38  215 45  HOH HOH A . 
D 3 HOH 39  216 46  HOH HOH A . 
D 3 HOH 40  217 47  HOH HOH A . 
D 3 HOH 41  218 49  HOH HOH A . 
D 3 HOH 42  219 50  HOH HOH A . 
D 3 HOH 43  220 51  HOH HOH A . 
D 3 HOH 44  221 52  HOH HOH A . 
D 3 HOH 45  222 54  HOH HOH A . 
D 3 HOH 46  223 55  HOH HOH A . 
D 3 HOH 47  224 57  HOH HOH A . 
D 3 HOH 48  225 58  HOH HOH A . 
D 3 HOH 49  226 59  HOH HOH A . 
D 3 HOH 50  227 60  HOH HOH A . 
D 3 HOH 51  228 62  HOH HOH A . 
D 3 HOH 52  229 63  HOH HOH A . 
D 3 HOH 53  230 64  HOH HOH A . 
D 3 HOH 54  231 65  HOH HOH A . 
D 3 HOH 55  232 66  HOH HOH A . 
D 3 HOH 56  233 67  HOH HOH A . 
D 3 HOH 57  234 68  HOH HOH A . 
D 3 HOH 58  235 69  HOH HOH A . 
D 3 HOH 59  236 71  HOH HOH A . 
D 3 HOH 60  237 72  HOH HOH A . 
D 3 HOH 61  238 73  HOH HOH A . 
D 3 HOH 62  239 74  HOH HOH A . 
D 3 HOH 63  240 76  HOH HOH A . 
D 3 HOH 64  241 78  HOH HOH A . 
D 3 HOH 65  242 79  HOH HOH A . 
D 3 HOH 66  243 80  HOH HOH A . 
D 3 HOH 67  244 81  HOH HOH A . 
D 3 HOH 68  245 82  HOH HOH A . 
D 3 HOH 69  246 83  HOH HOH A . 
D 3 HOH 70  247 84  HOH HOH A . 
D 3 HOH 71  248 85  HOH HOH A . 
D 3 HOH 72  249 87  HOH HOH A . 
D 3 HOH 73  250 88  HOH HOH A . 
D 3 HOH 74  251 90  HOH HOH A . 
D 3 HOH 75  252 91  HOH HOH A . 
D 3 HOH 76  253 93  HOH HOH A . 
D 3 HOH 77  254 96  HOH HOH A . 
D 3 HOH 78  255 97  HOH HOH A . 
D 3 HOH 79  256 98  HOH HOH A . 
D 3 HOH 80  257 99  HOH HOH A . 
D 3 HOH 81  258 100 HOH HOH A . 
D 3 HOH 82  259 101 HOH HOH A . 
D 3 HOH 83  260 102 HOH HOH A . 
D 3 HOH 84  261 103 HOH HOH A . 
D 3 HOH 85  262 105 HOH HOH A . 
D 3 HOH 86  263 106 HOH HOH A . 
D 3 HOH 87  264 107 HOH HOH A . 
D 3 HOH 88  265 108 HOH HOH A . 
D 3 HOH 89  266 109 HOH HOH A . 
D 3 HOH 90  267 110 HOH HOH A . 
D 3 HOH 91  268 111 HOH HOH A . 
D 3 HOH 92  269 112 HOH HOH A . 
D 3 HOH 93  270 116 HOH HOH A . 
D 3 HOH 94  271 117 HOH HOH A . 
D 3 HOH 95  272 118 HOH HOH A . 
D 3 HOH 96  273 119 HOH HOH A . 
D 3 HOH 97  274 1   HOH HOH A . 
D 3 HOH 98  275 2   HOH HOH A . 
D 3 HOH 99  276 3   HOH HOH A . 
D 3 HOH 100 277 4   HOH HOH A . 
D 3 HOH 101 278 12  HOH HOH A . 
D 3 HOH 102 279 13  HOH HOH A . 
D 3 HOH 103 280 14  HOH HOH A . 
D 3 HOH 104 281 16  HOH HOH A . 
D 3 HOH 105 282 19  HOH HOH A . 
D 3 HOH 106 283 20  HOH HOH A . 
D 3 HOH 107 284 22  HOH HOH A . 
D 3 HOH 108 285 23  HOH HOH A . 
D 3 HOH 109 286 24  HOH HOH A . 
D 3 HOH 110 287 25  HOH HOH A . 
D 3 HOH 111 288 27  HOH HOH A . 
D 3 HOH 112 289 28  HOH HOH A . 
D 3 HOH 113 290 29  HOH HOH A . 
D 3 HOH 114 291 30  HOH HOH A . 
D 3 HOH 115 292 31  HOH HOH A . 
D 3 HOH 116 293 32  HOH HOH A . 
D 3 HOH 117 294 33  HOH HOH A . 
D 3 HOH 118 295 36  HOH HOH A . 
D 3 HOH 119 296 38  HOH HOH A . 
D 3 HOH 120 297 42  HOH HOH A . 
D 3 HOH 121 298 43  HOH HOH A . 
D 3 HOH 122 299 44  HOH HOH A . 
D 3 HOH 123 300 45  HOH HOH A . 
D 3 HOH 124 301 49  HOH HOH A . 
D 3 HOH 125 302 50  HOH HOH A . 
D 3 HOH 126 303 53  HOH HOH A . 
D 3 HOH 127 304 54  HOH HOH A . 
D 3 HOH 128 305 55  HOH HOH A . 
D 3 HOH 129 306 56  HOH HOH A . 
D 3 HOH 130 307 68  HOH HOH A . 
D 3 HOH 131 308 73  HOH HOH A . 
D 3 HOH 132 309 74  HOH HOH A . 
D 3 HOH 133 310 77  HOH HOH A . 
D 3 HOH 134 311 79  HOH HOH A . 
D 3 HOH 135 312 82  HOH HOH A . 
D 3 HOH 136 313 83  HOH HOH A . 
D 3 HOH 137 314 84  HOH HOH A . 
D 3 HOH 138 315 89  HOH HOH A . 
D 3 HOH 139 316 95  HOH HOH A . 
D 3 HOH 140 317 96  HOH HOH A . 
D 3 HOH 141 318 98  HOH HOH A . 
D 3 HOH 142 319 102 HOH HOH A . 
D 3 HOH 143 320 107 HOH HOH A . 
D 3 HOH 144 321 108 HOH HOH A . 
D 3 HOH 145 322 109 HOH HOH A . 
D 3 HOH 146 323 111 HOH HOH A . 
D 3 HOH 147 324 112 HOH HOH A . 
D 3 HOH 148 325 118 HOH HOH A . 
D 3 HOH 149 326 121 HOH HOH A . 
D 3 HOH 150 327 125 HOH HOH A . 
D 3 HOH 151 328 126 HOH HOH A . 
D 3 HOH 152 329 127 HOH HOH A . 
D 3 HOH 153 330 128 HOH HOH A . 
D 3 HOH 154 331 131 HOH HOH A . 
D 3 HOH 155 332 132 HOH HOH A . 
D 3 HOH 156 333 133 HOH HOH A . 
D 3 HOH 157 334 134 HOH HOH A . 
D 3 HOH 158 335 135 HOH HOH A . 
D 3 HOH 159 336 141 HOH HOH A . 
D 3 HOH 160 337 142 HOH HOH A . 
D 3 HOH 161 338 143 HOH HOH A . 
D 3 HOH 162 339 144 HOH HOH A . 
D 3 HOH 163 340 151 HOH HOH A . 
D 3 HOH 164 341 152 HOH HOH A . 
D 3 HOH 165 342 153 HOH HOH A . 
D 3 HOH 166 343 154 HOH HOH A . 
D 3 HOH 167 344 155 HOH HOH A . 
D 3 HOH 168 345 156 HOH HOH A . 
D 3 HOH 169 346 157 HOH HOH A . 
D 3 HOH 170 347 158 HOH HOH A . 
D 3 HOH 171 348 159 HOH HOH A . 
D 3 HOH 172 349 161 HOH HOH A . 
D 3 HOH 173 350 162 HOH HOH A . 
D 3 HOH 174 351 164 HOH HOH A . 
# 
loop_
_software.name 
_software.classification 
_software.version 
_software.citation_id 
_software.pdbx_ordinal 
CrystalClear 'data collection' .        ? 1 
PHASER       phasing           .        ? 2 
REFMAC       refinement        5.2.0019 ? 3 
HKL-2000     'data reduction'  .        ? 4 
HKL-2000     'data scaling'    .        ? 5 
# 
_cell.entry_id           3I4Q 
_cell.length_a           110.666 
_cell.length_b           110.666 
_cell.length_c           74.324 
_cell.angle_alpha        90.00 
_cell.angle_beta         90.00 
_cell.angle_gamma        120.00 
_cell.Z_PDB              18 
_cell.pdbx_unique_axis   ? 
_cell.length_a_esd       ? 
_cell.length_b_esd       ? 
_cell.length_c_esd       ? 
_cell.angle_alpha_esd    ? 
_cell.angle_beta_esd     ? 
_cell.angle_gamma_esd    ? 
# 
_symmetry.entry_id                         3I4Q 
_symmetry.space_group_name_H-M             'H 3 2' 
_symmetry.pdbx_full_space_group_name_H-M   ? 
_symmetry.cell_setting                     ? 
_symmetry.Int_Tables_number                155 
_symmetry.space_group_name_Hall            ? 
# 
_exptl.entry_id          3I4Q 
_exptl.method            'X-RAY DIFFRACTION' 
_exptl.crystals_number   1 
# 
_exptl_crystal.id                    1 
_exptl_crystal.density_meas          ? 
_exptl_crystal.density_Matthews      2.23 
_exptl_crystal.density_percent_sol   44.82 
_exptl_crystal.description           ? 
_exptl_crystal.F_000                 ? 
_exptl_crystal.preparation           ? 
# 
_exptl_crystal_grow.crystal_id      1 
_exptl_crystal_grow.method          'VAPOR DIFFUSION, SITTING DROP' 
_exptl_crystal_grow.temp            294 
_exptl_crystal_grow.temp_details    ? 
_exptl_crystal_grow.pH              5.5 
_exptl_crystal_grow.pdbx_details    
'2M Ammonium Sulfate, 0.1M Bis-Tris, cryoprotected in Paratone-N oil, pH 5.5, VAPOR DIFFUSION, SITTING DROP, temperature 294K' 
_exptl_crystal_grow.pdbx_pH_range   ? 
# 
_diffrn.id                     1 
_diffrn.ambient_temp           100 
_diffrn.ambient_temp_details   ? 
_diffrn.crystal_id             1 
# 
_diffrn_detector.diffrn_id              1 
_diffrn_detector.detector               'IMAGE PLATE' 
_diffrn_detector.type                   'RIGAKU RAXIS IV++' 
_diffrn_detector.pdbx_collection_date   2009-02-24 
_diffrn_detector.details                mirrors 
# 
_diffrn_radiation.diffrn_id                        1 
_diffrn_radiation.wavelength_id                    1 
_diffrn_radiation.pdbx_monochromatic_or_laue_m_l   M 
_diffrn_radiation.monochromator                    graphite 
_diffrn_radiation.pdbx_diffrn_protocol             'SINGLE WAVELENGTH' 
_diffrn_radiation.pdbx_scattering_type             x-ray 
# 
_diffrn_radiation_wavelength.id           1 
_diffrn_radiation_wavelength.wavelength   1.54178 
_diffrn_radiation_wavelength.wt           1.0 
# 
_diffrn_source.diffrn_id                   1 
_diffrn_source.source                      'ROTATING ANODE' 
_diffrn_source.type                        'RIGAKU MICROMAX-007' 
_diffrn_source.pdbx_synchrotron_site       ? 
_diffrn_source.pdbx_synchrotron_beamline   ? 
_diffrn_source.pdbx_wavelength             ? 
_diffrn_source.pdbx_wavelength_list        1.54178 
# 
_reflns.entry_id                     3I4Q 
_reflns.observed_criterion_sigma_I   -3 
_reflns.observed_criterion_sigma_F   ? 
_reflns.d_resolution_low             32.560 
_reflns.d_resolution_high            1.63 
_reflns.number_obs                   21698 
_reflns.number_all                   21906 
_reflns.percent_possible_obs         99.1 
_reflns.pdbx_Rmerge_I_obs            0.05600 
_reflns.pdbx_Rsym_value              ? 
_reflns.pdbx_netI_over_sigmaI        38.7200 
_reflns.B_iso_Wilson_estimate        21.5 
_reflns.pdbx_redundancy              10.5 
_reflns.R_free_details               ? 
_reflns.limit_h_max                  ? 
_reflns.limit_h_min                  ? 
_reflns.limit_k_max                  ? 
_reflns.limit_k_min                  ? 
_reflns.limit_l_max                  ? 
_reflns.limit_l_min                  ? 
_reflns.observed_criterion_F_max     ? 
_reflns.observed_criterion_F_min     ? 
_reflns.pdbx_chi_squared             ? 
_reflns.pdbx_scaling_rejects         ? 
_reflns.pdbx_ordinal                 1 
_reflns.pdbx_diffrn_id               1 
# 
_reflns_shell.d_res_high             1.63 
_reflns_shell.d_res_low              1.69 
_reflns_shell.percent_possible_all   92.4 
_reflns_shell.Rmerge_I_obs           ? 
_reflns_shell.pdbx_Rsym_value        ? 
_reflns_shell.meanI_over_sigI_obs    6.3 
_reflns_shell.pdbx_redundancy        10.00 
_reflns_shell.percent_possible_obs   ? 
_reflns_shell.number_unique_all      2008 
_reflns_shell.number_measured_all    ? 
_reflns_shell.number_measured_obs    ? 
_reflns_shell.number_unique_obs      ? 
_reflns_shell.pdbx_chi_squared       ? 
_reflns_shell.pdbx_ordinal           1 
_reflns_shell.pdbx_diffrn_id         1 
# 
_refine.entry_id                                 3I4Q 
_refine.ls_number_reflns_obs                     20583 
_refine.ls_number_reflns_all                     ? 
_refine.pdbx_ls_sigma_I                          ? 
_refine.pdbx_ls_sigma_F                          . 
_refine.pdbx_data_cutoff_high_absF               ? 
_refine.pdbx_data_cutoff_low_absF                ? 
_refine.pdbx_data_cutoff_high_rms_absF           ? 
_refine.ls_d_res_low                             32.56 
_refine.ls_d_res_high                            1.63 
_refine.ls_percent_reflns_obs                    99.66 
_refine.ls_R_factor_obs                          0.17575 
_refine.ls_R_factor_all                          ? 
_refine.ls_R_factor_R_work                       0.17387 
_refine.ls_R_factor_R_free                       0.21227 
_refine.ls_R_factor_R_free_error                 ? 
_refine.ls_R_factor_R_free_error_details         ? 
_refine.ls_percent_reflns_R_free                 5.1 
_refine.ls_number_reflns_R_free                  1111 
_refine.ls_number_parameters                     ? 
_refine.ls_number_restraints                     ? 
_refine.occupancy_min                            ? 
_refine.occupancy_max                            ? 
_refine.correlation_coeff_Fo_to_Fc               0.962 
_refine.correlation_coeff_Fo_to_Fc_free          0.943 
_refine.B_iso_mean                               20.290 
_refine.aniso_B[1][1]                            0.00 
_refine.aniso_B[2][2]                            0.00 
_refine.aniso_B[3][3]                            0.00 
_refine.aniso_B[1][2]                            0.00 
_refine.aniso_B[1][3]                            0.00 
_refine.aniso_B[2][3]                            0.00 
_refine.solvent_model_details                    MASK 
_refine.solvent_model_param_ksol                 ? 
_refine.solvent_model_param_bsol                 ? 
_refine.pdbx_solvent_vdw_probe_radii             1.20 
_refine.pdbx_solvent_ion_probe_radii             0.80 
_refine.pdbx_solvent_shrinkage_radii             0.80 
_refine.pdbx_ls_cross_valid_method               THROUGHOUT 
_refine.details                                  'HYDROGENS HAVE BEEN ADDED IN THE RIDING POSITIONS' 
_refine.pdbx_starting_model                      'Swiss-Modeller model based on coordinates from 2EIP' 
_refine.pdbx_method_to_determine_struct          'MOLECULAR REPLACEMENT' 
_refine.pdbx_isotropic_thermal_model             ? 
_refine.pdbx_stereochemistry_target_values       'MAXIMUM LIKELIHOOD' 
_refine.pdbx_stereochem_target_val_spec_case     ? 
_refine.pdbx_R_Free_selection_details            RANDOM 
_refine.pdbx_overall_ESU_R                       0.096 
_refine.pdbx_overall_ESU_R_Free                  0.098 
_refine.overall_SU_ML                            0.057 
_refine.overall_SU_B                             3.123 
_refine.ls_redundancy_reflns_obs                 ? 
_refine.B_iso_min                                ? 
_refine.B_iso_max                                ? 
_refine.overall_SU_R_Cruickshank_DPI             ? 
_refine.overall_SU_R_free                        ? 
_refine.ls_wR_factor_R_free                      ? 
_refine.ls_wR_factor_R_work                      ? 
_refine.overall_FOM_free_R_set                   ? 
_refine.overall_FOM_work_R_set                   ? 
_refine.pdbx_overall_phase_error                 ? 
_refine.pdbx_refine_id                           'X-RAY DIFFRACTION' 
_refine.pdbx_diffrn_id                           1 
_refine.pdbx_TLS_residual_ADP_flag               ? 
_refine.pdbx_overall_SU_R_free_Cruickshank_DPI   ? 
_refine.pdbx_overall_SU_R_Blow_DPI               ? 
_refine.pdbx_overall_SU_R_free_Blow_DPI          ? 
# 
_refine_hist.pdbx_refine_id                   'X-RAY DIFFRACTION' 
_refine_hist.cycle_id                         LAST 
_refine_hist.pdbx_number_atoms_protein        1325 
_refine_hist.pdbx_number_atoms_nucleic_acid   0 
_refine_hist.pdbx_number_atoms_ligand         2 
_refine_hist.number_atoms_solvent             174 
_refine_hist.number_atoms_total               1501 
_refine_hist.d_res_high                       1.63 
_refine_hist.d_res_low                        32.56 
# 
loop_
_refine_ls_restr.type 
_refine_ls_restr.dev_ideal 
_refine_ls_restr.dev_ideal_target 
_refine_ls_restr.weight 
_refine_ls_restr.number 
_refine_ls_restr.pdbx_refine_id 
_refine_ls_restr.pdbx_restraint_function 
r_bond_refined_d             0.016  0.022  ? 1446 'X-RAY DIFFRACTION' ? 
r_bond_other_d               ?      ?      ? ?    'X-RAY DIFFRACTION' ? 
r_angle_refined_deg          1.527  1.974  ? 1988 'X-RAY DIFFRACTION' ? 
r_angle_other_deg            ?      ?      ? ?    'X-RAY DIFFRACTION' ? 
r_dihedral_angle_1_deg       5.875  5.000  ? 188  'X-RAY DIFFRACTION' ? 
r_dihedral_angle_2_deg       33.681 25.606 ? 66   'X-RAY DIFFRACTION' ? 
r_dihedral_angle_3_deg       13.163 15.000 ? 233  'X-RAY DIFFRACTION' ? 
r_dihedral_angle_4_deg       5.429  15.000 ? 4    'X-RAY DIFFRACTION' ? 
r_chiral_restr               0.113  0.200  ? 221  'X-RAY DIFFRACTION' ? 
r_gen_planes_refined         0.008  0.020  ? 1138 'X-RAY DIFFRACTION' ? 
r_gen_planes_other           ?      ?      ? ?    'X-RAY DIFFRACTION' ? 
r_nbd_refined                0.213  0.200  ? 727  'X-RAY DIFFRACTION' ? 
r_nbd_other                  ?      ?      ? ?    'X-RAY DIFFRACTION' ? 
r_nbtor_refined              0.311  0.200  ? 1027 'X-RAY DIFFRACTION' ? 
r_nbtor_other                ?      ?      ? ?    'X-RAY DIFFRACTION' ? 
r_xyhbond_nbd_refined        0.141  0.200  ? 129  'X-RAY DIFFRACTION' ? 
r_xyhbond_nbd_other          ?      ?      ? ?    'X-RAY DIFFRACTION' ? 
r_metal_ion_refined          0.101  0.200  ? 7    'X-RAY DIFFRACTION' ? 
r_metal_ion_other            ?      ?      ? ?    'X-RAY DIFFRACTION' ? 
r_symmetry_vdw_refined       0.179  0.200  ? 38   'X-RAY DIFFRACTION' ? 
r_symmetry_vdw_other         ?      ?      ? ?    'X-RAY DIFFRACTION' ? 
r_symmetry_hbond_refined     0.099  0.200  ? 19   'X-RAY DIFFRACTION' ? 
r_symmetry_hbond_other       ?      ?      ? ?    'X-RAY DIFFRACTION' ? 
r_symmetry_metal_ion_refined ?      ?      ? ?    'X-RAY DIFFRACTION' ? 
r_symmetry_metal_ion_other   ?      ?      ? ?    'X-RAY DIFFRACTION' ? 
r_mcbond_it                  1.027  1.500  ? 906  'X-RAY DIFFRACTION' ? 
r_mcbond_other               ?      ?      ? ?    'X-RAY DIFFRACTION' ? 
r_mcangle_it                 1.756  2.000  ? 1476 'X-RAY DIFFRACTION' ? 
r_scbond_it                  2.532  3.000  ? 560  'X-RAY DIFFRACTION' ? 
r_scangle_it                 3.878  4.500  ? 509  'X-RAY DIFFRACTION' ? 
r_rigid_bond_restr           ?      ?      ? ?    'X-RAY DIFFRACTION' ? 
r_sphericity_free            ?      ?      ? ?    'X-RAY DIFFRACTION' ? 
r_sphericity_bonded          ?      ?      ? ?    'X-RAY DIFFRACTION' ? 
# 
_refine_ls_shell.pdbx_total_number_of_bins_used   20 
_refine_ls_shell.d_res_high                       1.634 
_refine_ls_shell.d_res_low                        1.676 
_refine_ls_shell.number_reflns_R_work             1484 
_refine_ls_shell.R_factor_R_work                  0.270 
_refine_ls_shell.percent_reflns_obs               98.56 
_refine_ls_shell.R_factor_R_free                  0.340 
_refine_ls_shell.R_factor_R_free_error            ? 
_refine_ls_shell.percent_reflns_R_free            ? 
_refine_ls_shell.number_reflns_R_free             91 
_refine_ls_shell.number_reflns_all                ? 
_refine_ls_shell.R_factor_all                     ? 
_refine_ls_shell.number_reflns_obs                1575 
_refine_ls_shell.redundancy_reflns_obs            ? 
_refine_ls_shell.pdbx_refine_id                   'X-RAY DIFFRACTION' 
# 
_struct.entry_id                  3I4Q 
_struct.title                     
'Structure of a putative inorganic pyrophosphatase from the oil-degrading bacterium Oleispira antarctica' 
_struct.pdbx_model_details        ? 
_struct.pdbx_CASP_flag            ? 
_struct.pdbx_model_type_details   ? 
# 
_struct_keywords.entry_id        3I4Q 
_struct_keywords.pdbx_keywords   HYDROLASE 
_struct_keywords.text            
;Oleispira antarctica, inorganic pyrophosphatase, oil-degrading, Structural Genomics, PSI-2, Protein Structure Initiative, Midwest Center for Structural Genomics, MCSG, HYDROLASE
;
# 
loop_
_struct_asym.id 
_struct_asym.pdbx_blank_PDB_chainid_flag 
_struct_asym.pdbx_modified 
_struct_asym.entity_id 
_struct_asym.details 
A N N 1 ? 
B N N 2 ? 
C N N 2 ? 
D N N 3 ? 
# 
_struct_ref.id                         1 
_struct_ref.db_name                    PDB 
_struct_ref.db_code                    3I4Q 
_struct_ref.pdbx_db_accession          3I4Q 
_struct_ref.entity_id                  1 
_struct_ref.pdbx_seq_one_letter_code   
;GMGYNTIPAGKDLPNDIYVAIEIPANASPIKYEIDKDMDALLVDRFMATPMFYPANYGYINNTLADDGDALDVLVITPYP
VAPGSVIRARPVGVLKMSDEAGGDEKLLAVPHEKLTQLYNDIHDIDDVPQLLKDQIVHFFEHYKDLEKGKWVKVEGWENA
DAARAAIVKSAAAYKG
;
_struct_ref.pdbx_align_begin           1 
_struct_ref.pdbx_db_isoform            ? 
# 
_struct_ref_seq.align_id                      1 
_struct_ref_seq.ref_id                        1 
_struct_ref_seq.pdbx_PDB_id_code              3I4Q 
_struct_ref_seq.pdbx_strand_id                A 
_struct_ref_seq.seq_align_beg                 1 
_struct_ref_seq.pdbx_seq_align_beg_ins_code   ? 
_struct_ref_seq.seq_align_end                 176 
_struct_ref_seq.pdbx_seq_align_end_ins_code   ? 
_struct_ref_seq.pdbx_db_accession             3I4Q 
_struct_ref_seq.db_align_beg                  0 
_struct_ref_seq.pdbx_db_align_beg_ins_code    ? 
_struct_ref_seq.db_align_end                  175 
_struct_ref_seq.pdbx_db_align_end_ins_code    ? 
_struct_ref_seq.pdbx_auth_seq_align_beg       0 
_struct_ref_seq.pdbx_auth_seq_align_end       175 
# 
_pdbx_struct_assembly.id                   1 
_pdbx_struct_assembly.details              author_and_software_defined_assembly 
_pdbx_struct_assembly.method_details       PISA 
_pdbx_struct_assembly.oligomeric_details   hexameric 
_pdbx_struct_assembly.oligomeric_count     6 
# 
loop_
_pdbx_struct_assembly_prop.biol_id 
_pdbx_struct_assembly_prop.type 
_pdbx_struct_assembly_prop.value 
_pdbx_struct_assembly_prop.details 
1 'ABSA (A^2)' 13680 ? 
1 MORE         -247  ? 
1 'SSA (A^2)'  37710 ? 
# 
_pdbx_struct_assembly_gen.assembly_id       1 
_pdbx_struct_assembly_gen.oper_expression   1,2,3,4,5,6 
_pdbx_struct_assembly_gen.asym_id_list      A,B,C,D 
# 
loop_
_pdbx_struct_oper_list.id 
_pdbx_struct_oper_list.type 
_pdbx_struct_oper_list.name 
_pdbx_struct_oper_list.symmetry_operation 
_pdbx_struct_oper_list.matrix[1][1] 
_pdbx_struct_oper_list.matrix[1][2] 
_pdbx_struct_oper_list.matrix[1][3] 
_pdbx_struct_oper_list.vector[1] 
_pdbx_struct_oper_list.matrix[2][1] 
_pdbx_struct_oper_list.matrix[2][2] 
_pdbx_struct_oper_list.matrix[2][3] 
_pdbx_struct_oper_list.vector[2] 
_pdbx_struct_oper_list.matrix[3][1] 
_pdbx_struct_oper_list.matrix[3][2] 
_pdbx_struct_oper_list.matrix[3][3] 
_pdbx_struct_oper_list.vector[3] 
1 'identity operation'         1_555 x,y,z      1.0000000000  0.0000000000  0.0000000000  0.0000000000   0.0000000000  1.0000000000  0.0000000000  0.0000000000   0.0000000000  0.0000000000  1.0000000000  0.0000000000   
2 'crystal symmetry operation' 2_555 -y,x-y,z   0.0352852852  0.9841668040  0.1736970082  -26.1613951733 0.2071391241  0.1628287072  -0.9646658465 14.2381219672  -0.9776749623 0.0700179557  -0.1981139924 -13.7387606123 
3 'crystal symmetry operation' 3_555 -x+y,-x,z  0.0352852852  0.2071391241  -0.9776749623 -15.4582020868 0.9841668040  0.1628287072  0.0700179557  24.3907616132  0.1736970082  -0.9646658465 -0.1981139924 15.5573453359  
4 'crystal symmetry operation' 4_555 y,x,-z     -0.8114425892 0.2009265234  0.5488073037  -46.0506578303 0.2009265234  -0.7858929669 0.5848083249  5.3983775034   0.5488073037  0.5848083249  0.5973355561  13.8455073945  
5 'crystal symmetry operation' 5_555 x-y,-y,-z  -0.5235673991 -0.7274518881 -0.4434985108 -29.5013034147 -0.7274518881 0.1107263619  0.6771657281  -19.0823221706 -0.4434985108 0.6771657281  -0.5871589628 -0.3921353045  
6 'crystal symmetry operation' 6_555 -x,-x+y,-z 0.2644394179  -0.6647805634 0.6986691612  -20.0684786235 -0.6647805634 -0.6504908095 -0.3673261621 -7.7780482426  0.6986691612  -0.3673261621 -0.6139486084 28.9188091557 
# 
_struct_biol.id        1 
_struct_biol.details   ? 
# 
loop_
_struct_conf.conf_type_id 
_struct_conf.id 
_struct_conf.pdbx_PDB_helix_id 
_struct_conf.beg_label_comp_id 
_struct_conf.beg_label_asym_id 
_struct_conf.beg_label_seq_id 
_struct_conf.pdbx_beg_PDB_ins_code 
_struct_conf.end_label_comp_id 
_struct_conf.end_label_asym_id 
_struct_conf.end_label_seq_id 
_struct_conf.pdbx_end_PDB_ins_code 
_struct_conf.beg_auth_comp_id 
_struct_conf.beg_auth_asym_id 
_struct_conf.beg_auth_seq_id 
_struct_conf.end_auth_comp_id 
_struct_conf.end_auth_asym_id 
_struct_conf.end_auth_seq_id 
_struct_conf.pdbx_PDB_helix_class 
_struct_conf.details 
_struct_conf.pdbx_PDB_helix_length 
HELX_P HELX_P1 1 ASP A 124 ? VAL A 128 ? ASP A 123 VAL A 127 5 ? 5  
HELX_P HELX_P2 2 PRO A 129 ? TYR A 143 ? PRO A 128 TYR A 142 1 ? 15 
HELX_P HELX_P3 3 ASN A 159 ? TYR A 174 ? ASN A 158 TYR A 173 1 ? 16 
# 
_struct_conf_type.id          HELX_P 
_struct_conf_type.criteria    ? 
_struct_conf_type.reference   ? 
# 
loop_
_struct_conn.id 
_struct_conn.conn_type_id 
_struct_conn.pdbx_leaving_atom_flag 
_struct_conn.pdbx_PDB_id 
_struct_conn.ptnr1_label_asym_id 
_struct_conn.ptnr1_label_comp_id 
_struct_conn.ptnr1_label_seq_id 
_struct_conn.ptnr1_label_atom_id 
_struct_conn.pdbx_ptnr1_label_alt_id 
_struct_conn.pdbx_ptnr1_PDB_ins_code 
_struct_conn.pdbx_ptnr1_standard_comp_id 
_struct_conn.ptnr1_symmetry 
_struct_conn.ptnr2_label_asym_id 
_struct_conn.ptnr2_label_comp_id 
_struct_conn.ptnr2_label_seq_id 
_struct_conn.ptnr2_label_atom_id 
_struct_conn.pdbx_ptnr2_label_alt_id 
_struct_conn.pdbx_ptnr2_PDB_ins_code 
_struct_conn.ptnr1_auth_asym_id 
_struct_conn.ptnr1_auth_comp_id 
_struct_conn.ptnr1_auth_seq_id 
_struct_conn.ptnr2_auth_asym_id 
_struct_conn.ptnr2_auth_comp_id 
_struct_conn.ptnr2_auth_seq_id 
_struct_conn.ptnr2_symmetry 
_struct_conn.pdbx_ptnr3_label_atom_id 
_struct_conn.pdbx_ptnr3_label_seq_id 
_struct_conn.pdbx_ptnr3_label_comp_id 
_struct_conn.pdbx_ptnr3_label_asym_id 
_struct_conn.pdbx_ptnr3_label_alt_id 
_struct_conn.pdbx_ptnr3_PDB_ins_code 
_struct_conn.details 
_struct_conn.pdbx_dist_value 
_struct_conn.pdbx_value_order 
_struct_conn.pdbx_role 
covale1  covale both ? A MSE 38  C   ? ? ? 1_555 A ASP 39 N  ? ? A MSE 37  A ASP 38  1_555 ? ? ? ? ? ? ? 1.344 ? ? 
covale2  covale both ? A PHE 46  C   ? ? ? 1_555 A MSE 47 N  A ? A PHE 45  A MSE 46  1_555 ? ? ? ? ? ? ? 1.340 ? ? 
covale3  covale both ? A PHE 46  C   ? ? ? 1_555 A MSE 47 N  B ? A PHE 45  A MSE 46  1_555 ? ? ? ? ? ? ? 1.332 ? ? 
covale4  covale both ? A MSE 47  C   A ? ? 1_555 A ALA 48 N  ? ? A MSE 46  A ALA 47  1_555 ? ? ? ? ? ? ? 1.338 ? ? 
covale5  covale both ? A MSE 47  C   B ? ? 1_555 A ALA 48 N  ? ? A MSE 46  A ALA 47  1_555 ? ? ? ? ? ? ? 1.329 ? ? 
covale6  covale both ? A PRO 50  C   ? ? ? 1_555 A MSE 51 N  ? ? A PRO 49  A MSE 50  1_555 ? ? ? ? ? ? ? 1.338 ? ? 
covale7  covale both ? A MSE 51  C   ? ? ? 1_555 A PHE 52 N  ? ? A MSE 50  A PHE 51  1_555 ? ? ? ? ? ? ? 1.330 ? ? 
covale8  covale both ? A LYS 96  C   ? ? ? 1_555 A MSE 97 N  ? ? A LYS 95  A MSE 96  1_555 ? ? ? ? ? ? ? 1.340 ? ? 
covale9  covale both ? A MSE 97  C   ? ? ? 1_555 A SER 98 N  ? ? A MSE 96  A SER 97  1_555 ? ? ? ? ? ? ? 1.342 ? ? 
metalc1  metalc ?    ? A ASP 67  OD2 ? ? ? 1_555 B NA  .  NA ? ? A ASP 66  A NA  176 1_555 ? ? ? ? ? ? ? 2.357 ? ? 
metalc2  metalc ?    ? A ASP 72  OD2 ? ? ? 1_555 B NA  .  NA ? ? A ASP 71  A NA  176 1_555 ? ? ? ? ? ? ? 2.385 ? ? 
metalc3  metalc ?    ? A ASP 104 OD1 ? ? ? 1_555 B NA  .  NA ? ? A ASP 103 A NA  176 1_555 ? ? ? ? ? ? ? 2.269 ? ? 
metalc4  metalc ?    ? A LYS 144 O   ? ? ? 1_555 C NA  .  NA ? ? A LYS 143 A NA  177 1_555 ? ? ? ? ? ? ? 2.803 ? ? 
metalc5  metalc ?    ? A GLU 147 O   ? ? ? 1_555 C NA  .  NA ? ? A GLU 146 A NA  177 1_555 ? ? ? ? ? ? ? 2.282 ? ? 
metalc6  metalc ?    ? A LYS 150 O   ? ? ? 1_555 C NA  .  NA ? ? A LYS 149 A NA  177 1_555 ? ? ? ? ? ? ? 2.367 ? ? 
metalc7  metalc ?    ? B NA  .   NA  ? ? ? 1_555 D HOH .  O  ? ? A NA  176 A HOH 206 1_555 ? ? ? ? ? ? ? 2.490 ? ? 
metalc8  metalc ?    ? B NA  .   NA  ? ? ? 1_555 D HOH .  O  ? ? A NA  176 A HOH 245 1_555 ? ? ? ? ? ? ? 2.254 ? ? 
metalc9  metalc ?    ? B NA  .   NA  ? ? ? 1_555 D HOH .  O  ? ? A NA  176 A HOH 268 1_555 ? ? ? ? ? ? ? 2.429 ? ? 
metalc10 metalc ?    ? B NA  .   NA  ? ? ? 1_555 D HOH .  O  ? ? A NA  176 A HOH 331 1_555 ? ? ? ? ? ? ? 3.196 ? ? 
metalc11 metalc ?    ? C NA  .   NA  ? ? ? 1_555 D HOH .  O  ? ? A NA  177 A HOH 346 1_555 ? ? ? ? ? ? ? 2.389 ? ? 
# 
loop_
_struct_conn_type.id 
_struct_conn_type.criteria 
_struct_conn_type.reference 
covale ? ? 
metalc ? ? 
# 
loop_
_pdbx_struct_conn_angle.id 
_pdbx_struct_conn_angle.ptnr1_label_atom_id 
_pdbx_struct_conn_angle.ptnr1_label_alt_id 
_pdbx_struct_conn_angle.ptnr1_label_asym_id 
_pdbx_struct_conn_angle.ptnr1_label_comp_id 
_pdbx_struct_conn_angle.ptnr1_label_seq_id 
_pdbx_struct_conn_angle.ptnr1_auth_atom_id 
_pdbx_struct_conn_angle.ptnr1_auth_asym_id 
_pdbx_struct_conn_angle.ptnr1_auth_comp_id 
_pdbx_struct_conn_angle.ptnr1_auth_seq_id 
_pdbx_struct_conn_angle.ptnr1_PDB_ins_code 
_pdbx_struct_conn_angle.ptnr1_symmetry 
_pdbx_struct_conn_angle.ptnr2_label_atom_id 
_pdbx_struct_conn_angle.ptnr2_label_alt_id 
_pdbx_struct_conn_angle.ptnr2_label_asym_id 
_pdbx_struct_conn_angle.ptnr2_label_comp_id 
_pdbx_struct_conn_angle.ptnr2_label_seq_id 
_pdbx_struct_conn_angle.ptnr2_auth_atom_id 
_pdbx_struct_conn_angle.ptnr2_auth_asym_id 
_pdbx_struct_conn_angle.ptnr2_auth_comp_id 
_pdbx_struct_conn_angle.ptnr2_auth_seq_id 
_pdbx_struct_conn_angle.ptnr2_PDB_ins_code 
_pdbx_struct_conn_angle.ptnr2_symmetry 
_pdbx_struct_conn_angle.ptnr3_label_atom_id 
_pdbx_struct_conn_angle.ptnr3_label_alt_id 
_pdbx_struct_conn_angle.ptnr3_label_asym_id 
_pdbx_struct_conn_angle.ptnr3_label_comp_id 
_pdbx_struct_conn_angle.ptnr3_label_seq_id 
_pdbx_struct_conn_angle.ptnr3_auth_atom_id 
_pdbx_struct_conn_angle.ptnr3_auth_asym_id 
_pdbx_struct_conn_angle.ptnr3_auth_comp_id 
_pdbx_struct_conn_angle.ptnr3_auth_seq_id 
_pdbx_struct_conn_angle.ptnr3_PDB_ins_code 
_pdbx_struct_conn_angle.ptnr3_symmetry 
_pdbx_struct_conn_angle.value 
_pdbx_struct_conn_angle.value_esd 
1  OD2 ? A ASP 67  ? A ASP 66  ? 1_555 NA ? B NA . ? A NA 176 ? 1_555 OD2 ? A ASP 72  ? A ASP 71  ? 1_555 169.6 ? 
2  OD2 ? A ASP 67  ? A ASP 66  ? 1_555 NA ? B NA . ? A NA 176 ? 1_555 OD1 ? A ASP 104 ? A ASP 103 ? 1_555 80.2  ? 
3  OD2 ? A ASP 72  ? A ASP 71  ? 1_555 NA ? B NA . ? A NA 176 ? 1_555 OD1 ? A ASP 104 ? A ASP 103 ? 1_555 105.8 ? 
4  OD2 ? A ASP 67  ? A ASP 66  ? 1_555 NA ? B NA . ? A NA 176 ? 1_555 O   ? D HOH .   ? A HOH 206 ? 1_555 102.6 ? 
5  OD2 ? A ASP 72  ? A ASP 71  ? 1_555 NA ? B NA . ? A NA 176 ? 1_555 O   ? D HOH .   ? A HOH 206 ? 1_555 86.1  ? 
6  OD1 ? A ASP 104 ? A ASP 103 ? 1_555 NA ? B NA . ? A NA 176 ? 1_555 O   ? D HOH .   ? A HOH 206 ? 1_555 89.1  ? 
7  OD2 ? A ASP 67  ? A ASP 66  ? 1_555 NA ? B NA . ? A NA 176 ? 1_555 O   ? D HOH .   ? A HOH 245 ? 1_555 80.5  ? 
8  OD2 ? A ASP 72  ? A ASP 71  ? 1_555 NA ? B NA . ? A NA 176 ? 1_555 O   ? D HOH .   ? A HOH 245 ? 1_555 92.9  ? 
9  OD1 ? A ASP 104 ? A ASP 103 ? 1_555 NA ? B NA . ? A NA 176 ? 1_555 O   ? D HOH .   ? A HOH 245 ? 1_555 160.5 ? 
10 O   ? D HOH .   ? A HOH 206 ? 1_555 NA ? B NA . ? A NA 176 ? 1_555 O   ? D HOH .   ? A HOH 245 ? 1_555 97.9  ? 
11 OD2 ? A ASP 67  ? A ASP 66  ? 1_555 NA ? B NA . ? A NA 176 ? 1_555 O   ? D HOH .   ? A HOH 268 ? 1_555 88.9  ? 
12 OD2 ? A ASP 72  ? A ASP 71  ? 1_555 NA ? B NA . ? A NA 176 ? 1_555 O   ? D HOH .   ? A HOH 268 ? 1_555 83.0  ? 
13 OD1 ? A ASP 104 ? A ASP 103 ? 1_555 NA ? B NA . ? A NA 176 ? 1_555 O   ? D HOH .   ? A HOH 268 ? 1_555 87.8  ? 
14 O   ? D HOH .   ? A HOH 206 ? 1_555 NA ? B NA . ? A NA 176 ? 1_555 O   ? D HOH .   ? A HOH 268 ? 1_555 167.4 ? 
15 O   ? D HOH .   ? A HOH 245 ? 1_555 NA ? B NA . ? A NA 176 ? 1_555 O   ? D HOH .   ? A HOH 268 ? 1_555 89.0  ? 
16 OD2 ? A ASP 67  ? A ASP 66  ? 1_555 NA ? B NA . ? A NA 176 ? 1_555 O   ? D HOH .   ? A HOH 331 ? 1_555 117.2 ? 
17 OD2 ? A ASP 72  ? A ASP 71  ? 1_555 NA ? B NA . ? A NA 176 ? 1_555 O   ? D HOH .   ? A HOH 331 ? 1_555 52.6  ? 
18 OD1 ? A ASP 104 ? A ASP 103 ? 1_555 NA ? B NA . ? A NA 176 ? 1_555 O   ? D HOH .   ? A HOH 331 ? 1_555 135.9 ? 
19 O   ? D HOH .   ? A HOH 206 ? 1_555 NA ? B NA . ? A NA 176 ? 1_555 O   ? D HOH .   ? A HOH 331 ? 1_555 121.8 ? 
20 O   ? D HOH .   ? A HOH 245 ? 1_555 NA ? B NA . ? A NA 176 ? 1_555 O   ? D HOH .   ? A HOH 331 ? 1_555 53.5  ? 
21 O   ? D HOH .   ? A HOH 268 ? 1_555 NA ? B NA . ? A NA 176 ? 1_555 O   ? D HOH .   ? A HOH 331 ? 1_555 55.0  ? 
22 O   ? A LYS 144 ? A LYS 143 ? 1_555 NA ? C NA . ? A NA 177 ? 1_555 O   ? A GLU 147 ? A GLU 146 ? 1_555 89.7  ? 
23 O   ? A LYS 144 ? A LYS 143 ? 1_555 NA ? C NA . ? A NA 177 ? 1_555 O   ? A LYS 150 ? A LYS 149 ? 1_555 75.9  ? 
24 O   ? A GLU 147 ? A GLU 146 ? 1_555 NA ? C NA . ? A NA 177 ? 1_555 O   ? A LYS 150 ? A LYS 149 ? 1_555 101.3 ? 
25 O   ? A LYS 144 ? A LYS 143 ? 1_555 NA ? C NA . ? A NA 177 ? 1_555 O   ? D HOH .   ? A HOH 346 ? 1_555 77.0  ? 
26 O   ? A GLU 147 ? A GLU 146 ? 1_555 NA ? C NA . ? A NA 177 ? 1_555 O   ? D HOH .   ? A HOH 346 ? 1_555 163.9 ? 
27 O   ? A LYS 150 ? A LYS 149 ? 1_555 NA ? C NA . ? A NA 177 ? 1_555 O   ? D HOH .   ? A HOH 346 ? 1_555 66.9  ? 
# 
loop_
_pdbx_modification_feature.ordinal 
_pdbx_modification_feature.label_comp_id 
_pdbx_modification_feature.label_asym_id 
_pdbx_modification_feature.label_seq_id 
_pdbx_modification_feature.label_alt_id 
_pdbx_modification_feature.modified_residue_label_comp_id 
_pdbx_modification_feature.modified_residue_label_asym_id 
_pdbx_modification_feature.modified_residue_label_seq_id 
_pdbx_modification_feature.modified_residue_label_alt_id 
_pdbx_modification_feature.auth_comp_id 
_pdbx_modification_feature.auth_asym_id 
_pdbx_modification_feature.auth_seq_id 
_pdbx_modification_feature.PDB_ins_code 
_pdbx_modification_feature.symmetry 
_pdbx_modification_feature.modified_residue_auth_comp_id 
_pdbx_modification_feature.modified_residue_auth_asym_id 
_pdbx_modification_feature.modified_residue_auth_seq_id 
_pdbx_modification_feature.modified_residue_PDB_ins_code 
_pdbx_modification_feature.modified_residue_symmetry 
_pdbx_modification_feature.comp_id_linking_atom 
_pdbx_modification_feature.modified_residue_id_linking_atom 
_pdbx_modification_feature.modified_residue_id 
_pdbx_modification_feature.ref_pcm_id 
_pdbx_modification_feature.ref_comp_id 
_pdbx_modification_feature.type 
_pdbx_modification_feature.category 
1 MSE A 38 ? . . . . MSE A 37 ? 1_555 . . . . . . . MET 1 MSE Selenomethionine 'Named protein modification' 
2 MSE A 47 A . . . . MSE A 46 ? 1_555 . . . . . . . MET 1 MSE Selenomethionine 'Named protein modification' 
3 MSE A 47 B . . . . MSE A 46 ? 1_555 . . . . . . . MET 1 MSE Selenomethionine 'Named protein modification' 
4 MSE A 51 ? . . . . MSE A 50 ? 1_555 . . . . . . . MET 1 MSE Selenomethionine 'Named protein modification' 
5 MSE A 97 ? . . . . MSE A 96 ? 1_555 . . . . . . . MET 1 MSE Selenomethionine 'Named protein modification' 
# 
_struct_mon_prot_cis.pdbx_id                1 
_struct_mon_prot_cis.label_comp_id          LEU 
_struct_mon_prot_cis.label_seq_id           13 
_struct_mon_prot_cis.label_asym_id          A 
_struct_mon_prot_cis.label_alt_id           . 
_struct_mon_prot_cis.pdbx_PDB_ins_code      ? 
_struct_mon_prot_cis.auth_comp_id           LEU 
_struct_mon_prot_cis.auth_seq_id            12 
_struct_mon_prot_cis.auth_asym_id           A 
_struct_mon_prot_cis.pdbx_label_comp_id_2   PRO 
_struct_mon_prot_cis.pdbx_label_seq_id_2    14 
_struct_mon_prot_cis.pdbx_label_asym_id_2   A 
_struct_mon_prot_cis.pdbx_PDB_ins_code_2    ? 
_struct_mon_prot_cis.pdbx_auth_comp_id_2    PRO 
_struct_mon_prot_cis.pdbx_auth_seq_id_2     13 
_struct_mon_prot_cis.pdbx_auth_asym_id_2    A 
_struct_mon_prot_cis.pdbx_PDB_model_num     1 
_struct_mon_prot_cis.pdbx_omega_angle       -1.84 
# 
loop_
_struct_sheet.id 
_struct_sheet.type 
_struct_sheet.number_strands 
_struct_sheet.details 
A ? 7 ? 
B ? 2 ? 
# 
loop_
_struct_sheet_order.sheet_id 
_struct_sheet_order.range_id_1 
_struct_sheet_order.range_id_2 
_struct_sheet_order.offset 
_struct_sheet_order.sense 
A 1 2 ? anti-parallel 
A 2 3 ? anti-parallel 
A 3 4 ? parallel      
A 4 5 ? anti-parallel 
A 5 6 ? anti-parallel 
A 6 7 ? anti-parallel 
B 1 2 ? anti-parallel 
# 
loop_
_struct_sheet_range.sheet_id 
_struct_sheet_range.id 
_struct_sheet_range.beg_label_comp_id 
_struct_sheet_range.beg_label_asym_id 
_struct_sheet_range.beg_label_seq_id 
_struct_sheet_range.pdbx_beg_PDB_ins_code 
_struct_sheet_range.end_label_comp_id 
_struct_sheet_range.end_label_asym_id 
_struct_sheet_range.end_label_seq_id 
_struct_sheet_range.pdbx_end_PDB_ins_code 
_struct_sheet_range.beg_auth_comp_id 
_struct_sheet_range.beg_auth_asym_id 
_struct_sheet_range.beg_auth_seq_id 
_struct_sheet_range.end_auth_comp_id 
_struct_sheet_range.end_auth_asym_id 
_struct_sheet_range.end_auth_seq_id 
A 1 VAL A 152 ? GLU A 158 ? VAL A 151 GLU A 157 
A 2 VAL A 86  ? ASP A 99  ? VAL A 85  ASP A 98  
A 3 GLY A 102 ? PRO A 111 ? GLY A 101 PRO A 110 
A 4 ASP A 72  ? VAL A 75  ? ASP A 71  VAL A 74  
A 5 ASN A 56  ? TYR A 59  ? ASN A 55  TYR A 58  
A 6 ILE A 17  ? ILE A 23  ? ILE A 16  ILE A 22  
A 7 VAL A 86  ? ASP A 99  ? VAL A 85  ASP A 98  
B 1 ILE A 30  ? ASP A 35  ? ILE A 29  ASP A 34  
B 2 ALA A 40  ? PHE A 46  ? ALA A 39  PHE A 45  
# 
loop_
_pdbx_struct_sheet_hbond.sheet_id 
_pdbx_struct_sheet_hbond.range_id_1 
_pdbx_struct_sheet_hbond.range_id_2 
_pdbx_struct_sheet_hbond.range_1_label_atom_id 
_pdbx_struct_sheet_hbond.range_1_label_comp_id 
_pdbx_struct_sheet_hbond.range_1_label_asym_id 
_pdbx_struct_sheet_hbond.range_1_label_seq_id 
_pdbx_struct_sheet_hbond.range_1_PDB_ins_code 
_pdbx_struct_sheet_hbond.range_1_auth_atom_id 
_pdbx_struct_sheet_hbond.range_1_auth_comp_id 
_pdbx_struct_sheet_hbond.range_1_auth_asym_id 
_pdbx_struct_sheet_hbond.range_1_auth_seq_id 
_pdbx_struct_sheet_hbond.range_2_label_atom_id 
_pdbx_struct_sheet_hbond.range_2_label_comp_id 
_pdbx_struct_sheet_hbond.range_2_label_asym_id 
_pdbx_struct_sheet_hbond.range_2_label_seq_id 
_pdbx_struct_sheet_hbond.range_2_PDB_ins_code 
_pdbx_struct_sheet_hbond.range_2_auth_atom_id 
_pdbx_struct_sheet_hbond.range_2_auth_comp_id 
_pdbx_struct_sheet_hbond.range_2_auth_asym_id 
_pdbx_struct_sheet_hbond.range_2_auth_seq_id 
A 1 2 O LYS A 153 ? O LYS A 152 N SER A 98  ? N SER A 97  
A 2 3 N VAL A 92  ? N VAL A 91  O LEU A 108 ? O LEU A 107 
A 3 4 O LEU A 107 ? O LEU A 106 N LEU A 74  ? N LEU A 73  
A 4 5 O VAL A 73  ? O VAL A 72  N GLY A 58  ? N GLY A 57  
A 5 6 O TYR A 57  ? O TYR A 56  N ILE A 23  ? N ILE A 22  
A 6 7 N ILE A 17  ? N ILE A 16  O ALA A 89  ? O ALA A 88  
B 1 2 N LYS A 31  ? N LYS A 30  O ARG A 45  ? O ARG A 44  
# 
loop_
_struct_site.id 
_struct_site.pdbx_evidence_code 
_struct_site.pdbx_auth_asym_id 
_struct_site.pdbx_auth_comp_id 
_struct_site.pdbx_auth_seq_id 
_struct_site.pdbx_auth_ins_code 
_struct_site.pdbx_num_residues 
_struct_site.details 
AC1 Software A NA 176 ? 6 'BINDING SITE FOR RESIDUE NA A 176' 
AC2 Software A NA 177 ? 5 'BINDING SITE FOR RESIDUE NA A 177' 
# 
loop_
_struct_site_gen.id 
_struct_site_gen.site_id 
_struct_site_gen.pdbx_num_res 
_struct_site_gen.label_comp_id 
_struct_site_gen.label_asym_id 
_struct_site_gen.label_seq_id 
_struct_site_gen.pdbx_auth_ins_code 
_struct_site_gen.auth_comp_id 
_struct_site_gen.auth_asym_id 
_struct_site_gen.auth_seq_id 
_struct_site_gen.label_atom_id 
_struct_site_gen.label_alt_id 
_struct_site_gen.symmetry 
_struct_site_gen.details 
1  AC1 6 ASP A 67  ? ASP A 66  . ? 1_555 ? 
2  AC1 6 ASP A 72  ? ASP A 71  . ? 1_555 ? 
3  AC1 6 ASP A 104 ? ASP A 103 . ? 1_555 ? 
4  AC1 6 HOH D .   ? HOH A 206 . ? 1_555 ? 
5  AC1 6 HOH D .   ? HOH A 245 . ? 1_555 ? 
6  AC1 6 HOH D .   ? HOH A 268 . ? 1_555 ? 
7  AC2 5 LYS A 144 ? LYS A 143 . ? 1_555 ? 
8  AC2 5 ASP A 145 ? ASP A 144 . ? 1_555 ? 
9  AC2 5 GLU A 147 ? GLU A 146 . ? 1_555 ? 
10 AC2 5 LYS A 150 ? LYS A 149 . ? 1_555 ? 
11 AC2 5 HOH D .   ? HOH A 346 . ? 1_555 ? 
# 
_pdbx_entry_details.entry_id                   3I4Q 
_pdbx_entry_details.compound_details           ? 
_pdbx_entry_details.source_details             ? 
_pdbx_entry_details.nonpolymer_details         ? 
_pdbx_entry_details.sequence_details           ? 
_pdbx_entry_details.has_ligand_of_interest     ? 
_pdbx_entry_details.has_protein_modification   Y 
# 
loop_
_pdbx_validate_torsion.id 
_pdbx_validate_torsion.PDB_model_num 
_pdbx_validate_torsion.auth_comp_id 
_pdbx_validate_torsion.auth_asym_id 
_pdbx_validate_torsion.auth_seq_id 
_pdbx_validate_torsion.PDB_ins_code 
_pdbx_validate_torsion.label_alt_id 
_pdbx_validate_torsion.phi 
_pdbx_validate_torsion.psi 
1 1 ASP A 11  ? ? -160.79 84.66  
2 1 ASP A 65  ? ? -57.65  -6.75  
3 1 THR A 115 ? ? -171.27 145.56 
# 
_pdbx_SG_project.id                    1 
_pdbx_SG_project.project_name          'PSI, Protein Structure Initiative' 
_pdbx_SG_project.full_name_of_center   'Midwest Center for Structural Genomics' 
_pdbx_SG_project.initial_of_center     MCSG 
# 
loop_
_pdbx_struct_mod_residue.id 
_pdbx_struct_mod_residue.label_asym_id 
_pdbx_struct_mod_residue.label_comp_id 
_pdbx_struct_mod_residue.label_seq_id 
_pdbx_struct_mod_residue.auth_asym_id 
_pdbx_struct_mod_residue.auth_comp_id 
_pdbx_struct_mod_residue.auth_seq_id 
_pdbx_struct_mod_residue.PDB_ins_code 
_pdbx_struct_mod_residue.parent_comp_id 
_pdbx_struct_mod_residue.details 
1 A MSE 38 A MSE 37 ? MET SELENOMETHIONINE 
2 A MSE 47 A MSE 46 ? MET SELENOMETHIONINE 
3 A MSE 51 A MSE 50 ? MET SELENOMETHIONINE 
4 A MSE 97 A MSE 96 ? MET SELENOMETHIONINE 
# 
_pdbx_struct_special_symmetry.id              1 
_pdbx_struct_special_symmetry.PDB_model_num   1 
_pdbx_struct_special_symmetry.auth_asym_id    A 
_pdbx_struct_special_symmetry.auth_comp_id    HOH 
_pdbx_struct_special_symmetry.auth_seq_id     330 
_pdbx_struct_special_symmetry.PDB_ins_code    ? 
_pdbx_struct_special_symmetry.label_asym_id   D 
_pdbx_struct_special_symmetry.label_comp_id   HOH 
_pdbx_struct_special_symmetry.label_seq_id    . 
# 
loop_
_pdbx_unobs_or_zero_occ_residues.id 
_pdbx_unobs_or_zero_occ_residues.PDB_model_num 
_pdbx_unobs_or_zero_occ_residues.polymer_flag 
_pdbx_unobs_or_zero_occ_residues.occupancy_flag 
_pdbx_unobs_or_zero_occ_residues.auth_asym_id 
_pdbx_unobs_or_zero_occ_residues.auth_comp_id 
_pdbx_unobs_or_zero_occ_residues.auth_seq_id 
_pdbx_unobs_or_zero_occ_residues.PDB_ins_code 
_pdbx_unobs_or_zero_occ_residues.label_asym_id 
_pdbx_unobs_or_zero_occ_residues.label_comp_id 
_pdbx_unobs_or_zero_occ_residues.label_seq_id 
1 1 Y 1 A GLY 0   ? A GLY 1   
2 1 Y 1 A MSE 1   ? A MSE 2   
3 1 Y 1 A GLY 2   ? A GLY 3   
4 1 Y 1 A LYS 35  ? A LYS 36  
5 1 Y 1 A ASP 36  ? A ASP 37  
6 1 Y 1 A LYS 147 ? A LYS 148 
# 
loop_
_chem_comp_atom.comp_id 
_chem_comp_atom.atom_id 
_chem_comp_atom.type_symbol 
_chem_comp_atom.pdbx_aromatic_flag 
_chem_comp_atom.pdbx_stereo_config 
_chem_comp_atom.pdbx_ordinal 
ALA N    N  N N 1   
ALA CA   C  N S 2   
ALA C    C  N N 3   
ALA O    O  N N 4   
ALA CB   C  N N 5   
ALA OXT  O  N N 6   
ALA H    H  N N 7   
ALA H2   H  N N 8   
ALA HA   H  N N 9   
ALA HB1  H  N N 10  
ALA HB2  H  N N 11  
ALA HB3  H  N N 12  
ALA HXT  H  N N 13  
ARG N    N  N N 14  
ARG CA   C  N S 15  
ARG C    C  N N 16  
ARG O    O  N N 17  
ARG CB   C  N N 18  
ARG CG   C  N N 19  
ARG CD   C  N N 20  
ARG NE   N  N N 21  
ARG CZ   C  N N 22  
ARG NH1  N  N N 23  
ARG NH2  N  N N 24  
ARG OXT  O  N N 25  
ARG H    H  N N 26  
ARG H2   H  N N 27  
ARG HA   H  N N 28  
ARG HB2  H  N N 29  
ARG HB3  H  N N 30  
ARG HG2  H  N N 31  
ARG HG3  H  N N 32  
ARG HD2  H  N N 33  
ARG HD3  H  N N 34  
ARG HE   H  N N 35  
ARG HH11 H  N N 36  
ARG HH12 H  N N 37  
ARG HH21 H  N N 38  
ARG HH22 H  N N 39  
ARG HXT  H  N N 40  
ASN N    N  N N 41  
ASN CA   C  N S 42  
ASN C    C  N N 43  
ASN O    O  N N 44  
ASN CB   C  N N 45  
ASN CG   C  N N 46  
ASN OD1  O  N N 47  
ASN ND2  N  N N 48  
ASN OXT  O  N N 49  
ASN H    H  N N 50  
ASN H2   H  N N 51  
ASN HA   H  N N 52  
ASN HB2  H  N N 53  
ASN HB3  H  N N 54  
ASN HD21 H  N N 55  
ASN HD22 H  N N 56  
ASN HXT  H  N N 57  
ASP N    N  N N 58  
ASP CA   C  N S 59  
ASP C    C  N N 60  
ASP O    O  N N 61  
ASP CB   C  N N 62  
ASP CG   C  N N 63  
ASP OD1  O  N N 64  
ASP OD2  O  N N 65  
ASP OXT  O  N N 66  
ASP H    H  N N 67  
ASP H2   H  N N 68  
ASP HA   H  N N 69  
ASP HB2  H  N N 70  
ASP HB3  H  N N 71  
ASP HD2  H  N N 72  
ASP HXT  H  N N 73  
GLN N    N  N N 74  
GLN CA   C  N S 75  
GLN C    C  N N 76  
GLN O    O  N N 77  
GLN CB   C  N N 78  
GLN CG   C  N N 79  
GLN CD   C  N N 80  
GLN OE1  O  N N 81  
GLN NE2  N  N N 82  
GLN OXT  O  N N 83  
GLN H    H  N N 84  
GLN H2   H  N N 85  
GLN HA   H  N N 86  
GLN HB2  H  N N 87  
GLN HB3  H  N N 88  
GLN HG2  H  N N 89  
GLN HG3  H  N N 90  
GLN HE21 H  N N 91  
GLN HE22 H  N N 92  
GLN HXT  H  N N 93  
GLU N    N  N N 94  
GLU CA   C  N S 95  
GLU C    C  N N 96  
GLU O    O  N N 97  
GLU CB   C  N N 98  
GLU CG   C  N N 99  
GLU CD   C  N N 100 
GLU OE1  O  N N 101 
GLU OE2  O  N N 102 
GLU OXT  O  N N 103 
GLU H    H  N N 104 
GLU H2   H  N N 105 
GLU HA   H  N N 106 
GLU HB2  H  N N 107 
GLU HB3  H  N N 108 
GLU HG2  H  N N 109 
GLU HG3  H  N N 110 
GLU HE2  H  N N 111 
GLU HXT  H  N N 112 
GLY N    N  N N 113 
GLY CA   C  N N 114 
GLY C    C  N N 115 
GLY O    O  N N 116 
GLY OXT  O  N N 117 
GLY H    H  N N 118 
GLY H2   H  N N 119 
GLY HA2  H  N N 120 
GLY HA3  H  N N 121 
GLY HXT  H  N N 122 
HIS N    N  N N 123 
HIS CA   C  N S 124 
HIS C    C  N N 125 
HIS O    O  N N 126 
HIS CB   C  N N 127 
HIS CG   C  Y N 128 
HIS ND1  N  Y N 129 
HIS CD2  C  Y N 130 
HIS CE1  C  Y N 131 
HIS NE2  N  Y N 132 
HIS OXT  O  N N 133 
HIS H    H  N N 134 
HIS H2   H  N N 135 
HIS HA   H  N N 136 
HIS HB2  H  N N 137 
HIS HB3  H  N N 138 
HIS HD1  H  N N 139 
HIS HD2  H  N N 140 
HIS HE1  H  N N 141 
HIS HE2  H  N N 142 
HIS HXT  H  N N 143 
HOH O    O  N N 144 
HOH H1   H  N N 145 
HOH H2   H  N N 146 
ILE N    N  N N 147 
ILE CA   C  N S 148 
ILE C    C  N N 149 
ILE O    O  N N 150 
ILE CB   C  N S 151 
ILE CG1  C  N N 152 
ILE CG2  C  N N 153 
ILE CD1  C  N N 154 
ILE OXT  O  N N 155 
ILE H    H  N N 156 
ILE H2   H  N N 157 
ILE HA   H  N N 158 
ILE HB   H  N N 159 
ILE HG12 H  N N 160 
ILE HG13 H  N N 161 
ILE HG21 H  N N 162 
ILE HG22 H  N N 163 
ILE HG23 H  N N 164 
ILE HD11 H  N N 165 
ILE HD12 H  N N 166 
ILE HD13 H  N N 167 
ILE HXT  H  N N 168 
LEU N    N  N N 169 
LEU CA   C  N S 170 
LEU C    C  N N 171 
LEU O    O  N N 172 
LEU CB   C  N N 173 
LEU CG   C  N N 174 
LEU CD1  C  N N 175 
LEU CD2  C  N N 176 
LEU OXT  O  N N 177 
LEU H    H  N N 178 
LEU H2   H  N N 179 
LEU HA   H  N N 180 
LEU HB2  H  N N 181 
LEU HB3  H  N N 182 
LEU HG   H  N N 183 
LEU HD11 H  N N 184 
LEU HD12 H  N N 185 
LEU HD13 H  N N 186 
LEU HD21 H  N N 187 
LEU HD22 H  N N 188 
LEU HD23 H  N N 189 
LEU HXT  H  N N 190 
LYS N    N  N N 191 
LYS CA   C  N S 192 
LYS C    C  N N 193 
LYS O    O  N N 194 
LYS CB   C  N N 195 
LYS CG   C  N N 196 
LYS CD   C  N N 197 
LYS CE   C  N N 198 
LYS NZ   N  N N 199 
LYS OXT  O  N N 200 
LYS H    H  N N 201 
LYS H2   H  N N 202 
LYS HA   H  N N 203 
LYS HB2  H  N N 204 
LYS HB3  H  N N 205 
LYS HG2  H  N N 206 
LYS HG3  H  N N 207 
LYS HD2  H  N N 208 
LYS HD3  H  N N 209 
LYS HE2  H  N N 210 
LYS HE3  H  N N 211 
LYS HZ1  H  N N 212 
LYS HZ2  H  N N 213 
LYS HZ3  H  N N 214 
LYS HXT  H  N N 215 
MSE N    N  N N 216 
MSE CA   C  N S 217 
MSE C    C  N N 218 
MSE O    O  N N 219 
MSE OXT  O  N N 220 
MSE CB   C  N N 221 
MSE CG   C  N N 222 
MSE SE   SE N N 223 
MSE CE   C  N N 224 
MSE H    H  N N 225 
MSE H2   H  N N 226 
MSE HA   H  N N 227 
MSE HXT  H  N N 228 
MSE HB2  H  N N 229 
MSE HB3  H  N N 230 
MSE HG2  H  N N 231 
MSE HG3  H  N N 232 
MSE HE1  H  N N 233 
MSE HE2  H  N N 234 
MSE HE3  H  N N 235 
NA  NA   NA N N 236 
PHE N    N  N N 237 
PHE CA   C  N S 238 
PHE C    C  N N 239 
PHE O    O  N N 240 
PHE CB   C  N N 241 
PHE CG   C  Y N 242 
PHE CD1  C  Y N 243 
PHE CD2  C  Y N 244 
PHE CE1  C  Y N 245 
PHE CE2  C  Y N 246 
PHE CZ   C  Y N 247 
PHE OXT  O  N N 248 
PHE H    H  N N 249 
PHE H2   H  N N 250 
PHE HA   H  N N 251 
PHE HB2  H  N N 252 
PHE HB3  H  N N 253 
PHE HD1  H  N N 254 
PHE HD2  H  N N 255 
PHE HE1  H  N N 256 
PHE HE2  H  N N 257 
PHE HZ   H  N N 258 
PHE HXT  H  N N 259 
PRO N    N  N N 260 
PRO CA   C  N S 261 
PRO C    C  N N 262 
PRO O    O  N N 263 
PRO CB   C  N N 264 
PRO CG   C  N N 265 
PRO CD   C  N N 266 
PRO OXT  O  N N 267 
PRO H    H  N N 268 
PRO HA   H  N N 269 
PRO HB2  H  N N 270 
PRO HB3  H  N N 271 
PRO HG2  H  N N 272 
PRO HG3  H  N N 273 
PRO HD2  H  N N 274 
PRO HD3  H  N N 275 
PRO HXT  H  N N 276 
SER N    N  N N 277 
SER CA   C  N S 278 
SER C    C  N N 279 
SER O    O  N N 280 
SER CB   C  N N 281 
SER OG   O  N N 282 
SER OXT  O  N N 283 
SER H    H  N N 284 
SER H2   H  N N 285 
SER HA   H  N N 286 
SER HB2  H  N N 287 
SER HB3  H  N N 288 
SER HG   H  N N 289 
SER HXT  H  N N 290 
THR N    N  N N 291 
THR CA   C  N S 292 
THR C    C  N N 293 
THR O    O  N N 294 
THR CB   C  N R 295 
THR OG1  O  N N 296 
THR CG2  C  N N 297 
THR OXT  O  N N 298 
THR H    H  N N 299 
THR H2   H  N N 300 
THR HA   H  N N 301 
THR HB   H  N N 302 
THR HG1  H  N N 303 
THR HG21 H  N N 304 
THR HG22 H  N N 305 
THR HG23 H  N N 306 
THR HXT  H  N N 307 
TRP N    N  N N 308 
TRP CA   C  N S 309 
TRP C    C  N N 310 
TRP O    O  N N 311 
TRP CB   C  N N 312 
TRP CG   C  Y N 313 
TRP CD1  C  Y N 314 
TRP CD2  C  Y N 315 
TRP NE1  N  Y N 316 
TRP CE2  C  Y N 317 
TRP CE3  C  Y N 318 
TRP CZ2  C  Y N 319 
TRP CZ3  C  Y N 320 
TRP CH2  C  Y N 321 
TRP OXT  O  N N 322 
TRP H    H  N N 323 
TRP H2   H  N N 324 
TRP HA   H  N N 325 
TRP HB2  H  N N 326 
TRP HB3  H  N N 327 
TRP HD1  H  N N 328 
TRP HE1  H  N N 329 
TRP HE3  H  N N 330 
TRP HZ2  H  N N 331 
TRP HZ3  H  N N 332 
TRP HH2  H  N N 333 
TRP HXT  H  N N 334 
TYR N    N  N N 335 
TYR CA   C  N S 336 
TYR C    C  N N 337 
TYR O    O  N N 338 
TYR CB   C  N N 339 
TYR CG   C  Y N 340 
TYR CD1  C  Y N 341 
TYR CD2  C  Y N 342 
TYR CE1  C  Y N 343 
TYR CE2  C  Y N 344 
TYR CZ   C  Y N 345 
TYR OH   O  N N 346 
TYR OXT  O  N N 347 
TYR H    H  N N 348 
TYR H2   H  N N 349 
TYR HA   H  N N 350 
TYR HB2  H  N N 351 
TYR HB3  H  N N 352 
TYR HD1  H  N N 353 
TYR HD2  H  N N 354 
TYR HE1  H  N N 355 
TYR HE2  H  N N 356 
TYR HH   H  N N 357 
TYR HXT  H  N N 358 
VAL N    N  N N 359 
VAL CA   C  N S 360 
VAL C    C  N N 361 
VAL O    O  N N 362 
VAL CB   C  N N 363 
VAL CG1  C  N N 364 
VAL CG2  C  N N 365 
VAL OXT  O  N N 366 
VAL H    H  N N 367 
VAL H2   H  N N 368 
VAL HA   H  N N 369 
VAL HB   H  N N 370 
VAL HG11 H  N N 371 
VAL HG12 H  N N 372 
VAL HG13 H  N N 373 
VAL HG21 H  N N 374 
VAL HG22 H  N N 375 
VAL HG23 H  N N 376 
VAL HXT  H  N N 377 
# 
loop_
_chem_comp_bond.comp_id 
_chem_comp_bond.atom_id_1 
_chem_comp_bond.atom_id_2 
_chem_comp_bond.value_order 
_chem_comp_bond.pdbx_aromatic_flag 
_chem_comp_bond.pdbx_stereo_config 
_chem_comp_bond.pdbx_ordinal 
ALA N   CA   sing N N 1   
ALA N   H    sing N N 2   
ALA N   H2   sing N N 3   
ALA CA  C    sing N N 4   
ALA CA  CB   sing N N 5   
ALA CA  HA   sing N N 6   
ALA C   O    doub N N 7   
ALA C   OXT  sing N N 8   
ALA CB  HB1  sing N N 9   
ALA CB  HB2  sing N N 10  
ALA CB  HB3  sing N N 11  
ALA OXT HXT  sing N N 12  
ARG N   CA   sing N N 13  
ARG N   H    sing N N 14  
ARG N   H2   sing N N 15  
ARG CA  C    sing N N 16  
ARG CA  CB   sing N N 17  
ARG CA  HA   sing N N 18  
ARG C   O    doub N N 19  
ARG C   OXT  sing N N 20  
ARG CB  CG   sing N N 21  
ARG CB  HB2  sing N N 22  
ARG CB  HB3  sing N N 23  
ARG CG  CD   sing N N 24  
ARG CG  HG2  sing N N 25  
ARG CG  HG3  sing N N 26  
ARG CD  NE   sing N N 27  
ARG CD  HD2  sing N N 28  
ARG CD  HD3  sing N N 29  
ARG NE  CZ   sing N N 30  
ARG NE  HE   sing N N 31  
ARG CZ  NH1  sing N N 32  
ARG CZ  NH2  doub N N 33  
ARG NH1 HH11 sing N N 34  
ARG NH1 HH12 sing N N 35  
ARG NH2 HH21 sing N N 36  
ARG NH2 HH22 sing N N 37  
ARG OXT HXT  sing N N 38  
ASN N   CA   sing N N 39  
ASN N   H    sing N N 40  
ASN N   H2   sing N N 41  
ASN CA  C    sing N N 42  
ASN CA  CB   sing N N 43  
ASN CA  HA   sing N N 44  
ASN C   O    doub N N 45  
ASN C   OXT  sing N N 46  
ASN CB  CG   sing N N 47  
ASN CB  HB2  sing N N 48  
ASN CB  HB3  sing N N 49  
ASN CG  OD1  doub N N 50  
ASN CG  ND2  sing N N 51  
ASN ND2 HD21 sing N N 52  
ASN ND2 HD22 sing N N 53  
ASN OXT HXT  sing N N 54  
ASP N   CA   sing N N 55  
ASP N   H    sing N N 56  
ASP N   H2   sing N N 57  
ASP CA  C    sing N N 58  
ASP CA  CB   sing N N 59  
ASP CA  HA   sing N N 60  
ASP C   O    doub N N 61  
ASP C   OXT  sing N N 62  
ASP CB  CG   sing N N 63  
ASP CB  HB2  sing N N 64  
ASP CB  HB3  sing N N 65  
ASP CG  OD1  doub N N 66  
ASP CG  OD2  sing N N 67  
ASP OD2 HD2  sing N N 68  
ASP OXT HXT  sing N N 69  
GLN N   CA   sing N N 70  
GLN N   H    sing N N 71  
GLN N   H2   sing N N 72  
GLN CA  C    sing N N 73  
GLN CA  CB   sing N N 74  
GLN CA  HA   sing N N 75  
GLN C   O    doub N N 76  
GLN C   OXT  sing N N 77  
GLN CB  CG   sing N N 78  
GLN CB  HB2  sing N N 79  
GLN CB  HB3  sing N N 80  
GLN CG  CD   sing N N 81  
GLN CG  HG2  sing N N 82  
GLN CG  HG3  sing N N 83  
GLN CD  OE1  doub N N 84  
GLN CD  NE2  sing N N 85  
GLN NE2 HE21 sing N N 86  
GLN NE2 HE22 sing N N 87  
GLN OXT HXT  sing N N 88  
GLU N   CA   sing N N 89  
GLU N   H    sing N N 90  
GLU N   H2   sing N N 91  
GLU CA  C    sing N N 92  
GLU CA  CB   sing N N 93  
GLU CA  HA   sing N N 94  
GLU C   O    doub N N 95  
GLU C   OXT  sing N N 96  
GLU CB  CG   sing N N 97  
GLU CB  HB2  sing N N 98  
GLU CB  HB3  sing N N 99  
GLU CG  CD   sing N N 100 
GLU CG  HG2  sing N N 101 
GLU CG  HG3  sing N N 102 
GLU CD  OE1  doub N N 103 
GLU CD  OE2  sing N N 104 
GLU OE2 HE2  sing N N 105 
GLU OXT HXT  sing N N 106 
GLY N   CA   sing N N 107 
GLY N   H    sing N N 108 
GLY N   H2   sing N N 109 
GLY CA  C    sing N N 110 
GLY CA  HA2  sing N N 111 
GLY CA  HA3  sing N N 112 
GLY C   O    doub N N 113 
GLY C   OXT  sing N N 114 
GLY OXT HXT  sing N N 115 
HIS N   CA   sing N N 116 
HIS N   H    sing N N 117 
HIS N   H2   sing N N 118 
HIS CA  C    sing N N 119 
HIS CA  CB   sing N N 120 
HIS CA  HA   sing N N 121 
HIS C   O    doub N N 122 
HIS C   OXT  sing N N 123 
HIS CB  CG   sing N N 124 
HIS CB  HB2  sing N N 125 
HIS CB  HB3  sing N N 126 
HIS CG  ND1  sing Y N 127 
HIS CG  CD2  doub Y N 128 
HIS ND1 CE1  doub Y N 129 
HIS ND1 HD1  sing N N 130 
HIS CD2 NE2  sing Y N 131 
HIS CD2 HD2  sing N N 132 
HIS CE1 NE2  sing Y N 133 
HIS CE1 HE1  sing N N 134 
HIS NE2 HE2  sing N N 135 
HIS OXT HXT  sing N N 136 
HOH O   H1   sing N N 137 
HOH O   H2   sing N N 138 
ILE N   CA   sing N N 139 
ILE N   H    sing N N 140 
ILE N   H2   sing N N 141 
ILE CA  C    sing N N 142 
ILE CA  CB   sing N N 143 
ILE CA  HA   sing N N 144 
ILE C   O    doub N N 145 
ILE C   OXT  sing N N 146 
ILE CB  CG1  sing N N 147 
ILE CB  CG2  sing N N 148 
ILE CB  HB   sing N N 149 
ILE CG1 CD1  sing N N 150 
ILE CG1 HG12 sing N N 151 
ILE CG1 HG13 sing N N 152 
ILE CG2 HG21 sing N N 153 
ILE CG2 HG22 sing N N 154 
ILE CG2 HG23 sing N N 155 
ILE CD1 HD11 sing N N 156 
ILE CD1 HD12 sing N N 157 
ILE CD1 HD13 sing N N 158 
ILE OXT HXT  sing N N 159 
LEU N   CA   sing N N 160 
LEU N   H    sing N N 161 
LEU N   H2   sing N N 162 
LEU CA  C    sing N N 163 
LEU CA  CB   sing N N 164 
LEU CA  HA   sing N N 165 
LEU C   O    doub N N 166 
LEU C   OXT  sing N N 167 
LEU CB  CG   sing N N 168 
LEU CB  HB2  sing N N 169 
LEU CB  HB3  sing N N 170 
LEU CG  CD1  sing N N 171 
LEU CG  CD2  sing N N 172 
LEU CG  HG   sing N N 173 
LEU CD1 HD11 sing N N 174 
LEU CD1 HD12 sing N N 175 
LEU CD1 HD13 sing N N 176 
LEU CD2 HD21 sing N N 177 
LEU CD2 HD22 sing N N 178 
LEU CD2 HD23 sing N N 179 
LEU OXT HXT  sing N N 180 
LYS N   CA   sing N N 181 
LYS N   H    sing N N 182 
LYS N   H2   sing N N 183 
LYS CA  C    sing N N 184 
LYS CA  CB   sing N N 185 
LYS CA  HA   sing N N 186 
LYS C   O    doub N N 187 
LYS C   OXT  sing N N 188 
LYS CB  CG   sing N N 189 
LYS CB  HB2  sing N N 190 
LYS CB  HB3  sing N N 191 
LYS CG  CD   sing N N 192 
LYS CG  HG2  sing N N 193 
LYS CG  HG3  sing N N 194 
LYS CD  CE   sing N N 195 
LYS CD  HD2  sing N N 196 
LYS CD  HD3  sing N N 197 
LYS CE  NZ   sing N N 198 
LYS CE  HE2  sing N N 199 
LYS CE  HE3  sing N N 200 
LYS NZ  HZ1  sing N N 201 
LYS NZ  HZ2  sing N N 202 
LYS NZ  HZ3  sing N N 203 
LYS OXT HXT  sing N N 204 
MSE N   CA   sing N N 205 
MSE N   H    sing N N 206 
MSE N   H2   sing N N 207 
MSE CA  C    sing N N 208 
MSE CA  CB   sing N N 209 
MSE CA  HA   sing N N 210 
MSE C   O    doub N N 211 
MSE C   OXT  sing N N 212 
MSE OXT HXT  sing N N 213 
MSE CB  CG   sing N N 214 
MSE CB  HB2  sing N N 215 
MSE CB  HB3  sing N N 216 
MSE CG  SE   sing N N 217 
MSE CG  HG2  sing N N 218 
MSE CG  HG3  sing N N 219 
MSE SE  CE   sing N N 220 
MSE CE  HE1  sing N N 221 
MSE CE  HE2  sing N N 222 
MSE CE  HE3  sing N N 223 
PHE N   CA   sing N N 224 
PHE N   H    sing N N 225 
PHE N   H2   sing N N 226 
PHE CA  C    sing N N 227 
PHE CA  CB   sing N N 228 
PHE CA  HA   sing N N 229 
PHE C   O    doub N N 230 
PHE C   OXT  sing N N 231 
PHE CB  CG   sing N N 232 
PHE CB  HB2  sing N N 233 
PHE CB  HB3  sing N N 234 
PHE CG  CD1  doub Y N 235 
PHE CG  CD2  sing Y N 236 
PHE CD1 CE1  sing Y N 237 
PHE CD1 HD1  sing N N 238 
PHE CD2 CE2  doub Y N 239 
PHE CD2 HD2  sing N N 240 
PHE CE1 CZ   doub Y N 241 
PHE CE1 HE1  sing N N 242 
PHE CE2 CZ   sing Y N 243 
PHE CE2 HE2  sing N N 244 
PHE CZ  HZ   sing N N 245 
PHE OXT HXT  sing N N 246 
PRO N   CA   sing N N 247 
PRO N   CD   sing N N 248 
PRO N   H    sing N N 249 
PRO CA  C    sing N N 250 
PRO CA  CB   sing N N 251 
PRO CA  HA   sing N N 252 
PRO C   O    doub N N 253 
PRO C   OXT  sing N N 254 
PRO CB  CG   sing N N 255 
PRO CB  HB2  sing N N 256 
PRO CB  HB3  sing N N 257 
PRO CG  CD   sing N N 258 
PRO CG  HG2  sing N N 259 
PRO CG  HG3  sing N N 260 
PRO CD  HD2  sing N N 261 
PRO CD  HD3  sing N N 262 
PRO OXT HXT  sing N N 263 
SER N   CA   sing N N 264 
SER N   H    sing N N 265 
SER N   H2   sing N N 266 
SER CA  C    sing N N 267 
SER CA  CB   sing N N 268 
SER CA  HA   sing N N 269 
SER C   O    doub N N 270 
SER C   OXT  sing N N 271 
SER CB  OG   sing N N 272 
SER CB  HB2  sing N N 273 
SER CB  HB3  sing N N 274 
SER OG  HG   sing N N 275 
SER OXT HXT  sing N N 276 
THR N   CA   sing N N 277 
THR N   H    sing N N 278 
THR N   H2   sing N N 279 
THR CA  C    sing N N 280 
THR CA  CB   sing N N 281 
THR CA  HA   sing N N 282 
THR C   O    doub N N 283 
THR C   OXT  sing N N 284 
THR CB  OG1  sing N N 285 
THR CB  CG2  sing N N 286 
THR CB  HB   sing N N 287 
THR OG1 HG1  sing N N 288 
THR CG2 HG21 sing N N 289 
THR CG2 HG22 sing N N 290 
THR CG2 HG23 sing N N 291 
THR OXT HXT  sing N N 292 
TRP N   CA   sing N N 293 
TRP N   H    sing N N 294 
TRP N   H2   sing N N 295 
TRP CA  C    sing N N 296 
TRP CA  CB   sing N N 297 
TRP CA  HA   sing N N 298 
TRP C   O    doub N N 299 
TRP C   OXT  sing N N 300 
TRP CB  CG   sing N N 301 
TRP CB  HB2  sing N N 302 
TRP CB  HB3  sing N N 303 
TRP CG  CD1  doub Y N 304 
TRP CG  CD2  sing Y N 305 
TRP CD1 NE1  sing Y N 306 
TRP CD1 HD1  sing N N 307 
TRP CD2 CE2  doub Y N 308 
TRP CD2 CE3  sing Y N 309 
TRP NE1 CE2  sing Y N 310 
TRP NE1 HE1  sing N N 311 
TRP CE2 CZ2  sing Y N 312 
TRP CE3 CZ3  doub Y N 313 
TRP CE3 HE3  sing N N 314 
TRP CZ2 CH2  doub Y N 315 
TRP CZ2 HZ2  sing N N 316 
TRP CZ3 CH2  sing Y N 317 
TRP CZ3 HZ3  sing N N 318 
TRP CH2 HH2  sing N N 319 
TRP OXT HXT  sing N N 320 
TYR N   CA   sing N N 321 
TYR N   H    sing N N 322 
TYR N   H2   sing N N 323 
TYR CA  C    sing N N 324 
TYR CA  CB   sing N N 325 
TYR CA  HA   sing N N 326 
TYR C   O    doub N N 327 
TYR C   OXT  sing N N 328 
TYR CB  CG   sing N N 329 
TYR CB  HB2  sing N N 330 
TYR CB  HB3  sing N N 331 
TYR CG  CD1  doub Y N 332 
TYR CG  CD2  sing Y N 333 
TYR CD1 CE1  sing Y N 334 
TYR CD1 HD1  sing N N 335 
TYR CD2 CE2  doub Y N 336 
TYR CD2 HD2  sing N N 337 
TYR CE1 CZ   doub Y N 338 
TYR CE1 HE1  sing N N 339 
TYR CE2 CZ   sing Y N 340 
TYR CE2 HE2  sing N N 341 
TYR CZ  OH   sing N N 342 
TYR OH  HH   sing N N 343 
TYR OXT HXT  sing N N 344 
VAL N   CA   sing N N 345 
VAL N   H    sing N N 346 
VAL N   H2   sing N N 347 
VAL CA  C    sing N N 348 
VAL CA  CB   sing N N 349 
VAL CA  HA   sing N N 350 
VAL C   O    doub N N 351 
VAL C   OXT  sing N N 352 
VAL CB  CG1  sing N N 353 
VAL CB  CG2  sing N N 354 
VAL CB  HB   sing N N 355 
VAL CG1 HG11 sing N N 356 
VAL CG1 HG12 sing N N 357 
VAL CG1 HG13 sing N N 358 
VAL CG2 HG21 sing N N 359 
VAL CG2 HG22 sing N N 360 
VAL CG2 HG23 sing N N 361 
VAL OXT HXT  sing N N 362 
# 
_pdbx_initial_refinement_model.id               1 
_pdbx_initial_refinement_model.entity_id_list   ? 
_pdbx_initial_refinement_model.type             'experimental model' 
_pdbx_initial_refinement_model.source_name      PDB 
_pdbx_initial_refinement_model.accession_code   2EIP 
_pdbx_initial_refinement_model.details          'Swiss-Modeller model based on coordinates from 2EIP' 
# 
_atom_sites.entry_id                    3I4Q 
_atom_sites.fract_transf_matrix[1][1]   0.00109046 
_atom_sites.fract_transf_matrix[1][2]   -0.00646024 
_atom_sites.fract_transf_matrix[1][3]   -0.00812051 
_atom_sites.fract_transf_matrix[2][1]   -0.00663956 
_atom_sites.fract_transf_matrix[2][2]   0.00054726 
_atom_sites.fract_transf_matrix[2][3]   -0.00803026 
_atom_sites.fract_transf_matrix[3][1]   0.00803768 
_atom_sites.fract_transf_matrix[3][2]   0.00894414 
_atom_sites.fract_transf_matrix[3][3]   -0.00603614 
_atom_sites.fract_transf_vector[1]      0.103235 
_atom_sites.fract_transf_vector[2]      -0.094291 
_atom_sites.fract_transf_vector[3]      0.202715 
# 
loop_
_atom_type.symbol 
C  
N  
NA 
O  
SE 
# 
loop_
_atom_site.group_PDB 
_atom_site.id 
_atom_site.type_symbol 
_atom_site.label_atom_id 
_atom_site.label_alt_id 
_atom_site.label_comp_id 
_atom_site.label_asym_id 
_atom_site.label_entity_id 
_atom_site.label_seq_id 
_atom_site.pdbx_PDB_ins_code 
_atom_site.Cartn_x 
_atom_site.Cartn_y 
_atom_site.Cartn_z 
_atom_site.occupancy 
_atom_site.B_iso_or_equiv 
_atom_site.pdbx_formal_charge 
_atom_site.auth_seq_id 
_atom_site.auth_comp_id 
_atom_site.auth_asym_id 
_atom_site.auth_atom_id 
_atom_site.pdbx_PDB_model_num 
ATOM   1    N  N   . TYR A 1 4   ? -2.557  16.774  -4.820  1.00 38.83 ? 3   TYR A N   1 
ATOM   2    C  CA  . TYR A 1 4   ? -1.991  15.410  -4.588  1.00 37.74 ? 3   TYR A CA  1 
ATOM   3    C  C   . TYR A 1 4   ? -0.539  15.309  -5.100  1.00 38.27 ? 3   TYR A C   1 
ATOM   4    O  O   . TYR A 1 4   ? 0.292   14.593  -4.530  1.00 37.44 ? 3   TYR A O   1 
ATOM   5    C  CB  . TYR A 1 4   ? -2.879  14.336  -5.243  1.00 37.58 ? 3   TYR A CB  1 
ATOM   6    C  CG  . TYR A 1 4   ? -4.321  14.217  -4.727  1.00 36.34 ? 3   TYR A CG  1 
ATOM   7    C  CD1 . TYR A 1 4   ? -4.593  13.808  -3.412  1.00 35.67 ? 3   TYR A CD1 1 
ATOM   8    C  CD2 . TYR A 1 4   ? -5.420  14.448  -5.580  1.00 35.39 ? 3   TYR A CD2 1 
ATOM   9    C  CE1 . TYR A 1 4   ? -5.922  13.664  -2.946  1.00 34.59 ? 3   TYR A CE1 1 
ATOM   10   C  CE2 . TYR A 1 4   ? -6.758  14.300  -5.122  1.00 33.85 ? 3   TYR A CE2 1 
ATOM   11   C  CZ  . TYR A 1 4   ? -6.992  13.908  -3.807  1.00 35.31 ? 3   TYR A CZ  1 
ATOM   12   O  OH  . TYR A 1 4   ? -8.281  13.757  -3.334  1.00 33.81 ? 3   TYR A OH  1 
ATOM   13   N  N   . ASN A 1 5   ? -0.240  16.065  -6.161  1.00 38.66 ? 4   ASN A N   1 
ATOM   14   C  CA  . ASN A 1 5   ? 1.094   16.137  -6.768  1.00 39.20 ? 4   ASN A CA  1 
ATOM   15   C  C   . ASN A 1 5   ? 2.173   16.661  -5.803  1.00 38.43 ? 4   ASN A C   1 
ATOM   16   O  O   . ASN A 1 5   ? 3.368   16.323  -5.921  1.00 38.43 ? 4   ASN A O   1 
ATOM   17   C  CB  . ASN A 1 5   ? 1.016   17.046  -8.011  1.00 40.02 ? 4   ASN A CB  1 
ATOM   18   C  CG  . ASN A 1 5   ? 2.317   17.095  -8.789  1.00 42.97 ? 4   ASN A CG  1 
ATOM   19   O  OD1 . ASN A 1 5   ? 3.065   16.103  -8.855  1.00 45.35 ? 4   ASN A OD1 1 
ATOM   20   N  ND2 . ASN A 1 5   ? 2.603   18.254  -9.384  1.00 44.77 ? 4   ASN A ND2 1 
ATOM   21   N  N   . THR A 1 6   ? 1.725   17.477  -4.853  1.00 37.36 ? 5   THR A N   1 
ATOM   22   C  CA  . THR A 1 6   ? 2.579   18.290  -3.979  1.00 36.31 ? 5   THR A CA  1 
ATOM   23   C  C   . THR A 1 6   ? 2.741   17.754  -2.548  1.00 34.82 ? 5   THR A C   1 
ATOM   24   O  O   . THR A 1 6   ? 3.270   18.458  -1.684  1.00 35.84 ? 5   THR A O   1 
ATOM   25   C  CB  . THR A 1 6   ? 1.966   19.699  -3.821  1.00 36.61 ? 5   THR A CB  1 
ATOM   26   O  OG1 . THR A 1 6   ? 0.744   19.604  -3.072  1.00 37.32 ? 5   THR A OG1 1 
ATOM   27   C  CG2 . THR A 1 6   ? 1.673   20.337  -5.191  1.00 37.85 ? 5   THR A CG2 1 
ATOM   28   N  N   . ILE A 1 7   ? 2.214   16.557  -2.283  1.00 31.29 ? 6   ILE A N   1 
ATOM   29   C  CA  . ILE A 1 7   ? 2.359   15.889  -0.982  1.00 27.78 ? 6   ILE A CA  1 
ATOM   30   C  C   . ILE A 1 7   ? 3.782   15.288  -0.974  1.00 25.32 ? 6   ILE A C   1 
ATOM   31   O  O   . ILE A 1 7   ? 4.188   14.671  -1.952  1.00 24.06 ? 6   ILE A O   1 
ATOM   32   C  CB  . ILE A 1 7   ? 1.267   14.778  -0.813  1.00 27.51 ? 6   ILE A CB  1 
ATOM   33   C  CG1 . ILE A 1 7   ? -0.155  15.389  -0.773  1.00 27.41 ? 6   ILE A CG1 1 
ATOM   34   C  CG2 . ILE A 1 7   ? 1.529   13.875  0.407   1.00 26.78 ? 6   ILE A CG2 1 
ATOM   35   C  CD1 . ILE A 1 7   ? -1.259  14.402  -1.060  1.00 28.89 ? 6   ILE A CD1 1 
ATOM   36   N  N   . PRO A 1 8   ? 4.557   15.496  0.112   1.00 23.82 ? 7   PRO A N   1 
ATOM   37   C  CA  . PRO A 1 8   ? 5.909   14.959  0.176   1.00 22.37 ? 7   PRO A CA  1 
ATOM   38   C  C   . PRO A 1 8   ? 5.874   13.449  0.315   1.00 20.64 ? 7   PRO A C   1 
ATOM   39   O  O   . PRO A 1 8   ? 4.890   12.909  0.812   1.00 17.76 ? 7   PRO A O   1 
ATOM   40   C  CB  . PRO A 1 8   ? 6.499   15.577  1.456   1.00 23.09 ? 7   PRO A CB  1 
ATOM   41   C  CG  . PRO A 1 8   ? 5.406   16.273  2.106   1.00 24.88 ? 7   PRO A CG  1 
ATOM   42   C  CD  . PRO A 1 8   ? 4.180   16.233  1.331   1.00 24.16 ? 7   PRO A CD  1 
ATOM   43   N  N   . ALA A 1 9   ? 6.946   12.786  -0.108  1.00 18.98 ? 8   ALA A N   1 
ATOM   44   C  CA  . ALA A 1 9   ? 7.072   11.333  0.052   1.00 17.19 ? 8   ALA A CA  1 
ATOM   45   C  C   . ALA A 1 9   ? 7.074   11.013  1.549   1.00 16.45 ? 8   ALA A C   1 
ATOM   46   O  O   . ALA A 1 9   ? 6.567   9.970   1.982   1.00 16.13 ? 8   ALA A O   1 
ATOM   47   C  CB  . ALA A 1 9   ? 8.384   10.831  -0.567  1.00 17.83 ? 8   ALA A CB  1 
ATOM   48   N  N   . GLY A 1 10  ? 7.643   11.911  2.353   1.00 16.60 ? 9   GLY A N   1 
ATOM   49   C  CA  . GLY A 1 10  ? 7.812   11.626  3.780   1.00 16.54 ? 9   GLY A CA  1 
ATOM   50   C  C   . GLY A 1 10  ? 8.616   12.688  4.495   1.00 17.03 ? 9   GLY A C   1 
ATOM   51   O  O   . GLY A 1 10  ? 9.415   13.403  3.870   1.00 17.11 ? 9   GLY A O   1 
ATOM   52   N  N   . LYS A 1 11  ? 8.432   12.760  5.805   1.00 16.63 ? 10  LYS A N   1 
ATOM   53   C  CA  . LYS A 1 11  ? 9.264   13.629  6.650   1.00 17.62 ? 10  LYS A CA  1 
ATOM   54   C  C   . LYS A 1 11  ? 10.731  13.161  6.698   1.00 17.77 ? 10  LYS A C   1 
ATOM   55   O  O   . LYS A 1 11  ? 11.647  13.989  6.764   1.00 18.54 ? 10  LYS A O   1 
ATOM   56   C  CB  . LYS A 1 11  ? 8.724   13.662  8.072   1.00 18.71 ? 10  LYS A CB  1 
ATOM   57   C  CG  . LYS A 1 11  ? 7.374   14.432  8.198   1.00 22.07 ? 10  LYS A CG  1 
ATOM   58   C  CD  . LYS A 1 11  ? 7.036   14.699  9.693   1.00 27.37 ? 10  LYS A CD  1 
ATOM   59   C  CE  . LYS A 1 11  ? 7.995   15.728  10.299  1.00 31.84 ? 10  LYS A CE  1 
ATOM   60   N  NZ  . LYS A 1 11  ? 7.964   15.822  11.798  1.00 36.20 ? 10  LYS A NZ  1 
ATOM   61   N  N   . ASP A 1 12  ? 10.951  11.849  6.655   1.00 17.64 ? 11  ASP A N   1 
ATOM   62   C  CA  . ASP A 1 12  ? 12.307  11.319  6.782   1.00 18.30 ? 11  ASP A CA  1 
ATOM   63   C  C   . ASP A 1 12  ? 12.340  9.904   6.237   1.00 17.05 ? 11  ASP A C   1 
ATOM   64   O  O   . ASP A 1 12  ? 12.174  8.952   7.006   1.00 17.01 ? 11  ASP A O   1 
ATOM   65   C  CB  . ASP A 1 12  ? 12.768  11.311  8.244   1.00 18.63 ? 11  ASP A CB  1 
ATOM   66   C  CG  . ASP A 1 12  ? 14.252  10.953  8.393   1.00 23.59 ? 11  ASP A CG  1 
ATOM   67   O  OD1 . ASP A 1 12  ? 14.915  10.664  7.378   1.00 26.36 ? 11  ASP A OD1 1 
ATOM   68   O  OD2 . ASP A 1 12  ? 14.759  10.968  9.535   1.00 25.78 ? 11  ASP A OD2 1 
ATOM   69   N  N   . LEU A 1 13  ? 12.510  9.780   4.917   1.00 17.44 ? 12  LEU A N   1 
ATOM   70   C  CA  . LEU A 1 13  ? 12.574  8.469   4.269   1.00 17.58 ? 12  LEU A CA  1 
ATOM   71   C  C   . LEU A 1 13  ? 13.788  7.709   4.756   1.00 17.48 ? 12  LEU A C   1 
ATOM   72   O  O   . LEU A 1 13  ? 14.835  8.333   5.029   1.00 18.09 ? 12  LEU A O   1 
ATOM   73   C  CB  . LEU A 1 13  ? 12.722  8.585   2.749   1.00 18.96 ? 12  LEU A CB  1 
ATOM   74   C  CG  . LEU A 1 13  ? 11.649  9.334   1.968   1.00 22.59 ? 12  LEU A CG  1 
ATOM   75   C  CD1 . LEU A 1 13  ? 11.688  8.987   0.493   1.00 25.02 ? 12  LEU A CD1 1 
ATOM   76   C  CD2 . LEU A 1 13  ? 10.274  9.072   2.510   1.00 21.90 ? 12  LEU A CD2 1 
ATOM   77   N  N   . PRO A 1 14  ? 13.704  6.372   4.766   1.00 16.56 ? 13  PRO A N   1 
ATOM   78   C  CA  . PRO A 1 14  ? 12.545  5.532   4.391   1.00 16.30 ? 13  PRO A CA  1 
ATOM   79   C  C   . PRO A 1 14  ? 11.616  5.152   5.530   1.00 16.60 ? 13  PRO A C   1 
ATOM   80   O  O   . PRO A 1 14  ? 10.613  4.460   5.297   1.00 17.01 ? 13  PRO A O   1 
ATOM   81   C  CB  . PRO A 1 14  ? 13.208  4.287   3.805   1.00 17.50 ? 13  PRO A CB  1 
ATOM   82   C  CG  . PRO A 1 14  ? 14.469  4.157   4.693   1.00 15.83 ? 13  PRO A CG  1 
ATOM   83   C  CD  . PRO A 1 14  ? 14.912  5.551   5.030   1.00 17.50 ? 13  PRO A CD  1 
ATOM   84   N  N   . ASN A 1 15  ? 11.935  5.555   6.761   1.00 15.82 ? 14  ASN A N   1 
ATOM   85   C  CA  . ASN A 1 15  ? 11.164  5.023   7.875   1.00 16.34 ? 14  ASN A CA  1 
ATOM   86   C  C   . ASN A 1 15  ? 10.001  5.884   8.277   1.00 16.55 ? 14  ASN A C   1 
ATOM   87   O  O   . ASN A 1 15  ? 9.184   5.440   9.081   1.00 17.03 ? 14  ASN A O   1 
ATOM   88   C  CB  . ASN A 1 15  ? 12.002  4.680   9.116   1.00 17.57 ? 14  ASN A CB  1 
ATOM   89   C  CG  . ASN A 1 15  ? 11.389  3.498   9.899   1.00 18.24 ? 14  ASN A CG  1 
ATOM   90   O  OD1 . ASN A 1 15  ? 10.986  2.471   9.299   1.00 18.94 ? 14  ASN A OD1 1 
ATOM   91   N  ND2 . ASN A 1 15  ? 11.352  3.618   11.225  1.00 21.68 ? 14  ASN A ND2 1 
ATOM   92   N  N   . ASP A 1 16  ? 9.962   7.125   7.785   1.00 15.94 ? 15  ASP A N   1 
ATOM   93   C  CA  . ASP A 1 16  ? 8.919   8.060   8.207   1.00 15.16 ? 15  ASP A CA  1 
ATOM   94   C  C   . ASP A 1 16  ? 8.341   8.607   6.911   1.00 15.69 ? 15  ASP A C   1 
ATOM   95   O  O   . ASP A 1 16  ? 8.950   9.482   6.284   1.00 15.79 ? 15  ASP A O   1 
ATOM   96   C  CB  . ASP A 1 16  ? 9.550   9.157   9.082   1.00 16.14 ? 15  ASP A CB  1 
ATOM   97   C  CG  . ASP A 1 16  ? 8.523   10.151  9.667   1.00 16.98 ? 15  ASP A CG  1 
ATOM   98   O  OD1 . ASP A 1 16  ? 7.320   10.101  9.344   1.00 16.54 ? 15  ASP A OD1 1 
ATOM   99   O  OD2 . ASP A 1 16  ? 8.958   11.029  10.465  1.00 18.87 ? 15  ASP A OD2 1 
ATOM   100  N  N   . ILE A 1 17  ? 7.207   8.030   6.480   1.00 13.20 ? 16  ILE A N   1 
ATOM   101  C  CA  . ILE A 1 17  ? 6.660   8.297   5.147   1.00 13.63 ? 16  ILE A CA  1 
ATOM   102  C  C   . ILE A 1 17  ? 5.244   8.875   5.246   1.00 13.48 ? 16  ILE A C   1 
ATOM   103  O  O   . ILE A 1 17  ? 4.632   8.791   6.308   1.00 14.41 ? 16  ILE A O   1 
ATOM   104  C  CB  . ILE A 1 17  ? 6.615   7.017   4.287   1.00 13.09 ? 16  ILE A CB  1 
ATOM   105  C  CG1 . ILE A 1 17  ? 5.698   5.950   4.922   1.00 13.22 ? 16  ILE A CG1 1 
ATOM   106  C  CG2 . ILE A 1 17  ? 8.063   6.464   4.076   1.00 14.63 ? 16  ILE A CG2 1 
ATOM   107  C  CD1 . ILE A 1 17  ? 5.448   4.683   4.050   1.00 13.31 ? 16  ILE A CD1 1 
ATOM   108  N  N   . TYR A 1 18  ? 4.761   9.404   4.124   1.00 13.12 ? 17  TYR A N   1 
ATOM   109  C  CA  . TYR A 1 18  ? 3.328   9.748   3.964   1.00 12.44 ? 17  TYR A CA  1 
ATOM   110  C  C   . TYR A 1 18  ? 2.709   8.843   2.921   1.00 12.72 ? 17  TYR A C   1 
ATOM   111  O  O   . TYR A 1 18  ? 3.281   8.682   1.846   1.00 14.39 ? 17  TYR A O   1 
ATOM   112  C  CB  . TYR A 1 18  ? 3.126   11.204  3.545   1.00 13.45 ? 17  TYR A CB  1 
ATOM   113  C  CG  . TYR A 1 18  ? 3.472   12.245  4.589   1.00 13.78 ? 17  TYR A CG  1 
ATOM   114  C  CD1 . TYR A 1 18  ? 2.750   12.348  5.785   1.00 16.55 ? 17  TYR A CD1 1 
ATOM   115  C  CD2 . TYR A 1 18  ? 4.508   13.163  4.341   1.00 16.21 ? 17  TYR A CD2 1 
ATOM   116  C  CE1 . TYR A 1 18  ? 3.059   13.332  6.729   1.00 14.42 ? 17  TYR A CE1 1 
ATOM   117  C  CE2 . TYR A 1 18  ? 4.834   14.167  5.271   1.00 17.13 ? 17  TYR A CE2 1 
ATOM   118  C  CZ  . TYR A 1 18  ? 4.076   14.251  6.450   1.00 18.25 ? 17  TYR A CZ  1 
ATOM   119  O  OH  . TYR A 1 18  ? 4.340   15.206  7.410   1.00 21.39 ? 17  TYR A OH  1 
ATOM   120  N  N   . VAL A 1 19  ? 1.567   8.234   3.259   1.00 11.84 ? 18  VAL A N   1 
ATOM   121  C  CA  . VAL A 1 19  ? 0.864   7.433   2.285   1.00 12.54 ? 18  VAL A CA  1 
ATOM   122  C  C   . VAL A 1 19  ? -0.438  8.153   1.937   1.00 14.33 ? 18  VAL A C   1 
ATOM   123  O  O   . VAL A 1 19  ? -1.205  8.479   2.866   1.00 14.60 ? 18  VAL A O   1 
ATOM   124  C  CB  . VAL A 1 19  ? 0.566   6.026   2.844   1.00 12.69 ? 18  VAL A CB  1 
ATOM   125  C  CG1 . VAL A 1 19  ? -0.176  5.213   1.781   1.00 13.70 ? 18  VAL A CG1 1 
ATOM   126  C  CG2 . VAL A 1 19  ? 1.898   5.313   3.209   1.00 12.45 ? 18  VAL A CG2 1 
ATOM   127  N  N   . ALA A 1 20  ? -0.658  8.427   0.644   1.00 13.46 ? 19  ALA A N   1 
ATOM   128  C  CA  . ALA A 1 20  ? -1.934  9.012   0.197   1.00 13.91 ? 19  ALA A CA  1 
ATOM   129  C  C   . ALA A 1 20  ? -2.850  7.812   -0.058  1.00 13.45 ? 19  ALA A C   1 
ATOM   130  O  O   . ALA A 1 20  ? -2.536  6.917   -0.853  1.00 13.32 ? 19  ALA A O   1 
ATOM   131  C  CB  . ALA A 1 20  ? -1.705  9.864   -1.041  1.00 15.46 ? 19  ALA A CB  1 
ATOM   132  N  N   . ILE A 1 21  ? -3.943  7.762   0.693   1.00 13.12 ? 20  ILE A N   1 
ATOM   133  C  CA  . ILE A 1 21  ? -4.834  6.598   0.620   1.00 13.74 ? 20  ILE A CA  1 
ATOM   134  C  C   . ILE A 1 21  ? -5.835  6.775   -0.509  1.00 13.06 ? 20  ILE A C   1 
ATOM   135  O  O   . ILE A 1 21  ? -6.483  7.832   -0.601  1.00 14.09 ? 20  ILE A O   1 
ATOM   136  C  CB  . ILE A 1 21  ? -5.594  6.380   1.977   1.00 13.34 ? 20  ILE A CB  1 
ATOM   137  C  CG1 . ILE A 1 21  ? -4.574  6.049   3.102   1.00 15.11 ? 20  ILE A CG1 1 
ATOM   138  C  CG2 . ILE A 1 21  ? -6.663  5.308   1.844   1.00 14.38 ? 20  ILE A CG2 1 
ATOM   139  C  CD1 . ILE A 1 21  ? -3.793  4.742   2.866   1.00 13.94 ? 20  ILE A CD1 1 
ATOM   140  N  N   . GLU A 1 22  ? -5.985  5.715   -1.302  1.00 12.66 ? 21  GLU A N   1 
ATOM   141  C  CA  . GLU A 1 22  ? -6.932  5.680   -2.428  1.00 11.59 ? 21  GLU A CA  1 
ATOM   142  C  C   . GLU A 1 22  ? -8.184  4.874   -2.069  1.00 12.15 ? 21  GLU A C   1 
ATOM   143  O  O   . GLU A 1 22  ? -9.309  5.232   -2.449  1.00 12.27 ? 21  GLU A O   1 
ATOM   144  C  CB  . GLU A 1 22  ? -6.271  5.033   -3.644  1.00 12.03 ? 21  GLU A CB  1 
ATOM   145  C  CG  . GLU A 1 22  ? -5.244  5.992   -4.261  1.00 12.31 ? 21  GLU A CG  1 
ATOM   146  C  CD  . GLU A 1 22  ? -4.343  5.314   -5.298  1.00 15.12 ? 21  GLU A CD  1 
ATOM   147  O  OE1 . GLU A 1 22  ? -3.911  4.160   -5.083  1.00 17.16 ? 21  GLU A OE1 1 
ATOM   148  O  OE2 . GLU A 1 22  ? -4.089  5.953   -6.342  1.00 15.79 ? 21  GLU A OE2 1 
ATOM   149  N  N   . ILE A 1 23  ? -7.963  3.746   -1.384  1.00 12.28 ? 22  ILE A N   1 
ATOM   150  C  CA  . ILE A 1 23  ? -9.049  2.836   -1.073  1.00 11.77 ? 22  ILE A CA  1 
ATOM   151  C  C   . ILE A 1 23  ? -9.028  2.456   0.437   1.00 12.50 ? 22  ILE A C   1 
ATOM   152  O  O   . ILE A 1 23  ? -8.023  1.908   0.913   1.00 13.43 ? 22  ILE A O   1 
ATOM   153  C  CB  . ILE A 1 23  ? -8.966  1.556   -1.907  1.00 12.22 ? 22  ILE A CB  1 
ATOM   154  C  CG1 . ILE A 1 23  ? -8.918  1.876   -3.407  1.00 13.60 ? 22  ILE A CG1 1 
ATOM   155  C  CG2 . ILE A 1 23  ? -10.198 0.685   -1.631  1.00 12.38 ? 22  ILE A CG2 1 
ATOM   156  C  CD1 . ILE A 1 23  ? -8.338  0.683   -4.217  1.00 14.93 ? 22  ILE A CD1 1 
ATOM   157  N  N   . PRO A 1 24  ? -10.109 2.740   1.161   1.00 12.21 ? 23  PRO A N   1 
ATOM   158  C  CA  . PRO A 1 24  ? -10.140 2.374   2.586   1.00 12.07 ? 23  PRO A CA  1 
ATOM   159  C  C   . PRO A 1 24  ? -10.203 0.851   2.784   1.00 12.15 ? 23  PRO A C   1 
ATOM   160  O  O   . PRO A 1 24  ? -10.668 0.104   1.889   1.00 13.01 ? 23  PRO A O   1 
ATOM   161  C  CB  . PRO A 1 24  ? -11.459 3.032   3.110   1.00 13.65 ? 23  PRO A CB  1 
ATOM   162  C  CG  . PRO A 1 24  ? -11.857 3.983   2.048   1.00 13.73 ? 23  PRO A CG  1 
ATOM   163  C  CD  . PRO A 1 24  ? -11.363 3.400   0.741   1.00 13.78 ? 23  PRO A CD  1 
ATOM   164  N  N   . ALA A 1 25  ? -9.731  0.386   3.951   1.00 11.88 ? 24  ALA A N   1 
ATOM   165  C  CA  . ALA A 1 25  ? -9.929  -0.994  4.347   1.00 11.32 ? 24  ALA A CA  1 
ATOM   166  C  C   . ALA A 1 25  ? -11.444 -1.242  4.410   1.00 11.82 ? 24  ALA A C   1 
ATOM   167  O  O   . ALA A 1 25  ? -12.207 -0.360  4.811   1.00 10.86 ? 24  ALA A O   1 
ATOM   168  C  CB  . ALA A 1 25  ? -9.340  -1.235  5.765   1.00 13.10 ? 24  ALA A CB  1 
ATOM   169  N  N   . ASN A 1 26  ? -11.850 -2.469  4.084   1.00 11.53 ? 25  ASN A N   1 
ATOM   170  C  CA  . ASN A 1 26  ? -13.217 -2.931  4.360   1.00 12.10 ? 25  ASN A CA  1 
ATOM   171  C  C   . ASN A 1 26  ? -14.299 -2.088  3.730   1.00 13.09 ? 25  ASN A C   1 
ATOM   172  O  O   . ASN A 1 26  ? -15.377 -1.886  4.328   1.00 14.99 ? 25  ASN A O   1 
ATOM   173  C  CB  . ASN A 1 26  ? -13.440 -3.032  5.875   1.00 12.89 ? 25  ASN A CB  1 
ATOM   174  C  CG  . ASN A 1 26  ? -12.789 -4.237  6.437   1.00 13.61 ? 25  ASN A CG  1 
ATOM   175  O  OD1 . ASN A 1 26  ? -13.376 -5.344  6.423   1.00 16.72 ? 25  ASN A OD1 1 
ATOM   176  N  ND2 . ASN A 1 26  ? -11.601 -4.069  6.930   1.00 14.50 ? 25  ASN A ND2 1 
ATOM   177  N  N   . ALA A 1 27  ? -14.003 -1.598  2.537   1.00 13.33 ? 26  ALA A N   1 
ATOM   178  C  CA  . ALA A 1 27  ? -14.891 -0.652  1.859   1.00 14.19 ? 26  ALA A CA  1 
ATOM   179  C  C   . ALA A 1 27  ? -15.683 -1.355  0.770   1.00 14.30 ? 26  ALA A C   1 
ATOM   180  O  O   . ALA A 1 27  ? -15.437 -2.522  0.432   1.00 15.31 ? 26  ALA A O   1 
ATOM   181  C  CB  . ALA A 1 27  ? -14.039 0.453   1.192   1.00 14.86 ? 26  ALA A CB  1 
ATOM   182  N  N   A SER A 1 28  ? -16.610 -0.609  0.175   0.50 13.82 ? 27  SER A N   1 
ATOM   183  N  N   B SER A 1 28  ? -16.624 -0.622  0.179   0.50 13.47 ? 27  SER A N   1 
ATOM   184  C  CA  A SER A 1 28  ? -17.316 -1.091  -1.024  0.50 13.50 ? 27  SER A CA  1 
ATOM   185  C  CA  B SER A 1 28  ? -17.328 -1.133  -1.012  0.50 12.62 ? 27  SER A CA  1 
ATOM   186  C  C   A SER A 1 28  ? -16.301 -1.290  -2.165  0.50 13.55 ? 27  SER A C   1 
ATOM   187  C  C   B SER A 1 28  ? -16.306 -1.308  -2.151  0.50 13.17 ? 27  SER A C   1 
ATOM   188  O  O   A SER A 1 28  ? -15.225 -0.702  -2.141  0.50 12.42 ? 27  SER A O   1 
ATOM   189  O  O   B SER A 1 28  ? -15.233 -0.713  -2.118  0.50 12.00 ? 27  SER A O   1 
ATOM   190  C  CB  A SER A 1 28  ? -18.394 -0.091  -1.408  0.50 14.33 ? 27  SER A CB  1 
ATOM   191  C  CB  B SER A 1 28  ? -18.420 -0.164  -1.423  0.50 13.40 ? 27  SER A CB  1 
ATOM   192  O  OG  A SER A 1 28  ? -19.398 -0.060  -0.406  0.50 15.32 ? 27  SER A OG  1 
ATOM   193  O  OG  B SER A 1 28  ? -17.856 1.057   -1.839  0.50 11.10 ? 27  SER A OG  1 
ATOM   194  N  N   . PRO A 1 29  ? -16.613 -2.167  -3.136  1.00 13.17 ? 28  PRO A N   1 
ATOM   195  C  CA  . PRO A 1 29  ? -15.620 -2.513  -4.160  1.00 13.39 ? 28  PRO A CA  1 
ATOM   196  C  C   . PRO A 1 29  ? -15.404 -1.455  -5.242  1.00 14.60 ? 28  PRO A C   1 
ATOM   197  O  O   . PRO A 1 29  ? -15.467 -1.754  -6.446  1.00 16.06 ? 28  PRO A O   1 
ATOM   198  C  CB  . PRO A 1 29  ? -16.178 -3.839  -4.767  1.00 15.18 ? 28  PRO A CB  1 
ATOM   199  C  CG  . PRO A 1 29  ? -17.511 -3.916  -4.370  1.00 15.35 ? 28  PRO A CG  1 
ATOM   200  C  CD  . PRO A 1 29  ? -17.853 -2.957  -3.273  1.00 14.44 ? 28  PRO A CD  1 
ATOM   201  N  N   . ILE A 1 30  ? -15.138 -0.224  -4.810  1.00 12.57 ? 29  ILE A N   1 
ATOM   202  C  CA  . ILE A 1 30  ? -14.783 0.854   -5.750  1.00 12.50 ? 29  ILE A CA  1 
ATOM   203  C  C   . ILE A 1 30  ? -13.289 1.031   -5.681  1.00 12.65 ? 29  ILE A C   1 
ATOM   204  O  O   . ILE A 1 30  ? -12.719 1.373   -4.615  1.00 13.10 ? 29  ILE A O   1 
ATOM   205  C  CB  . ILE A 1 30  ? -15.483 2.155   -5.370  1.00 12.06 ? 29  ILE A CB  1 
ATOM   206  C  CG1 . ILE A 1 30  ? -16.990 1.929   -5.297  1.00 13.63 ? 29  ILE A CG1 1 
ATOM   207  C  CG2 . ILE A 1 30  ? -15.111 3.254   -6.409  1.00 13.65 ? 29  ILE A CG2 1 
ATOM   208  C  CD1 . ILE A 1 30  ? -17.747 3.113   -4.697  1.00 19.95 ? 29  ILE A CD1 1 
ATOM   209  N  N   . LYS A 1 31  ? -12.641 0.779   -6.815  1.00 12.15 ? 30  LYS A N   1 
ATOM   210  C  CA  . LYS A 1 31  ? -11.197 0.900   -6.900  1.00 14.45 ? 30  LYS A CA  1 
ATOM   211  C  C   . LYS A 1 31  ? -10.894 2.323   -7.352  1.00 13.92 ? 30  LYS A C   1 
ATOM   212  O  O   . LYS A 1 31  ? -10.775 2.599   -8.550  1.00 15.26 ? 30  LYS A O   1 
ATOM   213  C  CB  . LYS A 1 31  ? -10.594 -0.137  -7.854  1.00 14.96 ? 30  LYS A CB  1 
ATOM   214  C  CG  . LYS A 1 31  ? -9.047  -0.227  -7.740  1.00 19.56 ? 30  LYS A CG  1 
ATOM   215  C  CD  . LYS A 1 31  ? -8.397  -1.094  -8.794  1.00 25.28 ? 30  LYS A CD  1 
ATOM   216  C  CE  . LYS A 1 31  ? -6.868  -1.254  -8.501  1.00 28.35 ? 30  LYS A CE  1 
ATOM   217  N  NZ  . LYS A 1 31  ? -6.094  0.060   -8.551  1.00 29.97 ? 30  LYS A NZ  1 
ATOM   218  N  N   . TYR A 1 32  ? -10.728 3.221   -6.375  1.00 13.75 ? 31  TYR A N   1 
ATOM   219  C  CA  . TYR A 1 32  ? -10.266 4.602   -6.652  1.00 12.67 ? 31  TYR A CA  1 
ATOM   220  C  C   . TYR A 1 32  ? -8.784  4.634   -6.996  1.00 14.09 ? 31  TYR A C   1 
ATOM   221  O  O   . TYR A 1 32  ? -8.002  3.796   -6.506  1.00 14.63 ? 31  TYR A O   1 
ATOM   222  C  CB  . TYR A 1 32  ? -10.474 5.523   -5.442  1.00 12.80 ? 31  TYR A CB  1 
ATOM   223  C  CG  . TYR A 1 32  ? -11.920 5.749   -5.080  1.00 12.23 ? 31  TYR A CG  1 
ATOM   224  C  CD1 . TYR A 1 32  ? -12.775 6.504   -5.916  1.00 12.22 ? 31  TYR A CD1 1 
ATOM   225  C  CD2 . TYR A 1 32  ? -12.444 5.204   -3.930  1.00 13.25 ? 31  TYR A CD2 1 
ATOM   226  C  CE1 . TYR A 1 32  ? -14.135 6.714   -5.566  1.00 13.53 ? 31  TYR A CE1 1 
ATOM   227  C  CE2 . TYR A 1 32  ? -13.798 5.418   -3.558  1.00 12.61 ? 31  TYR A CE2 1 
ATOM   228  C  CZ  . TYR A 1 32  ? -14.635 6.160   -4.386  1.00 14.21 ? 31  TYR A CZ  1 
ATOM   229  O  OH  . TYR A 1 32  ? -15.952 6.358   -4.016  1.00 13.90 ? 31  TYR A OH  1 
ATOM   230  N  N   . GLU A 1 33  ? -8.395  5.627   -7.789  1.00 15.56 ? 32  GLU A N   1 
ATOM   231  C  CA  . GLU A 1 33  ? -6.976  5.920   -7.986  1.00 17.37 ? 32  GLU A CA  1 
ATOM   232  C  C   . GLU A 1 33  ? -6.788  7.431   -8.037  1.00 18.79 ? 32  GLU A C   1 
ATOM   233  O  O   . GLU A 1 33  ? -7.594  8.165   -8.670  1.00 19.62 ? 32  GLU A O   1 
ATOM   234  C  CB  . GLU A 1 33  ? -6.404  5.251   -9.243  1.00 18.71 ? 32  GLU A CB  1 
ATOM   235  C  CG  . GLU A 1 33  ? -6.862  5.871   -10.555 1.00 24.16 ? 32  GLU A CG  1 
ATOM   236  C  CD  . GLU A 1 33  ? -6.048  5.386   -11.762 1.00 32.16 ? 32  GLU A CD  1 
ATOM   237  O  OE1 . GLU A 1 33  ? -6.296  5.914   -12.882 1.00 32.01 ? 32  GLU A OE1 1 
ATOM   238  O  OE2 . GLU A 1 33  ? -5.186  4.478   -11.580 1.00 33.58 ? 32  GLU A OE2 1 
ATOM   239  N  N   . ILE A 1 34  ? -5.732  7.924   -7.406  1.00 19.69 ? 33  ILE A N   1 
ATOM   240  C  CA  . ILE A 1 34  ? -5.492  9.347   -7.528  1.00 21.90 ? 33  ILE A CA  1 
ATOM   241  C  C   . ILE A 1 34  ? -4.752  9.601   -8.846  1.00 24.28 ? 33  ILE A C   1 
ATOM   242  O  O   . ILE A 1 34  ? -3.702  9.001   -9.104  1.00 23.58 ? 33  ILE A O   1 
ATOM   243  C  CB  . ILE A 1 34  ? -4.814  9.946   -6.262  1.00 22.28 ? 33  ILE A CB  1 
ATOM   244  C  CG1 . ILE A 1 34  ? -5.821  9.960   -5.107  1.00 23.93 ? 33  ILE A CG1 1 
ATOM   245  C  CG2 . ILE A 1 34  ? -4.261  11.354  -6.562  1.00 23.81 ? 33  ILE A CG2 1 
ATOM   246  C  CD1 . ILE A 1 34  ? -5.193  10.069  -3.675  1.00 25.58 ? 33  ILE A CD1 1 
ATOM   247  N  N   . ASP A 1 35  ? -5.369  10.424  -9.701  1.00 25.46 ? 34  ASP A N   1 
ATOM   248  C  CA  . ASP A 1 35  ? -4.791  10.813  -10.979 1.00 28.34 ? 34  ASP A CA  1 
ATOM   249  C  C   . ASP A 1 35  ? -3.905  12.053  -10.807 1.00 28.72 ? 34  ASP A C   1 
ATOM   250  O  O   . ASP A 1 35  ? -4.411  13.148  -10.511 1.00 29.86 ? 34  ASP A O   1 
ATOM   251  C  CB  . ASP A 1 35  ? -5.893  11.047  -12.017 1.00 28.56 ? 34  ASP A CB  1 
ATOM   252  C  CG  . ASP A 1 35  ? -5.341  11.252  -13.423 1.00 31.41 ? 34  ASP A CG  1 
ATOM   253  O  OD1 . ASP A 1 35  ? -5.246  10.266  -14.189 1.00 35.49 ? 34  ASP A OD1 1 
ATOM   254  O  OD2 . ASP A 1 35  ? -4.974  12.395  -13.758 1.00 35.35 ? 34  ASP A OD2 1 
HETATM 255  N  N   . MSE A 1 38  ? -4.394  15.354  -13.335 1.00 35.43 ? 37  MSE A N   1 
HETATM 256  C  CA  . MSE A 1 38  ? -5.756  15.810  -13.061 1.00 35.54 ? 37  MSE A CA  1 
HETATM 257  C  C   . MSE A 1 38  ? -5.961  16.255  -11.601 1.00 35.06 ? 37  MSE A C   1 
HETATM 258  O  O   . MSE A 1 38  ? -6.882  17.047  -11.327 1.00 35.84 ? 37  MSE A O   1 
HETATM 259  C  CB  . MSE A 1 38  ? -6.774  14.726  -13.474 1.00 35.78 ? 37  MSE A CB  1 
HETATM 260  C  CG  . MSE A 1 38  ? -8.238  15.160  -13.565 1.00 34.99 ? 37  MSE A CG  1 
HETATM 261  SE SE  . MSE A 1 38  ? -9.460  13.618  -13.797 1.00 34.94 ? 37  MSE A SE  1 
HETATM 262  C  CE  . MSE A 1 38  ? -8.642  12.943  -15.444 1.00 22.87 ? 37  MSE A CE  1 
ATOM   263  N  N   . ASP A 1 39  ? -5.092  15.783  -10.692 1.00 34.68 ? 38  ASP A N   1 
ATOM   264  C  CA  A ASP A 1 39  ? -5.211  16.180  -9.271  0.50 33.70 ? 38  ASP A CA  1 
ATOM   265  C  CA  B ASP A 1 39  ? -5.174  15.985  -9.239  0.50 33.81 ? 38  ASP A CA  1 
ATOM   266  C  C   . ASP A 1 39  ? -6.580  15.727  -8.738  1.00 32.92 ? 38  ASP A C   1 
ATOM   267  O  O   . ASP A 1 39  ? -7.274  16.543  -8.095  1.00 33.72 ? 38  ASP A O   1 
ATOM   268  C  CB  A ASP A 1 39  ? -5.060  17.728  -9.152  0.50 34.00 ? 38  ASP A CB  1 
ATOM   269  C  CB  B ASP A 1 39  ? -4.527  17.293  -8.788  0.50 34.46 ? 38  ASP A CB  1 
ATOM   270  C  CG  A ASP A 1 39  ? -4.906  18.234  -7.705  0.50 34.56 ? 38  ASP A CG  1 
ATOM   271  C  CG  B ASP A 1 39  ? -3.022  17.156  -8.651  0.50 35.00 ? 38  ASP A CG  1 
ATOM   272  O  OD1 A ASP A 1 39  ? -5.885  18.205  -6.924  0.50 35.55 ? 38  ASP A OD1 1 
ATOM   273  O  OD1 B ASP A 1 39  ? -2.566  16.512  -7.683  0.50 35.98 ? 38  ASP A OD1 1 
ATOM   274  O  OD2 A ASP A 1 39  ? -3.807  18.714  -7.364  0.50 32.75 ? 38  ASP A OD2 1 
ATOM   275  O  OD2 B ASP A 1 39  ? -2.295  17.661  -9.519  0.50 35.76 ? 38  ASP A OD2 1 
ATOM   276  N  N   . ALA A 1 40  ? -6.980  14.489  -9.035  1.00 29.90 ? 39  ALA A N   1 
ATOM   277  C  CA  . ALA A 1 40  ? -8.320  14.064  -8.742  1.00 25.97 ? 39  ALA A CA  1 
ATOM   278  C  C   . ALA A 1 40  ? -8.414  12.617  -8.313  1.00 22.17 ? 39  ALA A C   1 
ATOM   279  O  O   . ALA A 1 40  ? -7.611  11.782  -8.707  1.00 21.82 ? 39  ALA A O   1 
ATOM   280  C  CB  . ALA A 1 40  ? -9.216  14.310  -9.945  1.00 25.55 ? 39  ALA A CB  1 
ATOM   281  N  N   . LEU A 1 41  ? -9.428  12.355  -7.500  1.00 19.68 ? 40  LEU A N   1 
ATOM   282  C  CA  . LEU A 1 41  ? -9.771  11.001  -7.111  1.00 17.13 ? 40  LEU A CA  1 
ATOM   283  C  C   . LEU A 1 41  ? -10.679 10.438  -8.198  1.00 15.81 ? 40  LEU A C   1 
ATOM   284  O  O   . LEU A 1 41  ? -11.861 10.799  -8.266  1.00 15.33 ? 40  LEU A O   1 
ATOM   285  C  CB  . LEU A 1 41  ? -10.522 11.014  -5.797  1.00 17.83 ? 40  LEU A CB  1 
ATOM   286  C  CG  . LEU A 1 41  ? -10.788 9.683   -5.106  1.00 19.09 ? 40  LEU A CG  1 
ATOM   287  C  CD1 . LEU A 1 41  ? -9.480  9.046   -4.578  1.00 18.91 ? 40  LEU A CD1 1 
ATOM   288  C  CD2 . LEU A 1 41  ? -11.762 9.969   -3.998  1.00 20.00 ? 40  LEU A CD2 1 
ATOM   289  N  N   A LEU A 1 42  ? -10.124 9.534   -8.992  0.50 15.24 ? 41  LEU A N   1 
ATOM   290  N  N   B LEU A 1 42  ? -10.153 9.515   -8.991  0.50 15.17 ? 41  LEU A N   1 
ATOM   291  C  CA  A LEU A 1 42  ? -10.826 8.915   -10.103 0.50 15.42 ? 41  LEU A CA  1 
ATOM   292  C  CA  B LEU A 1 42  ? -10.910 8.948   -10.105 0.50 15.37 ? 41  LEU A CA  1 
ATOM   293  C  C   A LEU A 1 42  ? -11.387 7.578   -9.635  0.50 15.21 ? 41  LEU A C   1 
ATOM   294  C  C   B LEU A 1 42  ? -11.252 7.498   -9.856  0.50 15.01 ? 41  LEU A C   1 
ATOM   295  O  O   A LEU A 1 42  ? -10.865 6.982   -8.685  0.50 14.38 ? 41  LEU A O   1 
ATOM   296  O  O   B LEU A 1 42  ? -10.439 6.733   -9.300  0.50 14.10 ? 41  LEU A O   1 
ATOM   297  C  CB  A LEU A 1 42  ? -9.836  8.659   -11.256 0.50 15.95 ? 41  LEU A CB  1 
ATOM   298  C  CB  B LEU A 1 42  ? -10.115 9.030   -11.409 0.50 15.84 ? 41  LEU A CB  1 
ATOM   299  C  CG  A LEU A 1 42  ? -9.716  9.515   -12.516 0.50 17.28 ? 41  LEU A CG  1 
ATOM   300  C  CG  B LEU A 1 42  ? -10.399 10.159  -12.394 0.50 18.29 ? 41  LEU A CG  1 
ATOM   301  C  CD1 A LEU A 1 42  ? -8.678  8.912   -13.436 0.50 16.12 ? 41  LEU A CD1 1 
ATOM   302  C  CD1 B LEU A 1 42  ? -9.638  11.316  -11.895 0.50 17.65 ? 41  LEU A CD1 1 
ATOM   303  C  CD2 A LEU A 1 42  ? -11.060 9.637   -13.227 0.50 15.46 ? 41  LEU A CD2 1 
ATOM   304  C  CD2 B LEU A 1 42  ? -9.896  9.731   -13.744 0.50 18.67 ? 41  LEU A CD2 1 
ATOM   305  N  N   . VAL A 1 43  ? -12.447 7.103   -10.285 1.00 14.14 ? 42  VAL A N   1 
ATOM   306  C  CA  . VAL A 1 43  ? -12.868 5.704   -10.153 1.00 14.64 ? 42  VAL A CA  1 
ATOM   307  C  C   . VAL A 1 43  ? -12.139 4.920   -11.258 1.00 15.47 ? 42  VAL A C   1 
ATOM   308  O  O   . VAL A 1 43  ? -12.439 5.092   -12.461 1.00 16.77 ? 42  VAL A O   1 
ATOM   309  C  CB  . VAL A 1 43  ? -14.405 5.535   -10.300 1.00 14.58 ? 42  VAL A CB  1 
ATOM   310  C  CG1 . VAL A 1 43  ? -14.783 4.047   -10.362 1.00 16.25 ? 42  VAL A CG1 1 
ATOM   311  C  CG2 . VAL A 1 43  ? -15.131 6.261   -9.162  1.00 15.62 ? 42  VAL A CG2 1 
ATOM   312  N  N   . ASP A 1 44  ? -11.192 4.064   -10.882 1.00 14.55 ? 43  ASP A N   1 
ATOM   313  C  CA  . ASP A 1 44  ? -10.464 3.298   -11.914 1.00 14.74 ? 43  ASP A CA  1 
ATOM   314  C  C   . ASP A 1 44  ? -11.297 2.130   -12.402 1.00 14.10 ? 43  ASP A C   1 
ATOM   315  O  O   . ASP A 1 44  ? -11.336 1.831   -13.599 1.00 14.16 ? 43  ASP A O   1 
ATOM   316  C  CB  . ASP A 1 44  ? -9.108  2.752   -11.447 1.00 17.12 ? 43  ASP A CB  1 
ATOM   317  C  CG  . ASP A 1 44  ? -8.343  2.108   -12.602 1.00 19.46 ? 43  ASP A CG  1 
ATOM   318  O  OD1 . ASP A 1 44  ? -8.068  2.801   -13.605 1.00 28.37 ? 43  ASP A OD1 1 
ATOM   319  O  OD2 . ASP A 1 44  ? -8.083  0.897   -12.553 1.00 28.53 ? 43  ASP A OD2 1 
ATOM   320  N  N   . ARG A 1 45  ? -11.931 1.461   -11.429 1.00 13.22 ? 44  ARG A N   1 
ATOM   321  C  CA  . ARG A 1 45  ? -12.893 0.424   -11.743 1.00 12.99 ? 44  ARG A CA  1 
ATOM   322  C  C   . ARG A 1 45  ? -13.814 0.091   -10.587 1.00 12.87 ? 44  ARG A C   1 
ATOM   323  O  O   . ARG A 1 45  ? -13.520 0.413   -9.418  1.00 13.49 ? 44  ARG A O   1 
ATOM   324  C  CB  . ARG A 1 45  ? -12.200 -0.831  -12.293 1.00 15.11 ? 44  ARG A CB  1 
ATOM   325  C  CG  . ARG A 1 45  ? -11.339 -1.549  -11.319 1.00 16.72 ? 44  ARG A CG  1 
ATOM   326  C  CD  . ARG A 1 45  ? -10.820 -2.844  -12.030 1.00 21.12 ? 44  ARG A CD  1 
ATOM   327  N  NE  . ARG A 1 45  ? -9.854  -3.598  -11.237 1.00 27.32 ? 44  ARG A NE  1 
ATOM   328  C  CZ  . ARG A 1 45  ? -8.541  -3.361  -11.217 1.00 29.62 ? 44  ARG A CZ  1 
ATOM   329  N  NH1 . ARG A 1 45  ? -8.022  -2.372  -11.942 1.00 32.23 ? 44  ARG A NH1 1 
ATOM   330  N  NH2 . ARG A 1 45  ? -7.739  -4.102  -10.469 1.00 30.05 ? 44  ARG A NH2 1 
ATOM   331  N  N   . PHE A 1 46  ? -14.937 -0.510  -10.910 1.00 12.19 ? 45  PHE A N   1 
ATOM   332  C  CA  . PHE A 1 46  ? -15.703 -1.219  -9.890  1.00 13.03 ? 45  PHE A CA  1 
ATOM   333  C  C   . PHE A 1 46  ? -15.159 -2.652  -9.909  1.00 13.39 ? 45  PHE A C   1 
ATOM   334  O  O   . PHE A 1 46  ? -15.228 -3.347  -10.932 1.00 13.78 ? 45  PHE A O   1 
ATOM   335  C  CB  . PHE A 1 46  ? -17.210 -1.123  -10.153 1.00 13.74 ? 45  PHE A CB  1 
ATOM   336  C  CG  . PHE A 1 46  ? -17.712 0.292   -10.123 1.00 12.64 ? 45  PHE A CG  1 
ATOM   337  C  CD1 . PHE A 1 46  ? -17.767 1.059   -11.295 1.00 12.45 ? 45  PHE A CD1 1 
ATOM   338  C  CD2 . PHE A 1 46  ? -18.058 0.881   -8.913  1.00 12.96 ? 45  PHE A CD2 1 
ATOM   339  C  CE1 . PHE A 1 46  ? -18.198 2.405   -11.233 1.00 13.57 ? 45  PHE A CE1 1 
ATOM   340  C  CE2 . PHE A 1 46  ? -18.481 2.198   -8.835  1.00 11.88 ? 45  PHE A CE2 1 
ATOM   341  C  CZ  . PHE A 1 46  ? -18.545 2.979   -10.024 1.00 10.55 ? 45  PHE A CZ  1 
HETATM 342  N  N   A MSE A 1 47  ? -14.511 -3.065  -8.811  0.50 13.64 ? 46  MSE A N   1 
HETATM 343  N  N   B MSE A 1 47  ? -14.644 -3.094  -8.764  0.50 14.44 ? 46  MSE A N   1 
HETATM 344  C  CA  A MSE A 1 47  ? -13.878 -4.392  -8.765  0.50 13.03 ? 46  MSE A CA  1 
HETATM 345  C  CA  B MSE A 1 47  ? -14.055 -4.424  -8.686  0.50 14.54 ? 46  MSE A CA  1 
HETATM 346  C  C   A MSE A 1 47  ? -14.924 -5.503  -8.967  0.50 13.09 ? 46  MSE A C   1 
HETATM 347  C  C   B MSE A 1 47  ? -15.063 -5.496  -9.043  0.50 13.98 ? 46  MSE A C   1 
HETATM 348  O  O   A MSE A 1 47  ? -15.985 -5.497  -8.330  0.50 12.67 ? 46  MSE A O   1 
HETATM 349  O  O   B MSE A 1 47  ? -16.230 -5.467  -8.602  0.50 12.84 ? 46  MSE A O   1 
HETATM 350  C  CB  A MSE A 1 47  ? -13.087 -4.561  -7.439  0.50 12.97 ? 46  MSE A CB  1 
HETATM 351  C  CB  B MSE A 1 47  ? -13.464 -4.656  -7.292  0.50 15.58 ? 46  MSE A CB  1 
HETATM 352  C  CG  A MSE A 1 47  ? -12.544 -5.954  -7.158  0.50 13.25 ? 46  MSE A CG  1 
HETATM 353  C  CG  B MSE A 1 47  ? -12.386 -3.672  -7.000  0.50 19.46 ? 46  MSE A CG  1 
HETATM 354  SE SE  A MSE A 1 47  ? -11.321 -5.895  -5.616  0.50 17.18 ? 46  MSE A SE  1 
HETATM 355  SE SE  B MSE A 1 47  ? -12.389 -3.349  -5.081  0.50 33.92 ? 46  MSE A SE  1 
HETATM 356  C  CE  A MSE A 1 47  ? -12.360 -4.572  -4.640  0.50 7.95  ? 46  MSE A CE  1 
HETATM 357  C  CE  B MSE A 1 47  ? -12.172 -5.177  -4.443  0.50 29.85 ? 46  MSE A CE  1 
ATOM   358  N  N   . ALA A 1 48  ? -14.634 -6.425  -9.892  1.00 13.13 ? 47  ALA A N   1 
ATOM   359  C  CA  . ALA A 1 48  ? -15.547 -7.507  -10.286 1.00 12.67 ? 47  ALA A CA  1 
ATOM   360  C  C   . ALA A 1 48  ? -15.661 -8.621  -9.249  1.00 12.98 ? 47  ALA A C   1 
ATOM   361  O  O   . ALA A 1 48  ? -16.714 -9.259  -9.124  1.00 13.46 ? 47  ALA A O   1 
ATOM   362  C  CB  . ALA A 1 48  ? -15.142 -8.074  -11.639 1.00 14.33 ? 47  ALA A CB  1 
ATOM   363  N  N   . THR A 1 49  ? -14.582 -8.877  -8.528  1.00 11.61 ? 48  THR A N   1 
ATOM   364  C  CA  . THR A 1 49  ? -14.617 -10.005 -7.575  1.00 12.56 ? 48  THR A CA  1 
ATOM   365  C  C   . THR A 1 49  ? -15.226 -9.508  -6.243  1.00 11.72 ? 48  THR A C   1 
ATOM   366  O  O   . THR A 1 49  ? -15.039 -8.322  -5.898  1.00 11.78 ? 48  THR A O   1 
ATOM   367  C  CB  . THR A 1 49  ? -13.223 -10.535 -7.288  1.00 15.22 ? 48  THR A CB  1 
ATOM   368  O  OG1 . THR A 1 49  ? -12.414 -9.450  -6.829  1.00 16.87 ? 48  THR A OG1 1 
ATOM   369  C  CG2 . THR A 1 49  ? -12.613 -11.049 -8.581  1.00 17.54 ? 48  THR A CG2 1 
ATOM   370  N  N   . PRO A 1 50  ? -15.952 -10.382 -5.515  1.00 11.46 ? 49  PRO A N   1 
ATOM   371  C  CA  . PRO A 1 50  ? -16.643 -9.949  -4.292  1.00 11.50 ? 49  PRO A CA  1 
ATOM   372  C  C   . PRO A 1 50  ? -15.690 -9.964  -3.086  1.00 10.32 ? 49  PRO A C   1 
ATOM   373  O  O   . PRO A 1 50  ? -15.820 -10.817 -2.173  1.00 12.35 ? 49  PRO A O   1 
ATOM   374  C  CB  . PRO A 1 50  ? -17.787 -10.960 -4.155  1.00 11.80 ? 49  PRO A CB  1 
ATOM   375  C  CG  . PRO A 1 50  ? -17.189 -12.251 -4.742  1.00 10.54 ? 49  PRO A CG  1 
ATOM   376  C  CD  . PRO A 1 50  ? -16.369 -11.751 -5.905  1.00 11.61 ? 49  PRO A CD  1 
HETATM 377  N  N   . MSE A 1 51  ? -14.766 -8.996  -3.101  1.00 11.11 ? 50  MSE A N   1 
HETATM 378  C  CA  . MSE A 1 51  ? -13.682 -8.927  -2.113  1.00 9.56  ? 50  MSE A CA  1 
HETATM 379  C  C   . MSE A 1 51  ? -13.530 -7.520  -1.578  1.00 11.54 ? 50  MSE A C   1 
HETATM 380  O  O   . MSE A 1 51  ? -14.126 -6.579  -2.130  1.00 12.40 ? 50  MSE A O   1 
HETATM 381  C  CB  . MSE A 1 51  ? -12.375 -9.448  -2.712  1.00 11.41 ? 50  MSE A CB  1 
HETATM 382  C  CG  . MSE A 1 51  ? -12.591 -10.835 -3.269  1.00 11.26 ? 50  MSE A CG  1 
HETATM 383  SE SE  . MSE A 1 51  ? -10.892 -11.626 -3.781  1.00 17.01 ? 50  MSE A SE  1 
HETATM 384  C  CE  . MSE A 1 51  ? -10.246 -12.095 -1.970  1.00 11.37 ? 50  MSE A CE  1 
ATOM   385  N  N   . PHE A 1 52  ? -12.797 -7.386  -0.477  1.00 10.92 ? 51  PHE A N   1 
ATOM   386  C  CA  . PHE A 1 52  ? -12.452 -6.033  0.046   1.00 10.20 ? 51  PHE A CA  1 
ATOM   387  C  C   . PHE A 1 52  ? -10.973 -5.986  0.444   1.00 10.88 ? 51  PHE A C   1 
ATOM   388  O  O   . PHE A 1 52  ? -10.354 -7.020  0.709   1.00 11.40 ? 51  PHE A O   1 
ATOM   389  C  CB  . PHE A 1 52  ? -13.369 -5.673  1.232   1.00 11.14 ? 51  PHE A CB  1 
ATOM   390  C  CG  . PHE A 1 52  ? -13.226 -6.600  2.390   1.00 11.47 ? 51  PHE A CG  1 
ATOM   391  C  CD1 . PHE A 1 52  ? -12.169 -6.445  3.294   1.00 12.40 ? 51  PHE A CD1 1 
ATOM   392  C  CD2 . PHE A 1 52  ? -14.158 -7.616  2.579   1.00 14.14 ? 51  PHE A CD2 1 
ATOM   393  C  CE1 . PHE A 1 52  ? -12.043 -7.331  4.393   1.00 13.38 ? 51  PHE A CE1 1 
ATOM   394  C  CE2 . PHE A 1 52  ? -14.054 -8.508  3.651   1.00 12.27 ? 51  PHE A CE2 1 
ATOM   395  C  CZ  . PHE A 1 52  ? -12.976 -8.353  4.572   1.00 12.16 ? 51  PHE A CZ  1 
ATOM   396  N  N   . TYR A 1 53  ? -10.396 -4.773  0.470   1.00 11.53 ? 52  TYR A N   1 
ATOM   397  C  CA  . TYR A 1 53  ? -8.981  -4.631  0.880   1.00 11.75 ? 52  TYR A CA  1 
ATOM   398  C  C   . TYR A 1 53  ? -8.862  -4.830  2.394   1.00 12.31 ? 52  TYR A C   1 
ATOM   399  O  O   . TYR A 1 53  ? -9.578  -4.177  3.173   1.00 11.79 ? 52  TYR A O   1 
ATOM   400  C  CB  . TYR A 1 53  ? -8.418  -3.232  0.550   1.00 13.35 ? 52  TYR A CB  1 
ATOM   401  C  CG  . TYR A 1 53  ? -8.116  -3.063  -0.925  1.00 12.17 ? 52  TYR A CG  1 
ATOM   402  C  CD1 . TYR A 1 53  ? -9.146  -2.884  -1.857  1.00 12.82 ? 52  TYR A CD1 1 
ATOM   403  C  CD2 . TYR A 1 53  ? -6.804  -3.122  -1.386  1.00 12.50 ? 52  TYR A CD2 1 
ATOM   404  C  CE1 . TYR A 1 53  ? -8.865  -2.746  -3.216  1.00 13.70 ? 52  TYR A CE1 1 
ATOM   405  C  CE2 . TYR A 1 53  ? -6.505  -2.950  -2.768  1.00 12.75 ? 52  TYR A CE2 1 
ATOM   406  C  CZ  . TYR A 1 53  ? -7.559  -2.781  -3.678  1.00 12.56 ? 52  TYR A CZ  1 
ATOM   407  O  OH  . TYR A 1 53  ? -7.321  -2.614  -5.034  1.00 16.13 ? 52  TYR A OH  1 
ATOM   408  N  N   . PRO A 1 54  ? -7.988  -5.762  2.839   1.00 11.98 ? 53  PRO A N   1 
ATOM   409  C  CA  . PRO A 1 54  ? -7.869  -5.975  4.291   1.00 12.35 ? 53  PRO A CA  1 
ATOM   410  C  C   . PRO A 1 54  ? -7.282  -4.784  5.057   1.00 11.50 ? 53  PRO A C   1 
ATOM   411  O  O   . PRO A 1 54  ? -7.427  -4.713  6.285   1.00 12.36 ? 53  PRO A O   1 
ATOM   412  C  CB  . PRO A 1 54  ? -6.951  -7.195  4.418   1.00 11.41 ? 53  PRO A CB  1 
ATOM   413  C  CG  . PRO A 1 54  ? -7.158  -7.916  3.085   1.00 12.91 ? 53  PRO A CG  1 
ATOM   414  C  CD  . PRO A 1 54  ? -7.262  -6.777  2.051   1.00 12.50 ? 53  PRO A CD  1 
ATOM   415  N  N   . ALA A 1 55  ? -6.583  -3.890  4.346   1.00 11.69 ? 54  ALA A N   1 
ATOM   416  C  CA  . ALA A 1 55  ? -6.005  -2.687  4.986   1.00 11.35 ? 54  ALA A CA  1 
ATOM   417  C  C   . ALA A 1 55  ? -6.142  -1.561  3.990   1.00 11.32 ? 54  ALA A C   1 
ATOM   418  O  O   . ALA A 1 55  ? -6.415  -1.811  2.813   1.00 12.82 ? 54  ALA A O   1 
ATOM   419  C  CB  . ALA A 1 55  ? -4.488  -2.914  5.373   1.00 11.95 ? 54  ALA A CB  1 
ATOM   420  N  N   . ASN A 1 56  ? -6.024  -0.320  4.477   1.00 10.88 ? 55  ASN A N   1 
ATOM   421  C  CA  . ASN A 1 56  ? -6.118  0.827   3.543   1.00 10.68 ? 55  ASN A CA  1 
ATOM   422  C  C   . ASN A 1 56  ? -5.040  0.740   2.475   1.00 10.97 ? 55  ASN A C   1 
ATOM   423  O  O   . ASN A 1 56  ? -3.945  0.357   2.770   1.00 11.68 ? 55  ASN A O   1 
ATOM   424  C  CB  . ASN A 1 56  ? -5.974  2.144   4.306   1.00 11.47 ? 55  ASN A CB  1 
ATOM   425  C  CG  . ASN A 1 56  ? -6.913  2.221   5.484   1.00 10.39 ? 55  ASN A CG  1 
ATOM   426  O  OD1 . ASN A 1 56  ? -8.141  2.491   5.354   1.00 10.54 ? 55  ASN A OD1 1 
ATOM   427  N  ND2 . ASN A 1 56  ? -6.351  1.927   6.677   1.00 11.24 ? 55  ASN A ND2 1 
ATOM   428  N  N   . TYR A 1 57  ? -5.371  1.197   1.267   1.00 11.42 ? 56  TYR A N   1 
ATOM   429  C  CA  . TYR A 1 57  ? -4.440  1.030   0.128   1.00 11.34 ? 56  TYR A CA  1 
ATOM   430  C  C   . TYR A 1 57  ? -4.163  2.375   -0.530  1.00 11.43 ? 56  TYR A C   1 
ATOM   431  O  O   . TYR A 1 57  ? -5.070  3.146   -0.779  1.00 10.90 ? 56  TYR A O   1 
ATOM   432  C  CB  . TYR A 1 57  ? -5.082  0.098   -0.901  1.00 11.58 ? 56  TYR A CB  1 
ATOM   433  C  CG  . TYR A 1 57  ? -4.184  -0.188  -2.095  1.00 13.19 ? 56  TYR A CG  1 
ATOM   434  C  CD1 . TYR A 1 57  ? -3.162  -1.123  -1.976  1.00 15.75 ? 56  TYR A CD1 1 
ATOM   435  C  CD2 . TYR A 1 57  ? -4.352  0.496   -3.323  1.00 14.63 ? 56  TYR A CD2 1 
ATOM   436  C  CE1 . TYR A 1 57  ? -2.305  -1.422  -3.051  1.00 15.76 ? 56  TYR A CE1 1 
ATOM   437  C  CE2 . TYR A 1 57  ? -3.514  0.212   -4.420  1.00 14.48 ? 56  TYR A CE2 1 
ATOM   438  C  CZ  . TYR A 1 57  ? -2.500  -0.759  -4.268  1.00 15.41 ? 56  TYR A CZ  1 
ATOM   439  O  OH  . TYR A 1 57  ? -1.649  -1.080  -5.316  1.00 17.32 ? 56  TYR A OH  1 
ATOM   440  N  N   . GLY A 1 58  ? -2.889  2.660   -0.739  1.00 10.75 ? 57  GLY A N   1 
ATOM   441  C  CA  . GLY A 1 58  ? -2.490  3.903   -1.436  1.00 11.11 ? 57  GLY A CA  1 
ATOM   442  C  C   . GLY A 1 58  ? -1.047  3.834   -1.879  1.00 12.09 ? 57  GLY A C   1 
ATOM   443  O  O   . GLY A 1 58  ? -0.543  2.768   -2.230  1.00 11.01 ? 57  GLY A O   1 
ATOM   444  N  N   . TYR A 1 59  ? -0.410  4.998   -1.883  1.00 12.40 ? 58  TYR A N   1 
ATOM   445  C  CA  . TYR A 1 59  ? 0.926   5.075   -2.456  1.00 12.75 ? 58  TYR A CA  1 
ATOM   446  C  C   . TYR A 1 59  ? 1.719   6.198   -1.807  1.00 13.08 ? 58  TYR A C   1 
ATOM   447  O  O   . TYR A 1 59  ? 1.169   7.075   -1.141  1.00 13.01 ? 58  TYR A O   1 
ATOM   448  C  CB  . TYR A 1 59  ? 0.847   5.301   -3.979  1.00 14.00 ? 58  TYR A CB  1 
ATOM   449  C  CG  . TYR A 1 59  ? 0.235   6.647   -4.306  1.00 13.03 ? 58  TYR A CG  1 
ATOM   450  C  CD1 . TYR A 1 59  ? -1.146  6.805   -4.375  1.00 16.75 ? 58  TYR A CD1 1 
ATOM   451  C  CD2 . TYR A 1 59  ? 1.046   7.787   -4.470  1.00 15.99 ? 58  TYR A CD2 1 
ATOM   452  C  CE1 . TYR A 1 59  ? -1.711  8.069   -4.628  1.00 18.56 ? 58  TYR A CE1 1 
ATOM   453  C  CE2 . TYR A 1 59  ? 0.474   9.054   -4.723  1.00 18.90 ? 58  TYR A CE2 1 
ATOM   454  C  CZ  . TYR A 1 59  ? -0.895  9.179   -4.787  1.00 18.51 ? 58  TYR A CZ  1 
ATOM   455  O  OH  . TYR A 1 59  ? -1.435  10.441  -5.044  1.00 20.03 ? 58  TYR A OH  1 
ATOM   456  N  N   . ILE A 1 60  ? 3.035   6.154   -2.033  1.00 12.73 ? 59  ILE A N   1 
ATOM   457  C  CA  . ILE A 1 60  ? 3.919   7.226   -1.573  1.00 13.54 ? 59  ILE A CA  1 
ATOM   458  C  C   . ILE A 1 60  ? 4.175   8.171   -2.767  1.00 13.64 ? 59  ILE A C   1 
ATOM   459  O  O   . ILE A 1 60  ? 4.628   7.743   -3.825  1.00 12.65 ? 59  ILE A O   1 
ATOM   460  C  CB  . ILE A 1 60  ? 5.269   6.660   -1.105  1.00 13.20 ? 59  ILE A CB  1 
ATOM   461  C  CG1 . ILE A 1 60  ? 5.074   5.632   0.009   1.00 12.56 ? 59  ILE A CG1 1 
ATOM   462  C  CG2 . ILE A 1 60  ? 6.171   7.785   -0.623  1.00 15.35 ? 59  ILE A CG2 1 
ATOM   463  C  CD1 . ILE A 1 60  ? 6.440   4.944   0.361   1.00 11.45 ? 59  ILE A CD1 1 
ATOM   464  N  N   . ASN A 1 61  ? 3.865   9.449   -2.591  1.00 14.69 ? 60  ASN A N   1 
ATOM   465  C  CA  . ASN A 1 61  ? 4.059   10.391  -3.687  1.00 15.23 ? 60  ASN A CA  1 
ATOM   466  C  C   . ASN A 1 61  ? 5.557   10.588  -3.950  1.00 15.30 ? 60  ASN A C   1 
ATOM   467  O  O   . ASN A 1 61  ? 6.382   10.347  -3.056  1.00 15.54 ? 60  ASN A O   1 
ATOM   468  C  CB  . ASN A 1 61  ? 3.360   11.718  -3.395  1.00 16.43 ? 60  ASN A CB  1 
ATOM   469  C  CG  . ASN A 1 61  ? 3.259   12.582  -4.658  1.00 21.08 ? 60  ASN A CG  1 
ATOM   470  O  OD1 . ASN A 1 61  ? 2.995   12.070  -5.762  1.00 23.11 ? 60  ASN A OD1 1 
ATOM   471  N  ND2 . ASN A 1 61  ? 3.523   13.886  -4.511  1.00 24.31 ? 60  ASN A ND2 1 
ATOM   472  N  N   . ASN A 1 62  ? 5.908   11.019  -5.160  1.00 14.76 ? 61  ASN A N   1 
ATOM   473  C  CA  . ASN A 1 62  ? 7.311   11.247  -5.499  1.00 15.49 ? 61  ASN A CA  1 
ATOM   474  C  C   . ASN A 1 62  ? 8.169   9.992   -5.358  1.00 15.44 ? 61  ASN A C   1 
ATOM   475  O  O   . ASN A 1 62  ? 9.357   10.035  -4.955  1.00 16.29 ? 61  ASN A O   1 
ATOM   476  C  CB  . ASN A 1 62  ? 7.886   12.391  -4.683  1.00 16.18 ? 61  ASN A CB  1 
ATOM   477  C  CG  . ASN A 1 62  ? 7.137   13.697  -4.873  1.00 17.24 ? 61  ASN A CG  1 
ATOM   478  O  OD1 . ASN A 1 62  ? 7.130   14.539  -3.963  1.00 24.60 ? 61  ASN A OD1 1 
ATOM   479  N  ND2 . ASN A 1 62  ? 6.491   13.880  -6.027  1.00 16.88 ? 61  ASN A ND2 1 
ATOM   480  N  N   . THR A 1 63  ? 7.566   8.880   -5.732  1.00 15.33 ? 62  THR A N   1 
ATOM   481  C  CA  . THR A 1 63  ? 8.289   7.637   -5.909  1.00 16.39 ? 62  THR A CA  1 
ATOM   482  C  C   . THR A 1 63  ? 7.926   7.040   -7.256  1.00 17.11 ? 62  THR A C   1 
ATOM   483  O  O   . THR A 1 63  ? 6.867   7.323   -7.826  1.00 16.76 ? 62  THR A O   1 
ATOM   484  C  CB  . THR A 1 63  ? 7.973   6.622   -4.795  1.00 16.19 ? 62  THR A CB  1 
ATOM   485  O  OG1 . THR A 1 63  ? 6.576   6.310   -4.830  1.00 15.68 ? 62  THR A OG1 1 
ATOM   486  C  CG2 . THR A 1 63  ? 8.326   7.197   -3.401  1.00 14.31 ? 62  THR A CG2 1 
ATOM   487  N  N   . LEU A 1 64  ? 8.832   6.227   -7.785  1.00 17.35 ? 63  LEU A N   1 
ATOM   488  C  CA  . LEU A 1 64  ? 8.560   5.536   -9.017  1.00 18.54 ? 63  LEU A CA  1 
ATOM   489  C  C   . LEU A 1 64  ? 9.001   4.082   -8.840  1.00 20.09 ? 63  LEU A C   1 
ATOM   490  O  O   . LEU A 1 64  ? 10.220  3.782   -8.719  1.00 18.28 ? 63  LEU A O   1 
ATOM   491  C  CB  . LEU A 1 64  ? 9.297   6.231   -10.164 1.00 18.04 ? 63  LEU A CB  1 
ATOM   492  C  CG  . LEU A 1 64  ? 9.210   5.578   -11.543 1.00 21.00 ? 63  LEU A CG  1 
ATOM   493  C  CD1 . LEU A 1 64  ? 7.786   5.675   -12.042 1.00 22.72 ? 63  LEU A CD1 1 
ATOM   494  C  CD2 . LEU A 1 64  ? 10.141  6.319   -12.517 1.00 22.87 ? 63  LEU A CD2 1 
ATOM   495  N  N   . ALA A 1 65  ? 7.999   3.201   -8.808  1.00 21.61 ? 64  ALA A N   1 
ATOM   496  C  CA  . ALA A 1 65  ? 8.206   1.781   -8.611  1.00 25.02 ? 64  ALA A CA  1 
ATOM   497  C  C   . ALA A 1 65  ? 8.767   1.190   -9.895  1.00 27.33 ? 64  ALA A C   1 
ATOM   498  O  O   . ALA A 1 65  ? 8.590   1.766   -10.990 1.00 27.56 ? 64  ALA A O   1 
ATOM   499  C  CB  . ALA A 1 65  ? 6.893   1.085   -8.227  1.00 24.29 ? 64  ALA A CB  1 
ATOM   500  N  N   . ASP A 1 66  ? 9.426   0.035   -9.770  1.00 30.21 ? 65  ASP A N   1 
ATOM   501  C  CA  . ASP A 1 66  ? 10.032  -0.615  -10.938 1.00 32.64 ? 65  ASP A CA  1 
ATOM   502  C  C   . ASP A 1 66  ? 8.962   -0.894  -12.018 1.00 33.44 ? 65  ASP A C   1 
ATOM   503  O  O   . ASP A 1 66  ? 9.303   -1.277  -13.145 1.00 34.49 ? 65  ASP A O   1 
ATOM   504  C  CB  . ASP A 1 66  ? 10.815  -1.891  -10.528 1.00 33.32 ? 65  ASP A CB  1 
ATOM   505  C  CG  . ASP A 1 66  ? 12.051  -1.589  -9.620  1.00 36.16 ? 65  ASP A CG  1 
ATOM   506  O  OD1 . ASP A 1 66  ? 12.577  -0.444  -9.624  1.00 37.67 ? 65  ASP A OD1 1 
ATOM   507  O  OD2 . ASP A 1 66  ? 12.524  -2.520  -8.902  1.00 37.70 ? 65  ASP A OD2 1 
ATOM   508  N  N   . ASP A 1 67  ? 7.685   -0.644  -11.677 1.00 33.65 ? 66  ASP A N   1 
ATOM   509  C  CA  . ASP A 1 67  ? 6.522   -0.837  -12.575 1.00 33.25 ? 66  ASP A CA  1 
ATOM   510  C  C   . ASP A 1 67  ? 5.875   0.407   -13.227 1.00 33.02 ? 66  ASP A C   1 
ATOM   511  O  O   . ASP A 1 67  ? 4.808   0.285   -13.863 1.00 33.49 ? 66  ASP A O   1 
ATOM   512  C  CB  . ASP A 1 67  ? 5.431   -1.606  -11.833 1.00 34.00 ? 66  ASP A CB  1 
ATOM   513  C  CG  . ASP A 1 67  ? 4.767   -0.773  -10.715 1.00 34.52 ? 66  ASP A CG  1 
ATOM   514  O  OD1 . ASP A 1 67  ? 4.437   0.435   -10.910 1.00 33.56 ? 66  ASP A OD1 1 
ATOM   515  O  OD2 . ASP A 1 67  ? 4.554   -1.356  -9.639  1.00 32.87 ? 66  ASP A OD2 1 
ATOM   516  N  N   . GLY A 1 68  ? 6.469   1.593   -13.059 1.00 31.81 ? 67  GLY A N   1 
ATOM   517  C  CA  . GLY A 1 68  ? 5.980   2.808   -13.739 1.00 29.51 ? 67  GLY A CA  1 
ATOM   518  C  C   . GLY A 1 68  ? 5.069   3.785   -12.993 1.00 28.58 ? 67  GLY A C   1 
ATOM   519  O  O   . GLY A 1 68  ? 4.906   4.940   -13.410 1.00 29.04 ? 67  GLY A O   1 
ATOM   520  N  N   . ASP A 1 69  ? 4.455   3.332   -11.902 1.00 25.80 ? 68  ASP A N   1 
ATOM   521  C  CA  . ASP A 1 69  ? 3.622   4.209   -11.068 1.00 23.97 ? 68  ASP A CA  1 
ATOM   522  C  C   . ASP A 1 69  ? 4.272   4.336   -9.691  1.00 21.18 ? 68  ASP A C   1 
ATOM   523  O  O   . ASP A 1 69  ? 5.284   3.688   -9.420  1.00 20.64 ? 68  ASP A O   1 
ATOM   524  C  CB  . ASP A 1 69  ? 2.224   3.631   -10.913 1.00 24.86 ? 68  ASP A CB  1 
ATOM   525  C  CG  . ASP A 1 69  ? 1.355   3.810   -12.167 1.00 29.50 ? 68  ASP A CG  1 
ATOM   526  O  OD1 . ASP A 1 69  ? 1.793   4.446   -13.144 1.00 31.47 ? 68  ASP A OD1 1 
ATOM   527  O  OD2 . ASP A 1 69  ? 0.208   3.312   -12.160 1.00 34.80 ? 68  ASP A OD2 1 
ATOM   528  N  N   . ALA A 1 70  ? 3.698   5.166   -8.825  1.00 18.75 ? 69  ALA A N   1 
ATOM   529  C  CA  . ALA A 1 70  ? 4.262   5.336   -7.487  1.00 17.46 ? 69  ALA A CA  1 
ATOM   530  C  C   . ALA A 1 70  ? 4.259   4.014   -6.720  1.00 16.63 ? 69  ALA A C   1 
ATOM   531  O  O   . ALA A 1 70  ? 3.461   3.094   -7.016  1.00 17.65 ? 69  ALA A O   1 
ATOM   532  C  CB  . ALA A 1 70  ? 3.496   6.396   -6.713  1.00 17.00 ? 69  ALA A CB  1 
ATOM   533  N  N   . LEU A 1 71  ? 5.146   3.924   -5.732  1.00 15.24 ? 70  LEU A N   1 
ATOM   534  C  CA  . LEU A 1 71  ? 5.216   2.765   -4.857  1.00 14.26 ? 70  LEU A CA  1 
ATOM   535  C  C   . LEU A 1 71  ? 3.929   2.547   -4.041  1.00 13.66 ? 70  LEU A C   1 
ATOM   536  O  O   . LEU A 1 71  ? 3.485   3.456   -3.350  1.00 13.19 ? 70  LEU A O   1 
ATOM   537  C  CB  . LEU A 1 71  ? 6.388   2.927   -3.883  1.00 13.86 ? 70  LEU A CB  1 
ATOM   538  C  CG  . LEU A 1 71  ? 6.730   1.659   -3.121  1.00 14.59 ? 70  LEU A CG  1 
ATOM   539  C  CD1 . LEU A 1 71  ? 7.274   0.486   -4.040  1.00 16.48 ? 70  LEU A CD1 1 
ATOM   540  C  CD2 . LEU A 1 71  ? 7.745   2.009   -2.014  1.00 16.72 ? 70  LEU A CD2 1 
ATOM   541  N  N   . ASP A 1 72  ? 3.414   1.317   -4.103  1.00 13.20 ? 71  ASP A N   1 
ATOM   542  C  CA  . ASP A 1 72  ? 2.137   0.962   -3.415  1.00 12.98 ? 71  ASP A CA  1 
ATOM   543  C  C   . ASP A 1 72  ? 2.343   0.599   -1.957  1.00 12.44 ? 71  ASP A C   1 
ATOM   544  O  O   . ASP A 1 72  ? 3.270   -0.133  -1.613  1.00 12.79 ? 71  ASP A O   1 
ATOM   545  C  CB  . ASP A 1 72  ? 1.471   -0.212  -4.113  1.00 13.85 ? 71  ASP A CB  1 
ATOM   546  C  CG  . ASP A 1 72  ? 1.071   0.124   -5.531  1.00 16.99 ? 71  ASP A CG  1 
ATOM   547  O  OD1 . ASP A 1 72  ? 0.688   1.275   -5.756  1.00 17.64 ? 71  ASP A OD1 1 
ATOM   548  O  OD2 . ASP A 1 72  ? 1.194   -0.792  -6.369  1.00 20.25 ? 71  ASP A OD2 1 
ATOM   549  N  N   . VAL A 1 73  ? 1.414   1.056   -1.102  1.00 11.86 ? 72  VAL A N   1 
ATOM   550  C  CA  . VAL A 1 73  ? 1.517   0.752   0.341   1.00 11.74 ? 72  VAL A CA  1 
ATOM   551  C  C   . VAL A 1 73  ? 0.111   0.515   0.926   1.00 12.18 ? 72  VAL A C   1 
ATOM   552  O  O   . VAL A 1 73  ? -0.826  1.305   0.675   1.00 11.81 ? 72  VAL A O   1 
ATOM   553  C  CB  . VAL A 1 73  ? 2.180   1.921   1.149   1.00 12.42 ? 72  VAL A CB  1 
ATOM   554  C  CG1 . VAL A 1 73  ? 2.466   1.532   2.634   1.00 13.36 ? 72  VAL A CG1 1 
ATOM   555  C  CG2 . VAL A 1 73  ? 3.481   2.423   0.477   1.00 13.93 ? 72  VAL A CG2 1 
ATOM   556  N  N   . LEU A 1 74  ? 0.022   -0.539  1.729   1.00 11.40 ? 73  LEU A N   1 
ATOM   557  C  CA  A LEU A 1 74  ? -1.149  -0.844  2.572   0.70 11.79 ? 73  LEU A CA  1 
ATOM   558  C  CA  B LEU A 1 74  ? -1.140  -0.814  2.575   0.30 11.82 ? 73  LEU A CA  1 
ATOM   559  C  C   . LEU A 1 74  ? -0.817  -0.316  3.971   1.00 12.19 ? 73  LEU A C   1 
ATOM   560  O  O   . LEU A 1 74  ? 0.299   -0.522  4.468   1.00 12.37 ? 73  LEU A O   1 
ATOM   561  C  CB  A LEU A 1 74  ? -1.334  -2.363  2.649   0.70 12.57 ? 73  LEU A CB  1 
ATOM   562  C  CB  B LEU A 1 74  ? -1.412  -2.317  2.642   0.30 12.16 ? 73  LEU A CB  1 
ATOM   563  C  CG  A LEU A 1 74  ? -1.741  -3.083  1.357   0.70 13.28 ? 73  LEU A CG  1 
ATOM   564  C  CG  B LEU A 1 74  ? -2.034  -3.023  1.432   0.30 11.97 ? 73  LEU A CG  1 
ATOM   565  C  CD1 A LEU A 1 74  ? -1.029  -4.439  1.284   0.70 12.03 ? 73  LEU A CD1 1 
ATOM   566  C  CD1 B LEU A 1 74  ? -3.340  -2.421  1.042   0.30 11.39 ? 73  LEU A CD1 1 
ATOM   567  C  CD2 A LEU A 1 74  ? -3.231  -3.364  1.274   0.70 10.74 ? 73  LEU A CD2 1 
ATOM   568  C  CD2 B LEU A 1 74  ? -1.083  -3.108  0.238   0.30 11.48 ? 73  LEU A CD2 1 
ATOM   569  N  N   . VAL A 1 75  ? -1.777  0.371   4.591   1.00 11.86 ? 74  VAL A N   1 
ATOM   570  C  CA  . VAL A 1 75  ? -1.574  0.937   5.931   1.00 11.35 ? 74  VAL A CA  1 
ATOM   571  C  C   . VAL A 1 75  ? -2.671  0.360   6.849   1.00 11.71 ? 74  VAL A C   1 
ATOM   572  O  O   . VAL A 1 75  ? -3.853  0.505   6.592   1.00 11.78 ? 74  VAL A O   1 
ATOM   573  C  CB  . VAL A 1 75  ? -1.605  2.503   5.958   1.00 11.68 ? 74  VAL A CB  1 
ATOM   574  C  CG1 . VAL A 1 75  ? -1.256  2.993   7.354   1.00 13.31 ? 74  VAL A CG1 1 
ATOM   575  C  CG2 . VAL A 1 75  ? -0.612  3.078   4.921   1.00 11.86 ? 74  VAL A CG2 1 
ATOM   576  N  N   . ILE A 1 76  ? -2.232  -0.313  7.900   1.00 11.63 ? 75  ILE A N   1 
ATOM   577  C  CA  . ILE A 1 76  ? -3.144  -0.882  8.891   1.00 11.84 ? 75  ILE A CA  1 
ATOM   578  C  C   . ILE A 1 76  ? -3.608  0.234   9.792   1.00 11.92 ? 75  ILE A C   1 
ATOM   579  O  O   . ILE A 1 76  ? -2.767  0.970   10.325  1.00 12.58 ? 75  ILE A O   1 
ATOM   580  C  CB  . ILE A 1 76  ? -2.402  -1.925  9.776   1.00 12.45 ? 75  ILE A CB  1 
ATOM   581  C  CG1 . ILE A 1 76  ? -1.866  -3.057  8.893   1.00 13.80 ? 75  ILE A CG1 1 
ATOM   582  C  CG2 . ILE A 1 76  ? -3.373  -2.517  10.800  1.00 13.03 ? 75  ILE A CG2 1 
ATOM   583  C  CD1 . ILE A 1 76  ? -0.916  -4.034  9.705   1.00 15.95 ? 75  ILE A CD1 1 
ATOM   584  N  N   . THR A 1 77  ? -4.924  0.338   10.009  1.00 11.56 ? 76  THR A N   1 
ATOM   585  C  CA  . THR A 1 77  ? -5.427  1.340   10.952  1.00 12.00 ? 76  THR A CA  1 
ATOM   586  C  C   . THR A 1 77  ? -6.573  0.732   11.776  1.00 12.44 ? 76  THR A C   1 
ATOM   587  O  O   . THR A 1 77  ? -7.206  -0.270  11.369  1.00 12.66 ? 76  THR A O   1 
ATOM   588  C  CB  . THR A 1 77  ? -5.976  2.580   10.212  1.00 11.95 ? 76  THR A CB  1 
ATOM   589  O  OG1 . THR A 1 77  ? -7.105  2.169   9.428   1.00 11.52 ? 76  THR A OG1 1 
ATOM   590  C  CG2 . THR A 1 77  ? -4.871  3.294   9.356   1.00 11.82 ? 76  THR A CG2 1 
ATOM   591  N  N   . PRO A 1 78  ? -6.863  1.326   12.936  1.00 13.18 ? 77  PRO A N   1 
ATOM   592  C  CA  . PRO A 1 78  ? -7.973  0.783   13.724  1.00 13.09 ? 77  PRO A CA  1 
ATOM   593  C  C   . PRO A 1 78  ? -9.354  1.075   13.166  1.00 13.17 ? 77  PRO A C   1 
ATOM   594  O  O   . PRO A 1 78  ? -10.316 0.407   13.560  1.00 15.67 ? 77  PRO A O   1 
ATOM   595  C  CB  . PRO A 1 78  ? -7.826  1.485   15.071  1.00 14.37 ? 77  PRO A CB  1 
ATOM   596  C  CG  . PRO A 1 78  ? -7.149  2.737   14.763  1.00 12.51 ? 77  PRO A CG  1 
ATOM   597  C  CD  . PRO A 1 78  ? -6.157  2.401   13.643  1.00 13.89 ? 77  PRO A CD  1 
ATOM   598  N  N   . TYR A 1 79  ? -9.428  2.075   12.274  1.00 12.39 ? 78  TYR A N   1 
ATOM   599  C  CA  . TYR A 1 79  ? -10.675 2.470   11.576  1.00 11.28 ? 78  TYR A CA  1 
ATOM   600  C  C   . TYR A 1 79  ? -10.266 2.835   10.140  1.00 12.01 ? 78  TYR A C   1 
ATOM   601  O  O   . TYR A 1 79  ? -9.269  3.516   9.949   1.00 12.08 ? 78  TYR A O   1 
ATOM   602  C  CB  . TYR A 1 79  ? -11.334 3.682   12.246  1.00 12.51 ? 78  TYR A CB  1 
ATOM   603  C  CG  . TYR A 1 79  ? -11.707 3.340   13.662  1.00 11.37 ? 78  TYR A CG  1 
ATOM   604  C  CD1 . TYR A 1 79  ? -12.846 2.586   13.921  1.00 14.11 ? 78  TYR A CD1 1 
ATOM   605  C  CD2 . TYR A 1 79  ? -10.911 3.733   14.716  1.00 10.16 ? 78  TYR A CD2 1 
ATOM   606  C  CE1 . TYR A 1 79  ? -13.200 2.219   15.240  1.00 13.68 ? 78  TYR A CE1 1 
ATOM   607  C  CE2 . TYR A 1 79  ? -11.217 3.347   16.057  1.00 11.28 ? 78  TYR A CE2 1 
ATOM   608  C  CZ  . TYR A 1 79  ? -12.386 2.628   16.307  1.00 13.86 ? 78  TYR A CZ  1 
ATOM   609  O  OH  . TYR A 1 79  ? -12.731 2.270   17.595  1.00 13.09 ? 78  TYR A OH  1 
ATOM   610  N  N   . PRO A 1 80  ? -11.049 2.372   9.149   1.00 12.34 ? 79  PRO A N   1 
ATOM   611  C  CA  . PRO A 1 80  ? -10.730 2.724   7.744   1.00 11.63 ? 79  PRO A CA  1 
ATOM   612  C  C   . PRO A 1 80  ? -10.713 4.239   7.555   1.00 12.70 ? 79  PRO A C   1 
ATOM   613  O  O   . PRO A 1 80  ? -11.577 4.941   8.124   1.00 12.56 ? 79  PRO A O   1 
ATOM   614  C  CB  . PRO A 1 80  ? -11.878 2.076   6.956   1.00 13.41 ? 79  PRO A CB  1 
ATOM   615  C  CG  . PRO A 1 80  ? -12.357 0.881   7.832   1.00 13.46 ? 79  PRO A CG  1 
ATOM   616  C  CD  . PRO A 1 80  ? -12.213 1.469   9.252   1.00 12.64 ? 79  PRO A CD  1 
ATOM   617  N  N   . VAL A 1 81  ? -9.756  4.736   6.760   1.00 12.93 ? 80  VAL A N   1 
ATOM   618  C  CA  . VAL A 1 81  ? -9.670  6.189   6.567   1.00 14.24 ? 80  VAL A CA  1 
ATOM   619  C  C   . VAL A 1 81  ? -10.354 6.601   5.257   1.00 15.93 ? 80  VAL A C   1 
ATOM   620  O  O   . VAL A 1 81  ? -10.646 5.741   4.413   1.00 18.10 ? 80  VAL A O   1 
ATOM   621  C  CB  . VAL A 1 81  ? -8.233  6.693   6.615   1.00 15.10 ? 80  VAL A CB  1 
ATOM   622  C  CG1 . VAL A 1 81  ? -7.573  6.330   8.034   1.00 13.31 ? 80  VAL A CG1 1 
ATOM   623  C  CG2 . VAL A 1 81  ? -7.436  6.218   5.456   1.00 16.99 ? 80  VAL A CG2 1 
ATOM   624  N  N   . ALA A 1 82  ? -10.588 7.903   5.096   1.00 14.79 ? 81  ALA A N   1 
ATOM   625  C  CA  . ALA A 1 82  ? -11.275 8.360   3.861   1.00 15.50 ? 81  ALA A CA  1 
ATOM   626  C  C   . ALA A 1 82  ? -10.375 8.275   2.608   1.00 14.85 ? 81  ALA A C   1 
ATOM   627  O  O   . ALA A 1 82  ? -9.196  8.556   2.669   1.00 15.26 ? 81  ALA A O   1 
ATOM   628  C  CB  . ALA A 1 82  ? -11.810 9.815   4.054   1.00 15.97 ? 81  ALA A CB  1 
ATOM   629  N  N   . PRO A 1 83  ? -10.975 7.947   1.429   1.00 15.67 ? 82  PRO A N   1 
ATOM   630  C  CA  . PRO A 1 83  ? -10.179 8.062   0.204   1.00 15.41 ? 82  PRO A CA  1 
ATOM   631  C  C   . PRO A 1 83  ? -9.706  9.500   0.069   1.00 15.61 ? 82  PRO A C   1 
ATOM   632  O  O   . PRO A 1 83  ? -10.455 10.468  0.332   1.00 16.22 ? 82  PRO A O   1 
ATOM   633  C  CB  . PRO A 1 83  ? -11.160 7.716   -0.933  1.00 16.04 ? 82  PRO A CB  1 
ATOM   634  C  CG  . PRO A 1 83  ? -12.407 7.221   -0.297  1.00 17.10 ? 82  PRO A CG  1 
ATOM   635  C  CD  . PRO A 1 83  ? -12.367 7.521   1.202   1.00 16.99 ? 82  PRO A CD  1 
ATOM   636  N  N   . GLY A 1 84  ? -8.451  9.638   -0.329  1.00 14.91 ? 83  GLY A N   1 
ATOM   637  C  CA  . GLY A 1 84  ? -7.866  10.929  -0.546  1.00 16.16 ? 83  GLY A CA  1 
ATOM   638  C  C   . GLY A 1 84  ? -7.193  11.521  0.679   1.00 16.62 ? 83  GLY A C   1 
ATOM   639  O  O   . GLY A 1 84  ? -6.574  12.576  0.590   1.00 20.47 ? 83  GLY A O   1 
ATOM   640  N  N   . SER A 1 85  ? -7.298  10.857  1.834   1.00 15.65 ? 84  SER A N   1 
ATOM   641  C  CA  . SER A 1 85  ? -6.647  11.376  3.035   1.00 15.06 ? 84  SER A CA  1 
ATOM   642  C  C   . SER A 1 85  ? -5.187  10.877  3.040   1.00 15.13 ? 84  SER A C   1 
ATOM   643  O  O   . SER A 1 85  ? -4.847  9.926   2.316   1.00 16.81 ? 84  SER A O   1 
ATOM   644  C  CB  . SER A 1 85  ? -7.406  10.966  4.331   1.00 15.15 ? 84  SER A CB  1 
ATOM   645  O  OG  . SER A 1 85  ? -7.343  9.567   4.594   1.00 16.02 ? 84  SER A OG  1 
ATOM   646  N  N   . VAL A 1 86  ? -4.371  11.500  3.858   1.00 14.02 ? 85  VAL A N   1 
ATOM   647  C  CA  . VAL A 1 86  ? -2.917  11.182  3.917   1.00 14.65 ? 85  VAL A CA  1 
ATOM   648  C  C   . VAL A 1 86  ? -2.594  10.698  5.317   1.00 15.16 ? 85  VAL A C   1 
ATOM   649  O  O   . VAL A 1 86  ? -3.024  11.328  6.302   1.00 15.69 ? 85  VAL A O   1 
ATOM   650  C  CB  . VAL A 1 86  ? -2.069  12.422  3.550   1.00 15.78 ? 85  VAL A CB  1 
ATOM   651  C  CG1 . VAL A 1 86  ? -0.587  12.126  3.745   1.00 16.31 ? 85  VAL A CG1 1 
ATOM   652  C  CG2 . VAL A 1 86  ? -2.346  12.837  2.117   1.00 16.99 ? 85  VAL A CG2 1 
ATOM   653  N  N   A ILE A 1 87  ? -1.816  9.628   5.414   0.70 15.21 ? 86  ILE A N   1 
ATOM   654  N  N   B ILE A 1 87  ? -1.893  9.562   5.413   0.30 14.17 ? 86  ILE A N   1 
ATOM   655  C  CA  A ILE A 1 87  ? -1.448  9.117   6.725   0.70 15.15 ? 86  ILE A CA  1 
ATOM   656  C  CA  B ILE A 1 87  ? -1.462  8.981   6.701   0.30 13.21 ? 86  ILE A CA  1 
ATOM   657  C  C   A ILE A 1 87  ? 0.055   8.982   6.869   0.70 14.87 ? 86  ILE A C   1 
ATOM   658  C  C   B ILE A 1 87  ? 0.069   9.050   6.816   0.30 13.56 ? 86  ILE A C   1 
ATOM   659  O  O   A ILE A 1 87  ? 0.703   8.366   6.037   0.70 14.94 ? 86  ILE A O   1 
ATOM   660  O  O   B ILE A 1 87  ? 0.762   8.649   5.888   0.30 13.55 ? 86  ILE A O   1 
ATOM   661  C  CB  A ILE A 1 87  ? -2.136  7.781   7.008   0.70 15.87 ? 86  ILE A CB  1 
ATOM   662  C  CB  B ILE A 1 87  ? -1.899  7.474   6.860   0.30 12.79 ? 86  ILE A CB  1 
ATOM   663  C  CG1 A ILE A 1 87  ? -1.862  7.361   8.466   0.70 15.54 ? 86  ILE A CG1 1 
ATOM   664  C  CG1 B ILE A 1 87  ? -3.418  7.279   6.684   0.30 10.53 ? 86  ILE A CG1 1 
ATOM   665  C  CG2 A ILE A 1 87  ? -1.713  6.724   6.006   0.70 16.42 ? 86  ILE A CG2 1 
ATOM   666  C  CG2 B ILE A 1 87  ? -1.424  6.894   8.235   0.30 11.97 ? 86  ILE A CG2 1 
ATOM   667  C  CD1 A ILE A 1 87  ? -2.743  6.230   8.961   0.70 20.49 ? 86  ILE A CD1 1 
ATOM   668  C  CD1 B ILE A 1 87  ? -3.861  5.810   6.682   0.30 10.67 ? 86  ILE A CD1 1 
ATOM   669  N  N   . ARG A 1 88  ? 0.581   9.562   7.937   1.00 13.63 ? 87  ARG A N   1 
ATOM   670  C  CA  . ARG A 1 88  ? 2.005   9.436   8.277   1.00 13.55 ? 87  ARG A CA  1 
ATOM   671  C  C   . ARG A 1 88  ? 2.235   8.022   8.820   1.00 13.17 ? 87  ARG A C   1 
ATOM   672  O  O   . ARG A 1 88  ? 1.524   7.562   9.723   1.00 13.65 ? 87  ARG A O   1 
ATOM   673  C  CB  . ARG A 1 88  ? 2.375   10.526  9.302   1.00 12.88 ? 87  ARG A CB  1 
ATOM   674  C  CG  . ARG A 1 88  ? 3.850   10.566  9.621   1.00 15.45 ? 87  ARG A CG  1 
ATOM   675  C  CD  . ARG A 1 88  ? 4.087   11.479  10.800  1.00 17.04 ? 87  ARG A CD  1 
ATOM   676  N  NE  . ARG A 1 88  ? 5.525   11.567  11.095  1.00 17.07 ? 87  ARG A NE  1 
ATOM   677  C  CZ  . ARG A 1 88  ? 6.043   12.308  12.076  1.00 18.23 ? 87  ARG A CZ  1 
ATOM   678  N  NH1 . ARG A 1 88  ? 5.246   12.996  12.882  1.00 17.56 ? 87  ARG A NH1 1 
ATOM   679  N  NH2 . ARG A 1 88  ? 7.364   12.332  12.270  1.00 17.49 ? 87  ARG A NH2 1 
ATOM   680  N  N   . ALA A 1 89  ? 3.187   7.305   8.219   1.00 12.64 ? 88  ALA A N   1 
ATOM   681  C  CA  . ALA A 1 89  ? 3.277   5.869   8.461   1.00 12.70 ? 88  ALA A CA  1 
ATOM   682  C  C   . ALA A 1 89  ? 4.733   5.401   8.531   1.00 12.98 ? 88  ALA A C   1 
ATOM   683  O  O   . ALA A 1 89  ? 5.669   6.159   8.223   1.00 12.65 ? 88  ALA A O   1 
ATOM   684  C  CB  . ALA A 1 89  ? 2.511   5.097   7.370   1.00 13.71 ? 88  ALA A CB  1 
ATOM   685  N  N   . ARG A 1 90  ? 4.885   4.163   8.938   1.00 12.34 ? 89  ARG A N   1 
ATOM   686  C  CA  . ARG A 1 90  ? 6.228   3.521   8.939   1.00 13.52 ? 89  ARG A CA  1 
ATOM   687  C  C   . ARG A 1 90  ? 6.142   2.091   8.441   1.00 12.14 ? 89  ARG A C   1 
ATOM   688  O  O   . ARG A 1 90  ? 5.216   1.334   8.785   1.00 11.18 ? 89  ARG A O   1 
ATOM   689  C  CB  . ARG A 1 90  ? 6.904   3.620   10.275  1.00 16.89 ? 89  ARG A CB  1 
ATOM   690  C  CG  . ARG A 1 90  ? 6.284   2.864   11.332  1.00 19.15 ? 89  ARG A CG  1 
ATOM   691  C  CD  . ARG A 1 90  ? 7.289   2.794   12.512  1.00 22.10 ? 89  ARG A CD  1 
ATOM   692  N  NE  . ARG A 1 90  ? 6.443   2.406   13.609  1.00 19.12 ? 89  ARG A NE  1 
ATOM   693  C  CZ  . ARG A 1 90  ? 6.241   1.153   13.937  1.00 17.54 ? 89  ARG A CZ  1 
ATOM   694  N  NH1 . ARG A 1 90  ? 6.950   0.207   13.312  1.00 18.40 ? 89  ARG A NH1 1 
ATOM   695  N  NH2 . ARG A 1 90  ? 5.383   0.854   14.918  1.00 15.55 ? 89  ARG A NH2 1 
ATOM   696  N  N   . PRO A 1 91  ? 7.091   1.729   7.571   1.00 12.11 ? 90  PRO A N   1 
ATOM   697  C  CA  . PRO A 1 91  ? 6.999   0.410   6.918   1.00 12.54 ? 90  PRO A CA  1 
ATOM   698  C  C   . PRO A 1 91  ? 7.343   -0.737  7.878   1.00 13.44 ? 90  PRO A C   1 
ATOM   699  O  O   . PRO A 1 91  ? 8.245   -0.593  8.710   1.00 13.12 ? 90  PRO A O   1 
ATOM   700  C  CB  . PRO A 1 91  ? 8.057   0.491   5.819   1.00 13.41 ? 90  PRO A CB  1 
ATOM   701  C  CG  . PRO A 1 91  ? 9.091   1.464   6.380   1.00 12.90 ? 90  PRO A CG  1 
ATOM   702  C  CD  . PRO A 1 91  ? 8.268   2.510   7.123   1.00 12.44 ? 90  PRO A CD  1 
ATOM   703  N  N   . VAL A 1 92  ? 6.642   -1.870  7.712   1.00 13.07 ? 91  VAL A N   1 
ATOM   704  C  CA  . VAL A 1 92  ? 6.914   -3.075  8.507   1.00 13.68 ? 91  VAL A CA  1 
ATOM   705  C  C   . VAL A 1 92  ? 7.181   -4.335  7.674   1.00 13.96 ? 91  VAL A C   1 
ATOM   706  O  O   . VAL A 1 92  ? 7.549   -5.360  8.242   1.00 15.83 ? 91  VAL A O   1 
ATOM   707  C  CB  . VAL A 1 92  ? 5.790   -3.358  9.572   1.00 13.63 ? 91  VAL A CB  1 
ATOM   708  C  CG1 . VAL A 1 92  ? 5.737   -2.205  10.584  1.00 14.73 ? 91  VAL A CG1 1 
ATOM   709  C  CG2 . VAL A 1 92  ? 4.460   -3.596  8.848   1.00 14.13 ? 91  VAL A CG2 1 
ATOM   710  N  N   . GLY A 1 93  ? 6.977   -4.267  6.367   1.00 13.70 ? 92  GLY A N   1 
ATOM   711  C  CA  . GLY A 1 93  ? 7.153   -5.448  5.504   1.00 13.51 ? 92  GLY A CA  1 
ATOM   712  C  C   . GLY A 1 93  ? 6.775   -5.152  4.078   1.00 13.39 ? 92  GLY A C   1 
ATOM   713  O  O   . GLY A 1 93  ? 6.295   -4.065  3.775   1.00 14.15 ? 92  GLY A O   1 
ATOM   714  N  N   . VAL A 1 94  ? 7.002   -6.109  3.185   1.00 13.67 ? 93  VAL A N   1 
ATOM   715  C  CA  . VAL A 1 94  ? 6.585   -5.899  1.808   1.00 13.94 ? 93  VAL A CA  1 
ATOM   716  C  C   . VAL A 1 94  ? 6.192   -7.240  1.207   1.00 14.20 ? 93  VAL A C   1 
ATOM   717  O  O   . VAL A 1 94  ? 6.844   -8.240  1.472   1.00 14.69 ? 93  VAL A O   1 
ATOM   718  C  CB  . VAL A 1 94  ? 7.689   -5.213  0.942   1.00 15.18 ? 93  VAL A CB  1 
ATOM   719  C  CG1 . VAL A 1 94  ? 9.048   -5.965  1.051   1.00 15.06 ? 93  VAL A CG1 1 
ATOM   720  C  CG2 . VAL A 1 94  ? 7.239   -5.163  -0.519  1.00 14.81 ? 93  VAL A CG2 1 
ATOM   721  N  N   . LEU A 1 95  ? 5.103   -7.233  0.447   1.00 13.43 ? 94  LEU A N   1 
ATOM   722  C  CA  . LEU A 1 95  ? 4.617   -8.448  -0.224  1.00 14.71 ? 94  LEU A CA  1 
ATOM   723  C  C   . LEU A 1 95  ? 5.049   -8.394  -1.704  1.00 16.36 ? 94  LEU A C   1 
ATOM   724  O  O   . LEU A 1 95  ? 4.663   -7.492  -2.465  1.00 16.14 ? 94  LEU A O   1 
ATOM   725  C  CB  . LEU A 1 95  ? 3.077   -8.520  -0.112  1.00 13.82 ? 94  LEU A CB  1 
ATOM   726  C  CG  . LEU A 1 95  ? 2.496   -9.783  -0.765  1.00 15.06 ? 94  LEU A CG  1 
ATOM   727  C  CD1 . LEU A 1 95  ? 2.913   -11.059 -0.051  1.00 16.21 ? 94  LEU A CD1 1 
ATOM   728  C  CD2 . LEU A 1 95  ? 0.983   -9.663  -0.724  1.00 15.46 ? 94  LEU A CD2 1 
ATOM   729  N  N   . LYS A 1 96  ? 5.872   -9.354  -2.124  1.00 17.75 ? 95  LYS A N   1 
ATOM   730  C  CA  . LYS A 1 96  ? 6.310   -9.382  -3.533  1.00 20.43 ? 95  LYS A CA  1 
ATOM   731  C  C   . LYS A 1 96  ? 5.346   -10.185 -4.413  1.00 20.83 ? 95  LYS A C   1 
ATOM   732  O  O   . LYS A 1 96  ? 4.823   -11.207 -3.964  1.00 20.71 ? 95  LYS A O   1 
ATOM   733  C  CB  . LYS A 1 96  ? 7.731   -9.963  -3.612  1.00 20.87 ? 95  LYS A CB  1 
ATOM   734  C  CG  . LYS A 1 96  ? 8.712   -9.206  -2.740  1.00 24.42 ? 95  LYS A CG  1 
ATOM   735  C  CD  . LYS A 1 96  ? 9.288   -7.990  -3.463  1.00 28.31 ? 95  LYS A CD  1 
ATOM   736  C  CE  . LYS A 1 96  ? 10.443  -8.414  -4.417  1.00 33.01 ? 95  LYS A CE  1 
ATOM   737  N  NZ  . LYS A 1 96  ? 10.672  -7.447  -5.546  1.00 34.71 ? 95  LYS A NZ  1 
HETATM 738  N  N   . MSE A 1 97  ? 5.080   -9.707  -5.636  1.00 21.76 ? 96  MSE A N   1 
HETATM 739  C  CA  . MSE A 1 97  ? 4.184   -10.423 -6.581  1.00 24.22 ? 96  MSE A CA  1 
HETATM 740  C  C   . MSE A 1 97  ? 4.524   -10.174 -8.068  1.00 26.07 ? 96  MSE A C   1 
HETATM 741  O  O   . MSE A 1 97  ? 5.510   -9.509  -8.362  1.00 26.45 ? 96  MSE A O   1 
HETATM 742  C  CB  . MSE A 1 97  ? 2.710   -10.078 -6.309  1.00 23.95 ? 96  MSE A CB  1 
HETATM 743  C  CG  . MSE A 1 97  ? 2.373   -8.599  -6.554  1.00 24.72 ? 96  MSE A CG  1 
HETATM 744  SE SE  . MSE A 1 97  ? 0.689   -8.139  -5.733  1.00 23.75 ? 96  MSE A SE  1 
HETATM 745  C  CE  . MSE A 1 97  ? 1.113   -8.621  -3.923  1.00 25.49 ? 96  MSE A CE  1 
ATOM   746  N  N   . SER A 1 98  ? 3.695   -10.715 -8.975  1.00 28.87 ? 97  SER A N   1 
ATOM   747  C  CA  . SER A 1 98  ? 3.758   -10.462 -10.431 1.00 31.50 ? 97  SER A CA  1 
ATOM   748  C  C   . SER A 1 98  ? 2.368   -10.428 -11.055 1.00 33.33 ? 97  SER A C   1 
ATOM   749  O  O   . SER A 1 98  ? 1.451   -11.092 -10.576 1.00 32.97 ? 97  SER A O   1 
ATOM   750  C  CB  . SER A 1 98  ? 4.559   -11.554 -11.140 1.00 31.47 ? 97  SER A CB  1 
ATOM   751  O  OG  . SER A 1 98  ? 5.910   -11.535 -10.723 1.00 34.98 ? 97  SER A OG  1 
ATOM   752  N  N   . ASP A 1 99  ? 2.212   -9.670  -12.138 1.00 35.65 ? 98  ASP A N   1 
ATOM   753  C  CA  . ASP A 1 99  ? 0.930   -9.638  -12.849 1.00 37.97 ? 98  ASP A CA  1 
ATOM   754  C  C   . ASP A 1 99  ? 1.099   -9.592  -14.388 1.00 39.36 ? 98  ASP A C   1 
ATOM   755  O  O   . ASP A 1 99  ? 2.208   -9.820  -14.901 1.00 39.91 ? 98  ASP A O   1 
ATOM   756  C  CB  . ASP A 1 99  ? 0.002   -8.537  -12.289 1.00 38.05 ? 98  ASP A CB  1 
ATOM   757  C  CG  . ASP A 1 99  ? 0.489   -7.120  -12.581 1.00 39.54 ? 98  ASP A CG  1 
ATOM   758  O  OD1 . ASP A 1 99  ? 1.319   -6.921  -13.494 1.00 40.59 ? 98  ASP A OD1 1 
ATOM   759  O  OD2 . ASP A 1 99  ? 0.006   -6.189  -11.893 1.00 40.62 ? 98  ASP A OD2 1 
ATOM   760  N  N   . GLU A 1 100 ? 0.000   -9.323  -15.104 1.00 40.84 ? 99  GLU A N   1 
ATOM   761  C  CA  . GLU A 1 100 ? 0.010   -9.214  -16.577 1.00 42.17 ? 99  GLU A CA  1 
ATOM   762  C  C   . GLU A 1 100 ? 0.974   -8.142  -17.120 1.00 42.33 ? 99  GLU A C   1 
ATOM   763  O  O   . GLU A 1 100 ? 1.292   -8.134  -18.314 1.00 43.16 ? 99  GLU A O   1 
ATOM   764  C  CB  . GLU A 1 100 ? -1.411  -8.996  -17.128 1.00 42.25 ? 99  GLU A CB  1 
ATOM   765  C  CG  . GLU A 1 100 ? -2.000  -7.589  -16.897 1.00 44.45 ? 99  GLU A CG  1 
ATOM   766  C  CD  . GLU A 1 100 ? -2.628  -7.401  -15.527 1.00 47.63 ? 99  GLU A CD  1 
ATOM   767  O  OE1 . GLU A 1 100 ? -2.480  -8.286  -14.653 1.00 49.65 ? 99  GLU A OE1 1 
ATOM   768  O  OE2 . GLU A 1 100 ? -3.285  -6.358  -15.319 1.00 49.65 ? 99  GLU A OE2 1 
ATOM   769  N  N   . ALA A 1 101 ? 1.443   -7.261  -16.233 1.00 42.42 ? 100 ALA A N   1 
ATOM   770  C  CA  . ALA A 1 101 ? 2.349   -6.160  -16.591 1.00 41.93 ? 100 ALA A CA  1 
ATOM   771  C  C   . ALA A 1 101 ? 3.775   -6.306  -16.016 1.00 41.43 ? 100 ALA A C   1 
ATOM   772  O  O   . ALA A 1 101 ? 4.622   -5.422  -16.220 1.00 42.30 ? 100 ALA A O   1 
ATOM   773  C  CB  . ALA A 1 101 ? 1.729   -4.810  -16.179 1.00 41.94 ? 100 ALA A CB  1 
ATOM   774  N  N   . GLY A 1 102 ? 4.035   -7.413  -15.312 1.00 40.23 ? 101 GLY A N   1 
ATOM   775  C  CA  . GLY A 1 102 ? 5.369   -7.712  -14.744 1.00 37.74 ? 101 GLY A CA  1 
ATOM   776  C  C   . GLY A 1 102 ? 5.393   -7.729  -13.214 1.00 36.32 ? 101 GLY A C   1 
ATOM   777  O  O   . GLY A 1 102 ? 4.348   -7.900  -12.576 1.00 36.38 ? 101 GLY A O   1 
ATOM   778  N  N   . GLY A 1 103 ? 6.579   -7.536  -12.629 1.00 33.86 ? 102 GLY A N   1 
ATOM   779  C  CA  . GLY A 1 103 ? 6.739   -7.523  -11.157 1.00 31.27 ? 102 GLY A CA  1 
ATOM   780  C  C   . GLY A 1 103 ? 6.078   -6.359  -10.416 1.00 28.84 ? 102 GLY A C   1 
ATOM   781  O  O   . GLY A 1 103 ? 5.836   -5.292  -10.982 1.00 29.62 ? 102 GLY A O   1 
ATOM   782  N  N   . ASP A 1 104 ? 5.806   -6.565  -9.129  1.00 25.95 ? 103 ASP A N   1 
ATOM   783  C  CA  . ASP A 1 104 ? 5.079   -5.581  -8.324  1.00 22.65 ? 103 ASP A CA  1 
ATOM   784  C  C   . ASP A 1 104 ? 5.387   -5.884  -6.862  1.00 20.72 ? 103 ASP A C   1 
ATOM   785  O  O   . ASP A 1 104 ? 5.836   -6.978  -6.496  1.00 21.42 ? 103 ASP A O   1 
ATOM   786  C  CB  . ASP A 1 104 ? 3.567   -5.697  -8.605  1.00 23.22 ? 103 ASP A CB  1 
ATOM   787  C  CG  . ASP A 1 104 ? 2.787   -4.429  -8.279  1.00 22.56 ? 103 ASP A CG  1 
ATOM   788  O  OD1 . ASP A 1 104 ? 3.379   -3.414  -7.832  1.00 23.65 ? 103 ASP A OD1 1 
ATOM   789  O  OD2 . ASP A 1 104 ? 1.557   -4.445  -8.478  1.00 23.59 ? 103 ASP A OD2 1 
ATOM   790  N  N   A GLU A 1 105 ? 5.150   -4.900  -6.006  0.50 19.92 ? 104 GLU A N   1 
ATOM   791  N  N   B GLU A 1 105 ? 5.114   -4.910  -6.017  0.50 19.35 ? 104 GLU A N   1 
ATOM   792  C  CA  A GLU A 1 105 ? 5.288   -5.101  -4.573  0.50 18.99 ? 104 GLU A CA  1 
ATOM   793  C  CA  B GLU A 1 105 ? 5.228   -5.112  -4.596  0.50 17.85 ? 104 GLU A CA  1 
ATOM   794  C  C   A GLU A 1 105 ? 4.305   -4.191  -3.839  0.50 17.92 ? 104 GLU A C   1 
ATOM   795  C  C   B GLU A 1 105 ? 4.137   -4.287  -3.948  0.50 17.20 ? 104 GLU A C   1 
ATOM   796  O  O   A GLU A 1 105 ? 4.063   -3.060  -4.248  0.50 17.25 ? 104 GLU A O   1 
ATOM   797  O  O   B GLU A 1 105 ? 3.667   -3.311  -4.516  0.50 16.39 ? 104 GLU A O   1 
ATOM   798  C  CB  A GLU A 1 105 ? 6.731   -4.858  -4.118  0.50 19.90 ? 104 GLU A CB  1 
ATOM   799  C  CB  B GLU A 1 105 ? 6.595   -4.660  -4.099  0.50 18.32 ? 104 GLU A CB  1 
ATOM   800  C  CG  A GLU A 1 105 ? 7.213   -3.435  -4.319  0.50 21.50 ? 104 GLU A CG  1 
ATOM   801  C  CG  B GLU A 1 105 ? 6.913   -3.221  -4.437  0.50 16.78 ? 104 GLU A CG  1 
ATOM   802  C  CD  A GLU A 1 105 ? 8.717   -3.298  -4.597  0.50 24.84 ? 104 GLU A CD  1 
ATOM   803  C  CD  B GLU A 1 105 ? 7.453   -3.044  -5.852  0.50 17.21 ? 104 GLU A CD  1 
ATOM   804  O  OE1 A GLU A 1 105 ? 9.531   -4.179  -4.232  0.50 27.87 ? 104 GLU A OE1 1 
ATOM   805  O  OE1 B GLU A 1 105 ? 8.315   -3.861  -6.255  0.50 18.36 ? 104 GLU A OE1 1 
ATOM   806  O  OE2 A GLU A 1 105 ? 9.086   -2.266  -5.180  0.50 26.13 ? 104 GLU A OE2 1 
ATOM   807  O  OE2 B GLU A 1 105 ? 7.002   -2.105  -6.562  0.50 14.80 ? 104 GLU A OE2 1 
ATOM   808  N  N   . LYS A 1 106 ? 3.734   -4.713  -2.765  1.00 16.57 ? 105 LYS A N   1 
ATOM   809  C  CA  . LYS A 1 106 ? 2.802   -3.965  -1.955  1.00 15.52 ? 105 LYS A CA  1 
ATOM   810  C  C   . LYS A 1 106 ? 3.419   -3.875  -0.568  1.00 13.75 ? 105 LYS A C   1 
ATOM   811  O  O   . LYS A 1 106 ? 3.534   -4.887  0.153   1.00 14.68 ? 105 LYS A O   1 
ATOM   812  C  CB  . LYS A 1 106 ? 1.444   -4.684  -1.899  1.00 16.15 ? 105 LYS A CB  1 
ATOM   813  C  CG  . LYS A 1 106 ? 0.797   -5.023  -3.258  1.00 17.44 ? 105 LYS A CG  1 
ATOM   814  C  CD  . LYS A 1 106 ? 0.610   -3.844  -4.174  1.00 18.54 ? 105 LYS A CD  1 
ATOM   815  C  CE  . LYS A 1 106 ? -0.078  -4.289  -5.465  1.00 21.16 ? 105 LYS A CE  1 
ATOM   816  N  NZ  . LYS A 1 106 ? 0.060   -3.272  -6.534  1.00 21.06 ? 105 LYS A NZ  1 
ATOM   817  N  N   . LEU A 1 107 ? 3.846   -2.677  -0.173  1.00 12.58 ? 106 LEU A N   1 
ATOM   818  C  CA  . LEU A 1 107 ? 4.386   -2.528  1.156   1.00 12.16 ? 106 LEU A CA  1 
ATOM   819  C  C   . LEU A 1 107 ? 3.287   -2.647  2.185   1.00 11.88 ? 106 LEU A C   1 
ATOM   820  O  O   . LEU A 1 107 ? 2.107   -2.442  1.874   1.00 12.33 ? 106 LEU A O   1 
ATOM   821  C  CB  . LEU A 1 107 ? 5.091   -1.191  1.328   1.00 10.97 ? 106 LEU A CB  1 
ATOM   822  C  CG  . LEU A 1 107 ? 6.527   -1.163  0.821   1.00 12.38 ? 106 LEU A CG  1 
ATOM   823  C  CD1 . LEU A 1 107 ? 6.673   -1.396  -0.690  1.00 14.79 ? 106 LEU A CD1 1 
ATOM   824  C  CD2 . LEU A 1 107 ? 7.207   0.102   1.263   1.00 14.28 ? 106 LEU A CD2 1 
ATOM   825  N  N   . LEU A 1 108 ? 3.689   -2.981  3.396   1.00 12.01 ? 107 LEU A N   1 
ATOM   826  C  CA  . LEU A 1 108 ? 2.780   -2.957  4.532   1.00 12.08 ? 107 LEU A CA  1 
ATOM   827  C  C   . LEU A 1 108 ? 3.359   -2.006  5.556   1.00 11.88 ? 107 LEU A C   1 
ATOM   828  O  O   . LEU A 1 108 ? 4.578   -2.049  5.834   1.00 12.41 ? 107 LEU A O   1 
ATOM   829  C  CB  . LEU A 1 108 ? 2.629   -4.351  5.135   1.00 11.33 ? 107 LEU A CB  1 
ATOM   830  C  CG  . LEU A 1 108 ? 1.541   -4.550  6.220   1.00 12.31 ? 107 LEU A CG  1 
ATOM   831  C  CD1 . LEU A 1 108 ? 0.145   -4.082  5.666   1.00 13.32 ? 107 LEU A CD1 1 
ATOM   832  C  CD2 . LEU A 1 108 ? 1.486   -5.984  6.760   1.00 14.46 ? 107 LEU A CD2 1 
ATOM   833  N  N   . ALA A 1 109 ? 2.496   -1.159  6.111   1.00 12.99 ? 108 ALA A N   1 
ATOM   834  C  CA  . ALA A 1 109 ? 2.930   -0.120  7.041   1.00 12.47 ? 108 ALA A CA  1 
ATOM   835  C  C   . ALA A 1 109 ? 1.906   0.033   8.163   1.00 13.80 ? 108 ALA A C   1 
ATOM   836  O  O   . ALA A 1 109 ? 0.762   -0.396  8.020   1.00 12.60 ? 108 ALA A O   1 
ATOM   837  C  CB  . ALA A 1 109 ? 3.091   1.217   6.337   1.00 13.57 ? 108 ALA A CB  1 
ATOM   838  N  N   . VAL A 1 110 ? 2.359   0.640   9.273   1.00 13.23 ? 109 VAL A N   1 
ATOM   839  C  CA  . VAL A 1 110 ? 1.457   1.072   10.363  1.00 12.97 ? 109 VAL A CA  1 
ATOM   840  C  C   . VAL A 1 110 ? 1.553   2.592   10.531  1.00 12.95 ? 109 VAL A C   1 
ATOM   841  O  O   . VAL A 1 110 ? 2.525   3.224   10.098  1.00 13.75 ? 109 VAL A O   1 
ATOM   842  C  CB  . VAL A 1 110 ? 1.827   0.346   11.720  1.00 13.47 ? 109 VAL A CB  1 
ATOM   843  C  CG1 . VAL A 1 110 ? 1.554   -1.162  11.573  1.00 14.26 ? 109 VAL A CG1 1 
ATOM   844  C  CG2 . VAL A 1 110 ? 3.285   0.626   12.113  1.00 15.75 ? 109 VAL A CG2 1 
ATOM   845  N  N   . PRO A 1 111 ? 0.547   3.201   11.154  1.00 13.14 ? 110 PRO A N   1 
ATOM   846  C  CA  . PRO A 1 111 ? 0.602   4.624   11.383  1.00 13.34 ? 110 PRO A CA  1 
ATOM   847  C  C   . PRO A 1 111 ? 1.796   4.959   12.273  1.00 13.95 ? 110 PRO A C   1 
ATOM   848  O  O   . PRO A 1 111 ? 2.200   4.122   13.134  1.00 13.24 ? 110 PRO A O   1 
ATOM   849  C  CB  . PRO A 1 111 ? -0.738  4.932   12.117  1.00 12.58 ? 110 PRO A CB  1 
ATOM   850  C  CG  . PRO A 1 111 ? -1.619  3.792   11.784  1.00 13.77 ? 110 PRO A CG  1 
ATOM   851  C  CD  . PRO A 1 111 ? -0.683  2.592   11.703  1.00 12.08 ? 110 PRO A CD  1 
ATOM   852  N  N   . HIS A 1 112 ? 2.407   6.134   12.027  1.00 14.86 ? 111 HIS A N   1 
ATOM   853  C  CA  . HIS A 1 112 ? 3.466   6.645   12.887  1.00 16.17 ? 111 HIS A CA  1 
ATOM   854  C  C   . HIS A 1 112 ? 3.042   6.727   14.359  1.00 16.33 ? 111 HIS A C   1 
ATOM   855  O  O   . HIS A 1 112 ? 1.851   6.956   14.646  1.00 14.48 ? 111 HIS A O   1 
ATOM   856  C  CB  . HIS A 1 112 ? 3.835   8.037   12.389  1.00 16.75 ? 111 HIS A CB  1 
ATOM   857  C  CG  . HIS A 1 112 ? 5.084   8.565   13.005  1.00 19.83 ? 111 HIS A CG  1 
ATOM   858  N  ND1 . HIS A 1 112 ? 5.094   9.198   14.229  1.00 23.23 ? 111 HIS A ND1 1 
ATOM   859  C  CD2 . HIS A 1 112 ? 6.378   8.507   12.594  1.00 22.13 ? 111 HIS A CD2 1 
ATOM   860  C  CE1 . HIS A 1 112 ? 6.339   9.535   14.535  1.00 26.46 ? 111 HIS A CE1 1 
ATOM   861  N  NE2 . HIS A 1 112 ? 7.134   9.122   13.561  1.00 24.65 ? 111 HIS A NE2 1 
ATOM   862  N  N   . GLU A 1 113 ? 3.989   6.514   15.282  1.00 17.23 ? 112 GLU A N   1 
ATOM   863  C  CA  . GLU A 1 113 ? 3.720   6.572   16.734  1.00 20.13 ? 112 GLU A CA  1 
ATOM   864  C  C   . GLU A 1 113 ? 2.958   7.839   17.193  1.00 20.46 ? 112 GLU A C   1 
ATOM   865  O  O   . GLU A 1 113 ? 2.170   7.797   18.148  1.00 22.19 ? 112 GLU A O   1 
ATOM   866  C  CB  . GLU A 1 113 ? 5.063   6.465   17.535  1.00 21.00 ? 112 GLU A CB  1 
ATOM   867  C  CG  . GLU A 1 113 ? 6.098   7.540   17.092  1.00 28.35 ? 112 GLU A CG  1 
ATOM   868  C  CD  . GLU A 1 113 ? 7.279   7.740   18.061  1.00 36.35 ? 112 GLU A CD  1 
ATOM   869  O  OE1 . GLU A 1 113 ? 7.871   8.862   18.066  1.00 38.31 ? 112 GLU A OE1 1 
ATOM   870  O  OE2 . GLU A 1 113 ? 7.610   6.794   18.822  1.00 38.85 ? 112 GLU A OE2 1 
ATOM   871  N  N   . LYS A 1 114 ? 3.203   8.959   16.518  1.00 20.34 ? 113 LYS A N   1 
ATOM   872  C  CA  . LYS A 1 114 ? 2.532   10.210  16.844  1.00 20.26 ? 113 LYS A CA  1 
ATOM   873  C  C   . LYS A 1 114 ? 1.023   10.119  16.638  1.00 18.97 ? 113 LYS A C   1 
ATOM   874  O  O   . LYS A 1 114 ? 0.256   10.856  17.276  1.00 20.12 ? 113 LYS A O   1 
ATOM   875  C  CB  . LYS A 1 114 ? 3.127   11.390  16.048  1.00 20.56 ? 113 LYS A CB  1 
ATOM   876  C  CG  . LYS A 1 114 ? 4.495   11.913  16.576  1.00 26.21 ? 113 LYS A CG  1 
ATOM   877  C  CD  . LYS A 1 114 ? 4.330   12.812  17.798  1.00 30.06 ? 113 LYS A CD  1 
ATOM   878  C  CE  . LYS A 1 114 ? 4.393   12.017  19.116  1.00 33.33 ? 113 LYS A CE  1 
ATOM   879  N  NZ  . LYS A 1 114 ? 3.432   12.475  20.173  1.00 37.36 ? 113 LYS A NZ  1 
ATOM   880  N  N   . LEU A 1 115 ? 0.593   9.195   15.777  1.00 16.35 ? 114 LEU A N   1 
ATOM   881  C  CA  . LEU A 1 115 ? -0.856  9.066   15.477  1.00 14.80 ? 114 LEU A CA  1 
ATOM   882  C  C   . LEU A 1 115 ? -1.623  8.144   16.412  1.00 15.20 ? 114 LEU A C   1 
ATOM   883  O  O   . LEU A 1 115 ? -2.835  8.257   16.544  1.00 15.61 ? 114 LEU A O   1 
ATOM   884  C  CB  . LEU A 1 115 ? -1.081  8.588   14.035  1.00 13.56 ? 114 LEU A CB  1 
ATOM   885  C  CG  . LEU A 1 115 ? -1.096  9.667   12.952  1.00 13.90 ? 114 LEU A CG  1 
ATOM   886  C  CD1 . LEU A 1 115 ? 0.186   10.542  12.936  1.00 16.89 ? 114 LEU A CD1 1 
ATOM   887  C  CD2 . LEU A 1 115 ? -1.335  9.004   11.598  1.00 14.58 ? 114 LEU A CD2 1 
ATOM   888  N  N   . THR A 1 116 ? -0.921  7.189   17.012  1.00 15.91 ? 115 THR A N   1 
ATOM   889  C  CA  . THR A 1 116 ? -1.563  6.158   17.816  1.00 16.20 ? 115 THR A CA  1 
ATOM   890  C  C   . THR A 1 116 ? -0.480  5.361   18.533  1.00 16.11 ? 115 THR A C   1 
ATOM   891  O  O   . THR A 1 116 ? 0.591   5.149   17.964  1.00 16.78 ? 115 THR A O   1 
ATOM   892  C  CB  . THR A 1 116 ? -2.395  5.164   16.966  1.00 16.29 ? 115 THR A CB  1 
ATOM   893  O  OG1 . THR A 1 116 ? -3.032  4.235   17.856  1.00 16.32 ? 115 THR A OG1 1 
ATOM   894  C  CG2 . THR A 1 116 ? -1.531  4.410   15.915  1.00 17.31 ? 115 THR A CG2 1 
ATOM   895  N  N   . GLN A 1 117 ? -0.784  4.913   19.757  1.00 16.22 ? 116 GLN A N   1 
ATOM   896  C  CA  . GLN A 1 117 ? 0.078   3.966   20.481  1.00 17.26 ? 116 GLN A CA  1 
ATOM   897  C  C   . GLN A 1 117 ? -0.240  2.504   20.139  1.00 17.30 ? 116 GLN A C   1 
ATOM   898  O  O   . GLN A 1 117 ? 0.442   1.574   20.631  1.00 18.34 ? 116 GLN A O   1 
ATOM   899  C  CB  . GLN A 1 117 ? -0.094  4.195   21.980  1.00 18.16 ? 116 GLN A CB  1 
ATOM   900  C  CG  . GLN A 1 117 ? 0.217   5.646   22.398  1.00 22.30 ? 116 GLN A CG  1 
ATOM   901  C  CD  . GLN A 1 117 ? 1.634   6.074   22.031  1.00 28.74 ? 116 GLN A CD  1 
ATOM   902  O  OE1 . GLN A 1 117 ? 1.852   6.794   21.033  1.00 33.32 ? 116 GLN A OE1 1 
ATOM   903  N  NE2 . GLN A 1 117 ? 2.607   5.611   22.811  1.00 30.66 ? 116 GLN A NE2 1 
ATOM   904  N  N   . LEU A 1 118 ? -1.212  2.272   19.252  1.00 15.53 ? 117 LEU A N   1 
ATOM   905  C  CA  . LEU A 1 118 ? -1.698  0.904   19.012  1.00 16.01 ? 117 LEU A CA  1 
ATOM   906  C  C   . LEU A 1 118 ? -0.662  -0.069  18.411  1.00 15.59 ? 117 LEU A C   1 
ATOM   907  O  O   . LEU A 1 118 ? -0.800  -1.300  18.526  1.00 17.63 ? 117 LEU A O   1 
ATOM   908  C  CB  . LEU A 1 118 ? -2.904  0.945   18.068  1.00 16.39 ? 117 LEU A CB  1 
ATOM   909  C  CG  . LEU A 1 118 ? -4.226  1.319   18.712  1.00 17.91 ? 117 LEU A CG  1 
ATOM   910  C  CD1 . LEU A 1 118 ? -5.225  1.585   17.553  1.00 16.38 ? 117 LEU A CD1 1 
ATOM   911  C  CD2 . LEU A 1 118 ? -4.709  0.211   19.657  1.00 20.71 ? 117 LEU A CD2 1 
ATOM   912  N  N   . TYR A 1 119 ? 0.349   0.476   17.750  1.00 16.24 ? 118 TYR A N   1 
ATOM   913  C  CA  . TYR A 1 119 ? 1.278   -0.366  16.999  1.00 15.88 ? 118 TYR A CA  1 
ATOM   914  C  C   . TYR A 1 119 ? 2.689   -0.291  17.507  1.00 17.40 ? 118 TYR A C   1 
ATOM   915  O  O   . TYR A 1 119 ? 3.631   -0.560  16.776  1.00 16.70 ? 118 TYR A O   1 
ATOM   916  C  CB  . TYR A 1 119 ? 1.215   -0.004  15.499  1.00 16.57 ? 118 TYR A CB  1 
ATOM   917  C  CG  . TYR A 1 119 ? -0.217  -0.089  14.966  1.00 16.28 ? 118 TYR A CG  1 
ATOM   918  C  CD1 . TYR A 1 119 ? -0.810  -1.327  14.708  1.00 18.44 ? 118 TYR A CD1 1 
ATOM   919  C  CD2 . TYR A 1 119 ? -1.007  1.061   14.833  1.00 15.56 ? 118 TYR A CD2 1 
ATOM   920  C  CE1 . TYR A 1 119 ? -2.146  -1.424  14.272  1.00 17.95 ? 118 TYR A CE1 1 
ATOM   921  C  CE2 . TYR A 1 119 ? -2.324  0.971   14.385  1.00 15.39 ? 118 TYR A CE2 1 
ATOM   922  C  CZ  . TYR A 1 119 ? -2.883  -0.265  14.112  1.00 16.21 ? 118 TYR A CZ  1 
ATOM   923  O  OH  . TYR A 1 119 ? -4.208  -0.322  13.689  1.00 15.93 ? 118 TYR A OH  1 
ATOM   924  N  N   . ASN A 1 120 ? 2.828   0.115   18.773  1.00 17.87 ? 119 ASN A N   1 
ATOM   925  C  CA  . ASN A 1 120 ? 4.152   0.293   19.343  1.00 19.10 ? 119 ASN A CA  1 
ATOM   926  C  C   . ASN A 1 120 ? 4.986   -0.976  19.379  1.00 19.72 ? 119 ASN A C   1 
ATOM   927  O  O   . ASN A 1 120 ? 6.222   -0.892  19.475  1.00 21.52 ? 119 ASN A O   1 
ATOM   928  C  CB  . ASN A 1 120 ? 4.016   0.817   20.758  1.00 19.21 ? 119 ASN A CB  1 
ATOM   929  C  CG  . ASN A 1 120 ? 3.667   2.261   20.813  1.00 21.09 ? 119 ASN A CG  1 
ATOM   930  O  OD1 . ASN A 1 120 ? 3.569   2.952   19.791  1.00 19.69 ? 119 ASN A OD1 1 
ATOM   931  N  ND2 . ASN A 1 120 ? 3.468   2.750   22.040  1.00 21.57 ? 119 ASN A ND2 1 
ATOM   932  N  N   . ASP A 1 121 ? 4.326   -2.127  19.359  1.00 19.43 ? 120 ASP A N   1 
ATOM   933  C  CA  . ASP A 1 121 ? 5.027   -3.421  19.373  1.00 20.46 ? 120 ASP A CA  1 
ATOM   934  C  C   . ASP A 1 121 ? 5.114   -4.094  18.004  1.00 19.59 ? 120 ASP A C   1 
ATOM   935  O  O   . ASP A 1 121 ? 5.555   -5.264  17.888  1.00 20.27 ? 120 ASP A O   1 
ATOM   936  C  CB  . ASP A 1 121 ? 4.382   -4.335  20.405  1.00 21.86 ? 120 ASP A CB  1 
ATOM   937  C  CG  . ASP A 1 121 ? 4.556   -3.795  21.813  1.00 25.78 ? 120 ASP A CG  1 
ATOM   938  O  OD1 . ASP A 1 121 ? 5.613   -3.170  22.088  1.00 28.93 ? 120 ASP A OD1 1 
ATOM   939  O  OD2 . ASP A 1 121 ? 3.620   -3.942  22.605  1.00 31.94 ? 120 ASP A OD2 1 
ATOM   940  N  N   A ILE A 1 122 ? 4.735   -3.373  16.950  0.60 17.53 ? 121 ILE A N   1 
ATOM   941  N  N   B ILE A 1 122 ? 4.760   -3.334  16.972  0.40 18.05 ? 121 ILE A N   1 
ATOM   942  C  CA  A ILE A 1 122 ? 4.837   -3.925  15.597  0.60 16.97 ? 121 ILE A CA  1 
ATOM   943  C  CA  B ILE A 1 122 ? 4.863   -3.802  15.600  0.40 17.44 ? 121 ILE A CA  1 
ATOM   944  C  C   A ILE A 1 122 ? 5.965   -3.255  14.854  0.60 17.10 ? 121 ILE A C   1 
ATOM   945  C  C   B ILE A 1 122 ? 6.058   -3.131  14.954  0.40 17.49 ? 121 ILE A C   1 
ATOM   946  O  O   A ILE A 1 122 ? 5.778   -2.162  14.310  0.60 15.77 ? 121 ILE A O   1 
ATOM   947  O  O   B ILE A 1 122 ? 6.015   -1.949  14.614  0.40 17.28 ? 121 ILE A O   1 
ATOM   948  C  CB  A ILE A 1 122 ? 3.514   -3.806  14.768  0.60 16.21 ? 121 ILE A CB  1 
ATOM   949  C  CB  B ILE A 1 122 ? 3.558   -3.546  14.793  0.40 16.70 ? 121 ILE A CB  1 
ATOM   950  C  CG1 A ILE A 1 122 ? 2.402   -4.640  15.409  0.60 17.76 ? 121 ILE A CG1 1 
ATOM   951  C  CG1 B ILE A 1 122 ? 2.325   -3.967  15.616  0.40 17.75 ? 121 ILE A CG1 1 
ATOM   952  C  CG2 A ILE A 1 122 ? 3.709   -4.322  13.321  0.60 16.16 ? 121 ILE A CG2 1 
ATOM   953  C  CG2 B ILE A 1 122 ? 3.601   -4.255  13.418  0.40 16.99 ? 121 ILE A CG2 1 
ATOM   954  C  CD1 A ILE A 1 122 ? 1.028   -4.543  14.680  0.60 20.27 ? 121 ILE A CD1 1 
ATOM   955  C  CD1 B ILE A 1 122 ? 2.279   -5.452  16.013  0.40 18.39 ? 121 ILE A CD1 1 
ATOM   956  N  N   . HIS A 1 123 ? 7.124   -3.909  14.810  1.00 16.90 ? 122 HIS A N   1 
ATOM   957  C  CA  A HIS A 1 123 ? 8.284   -3.300  14.157  0.50 18.10 ? 122 HIS A CA  1 
ATOM   958  C  CA  B HIS A 1 123 ? 8.427   -3.439  14.287  0.50 17.73 ? 122 HIS A CA  1 
ATOM   959  C  C   . HIS A 1 123 ? 8.769   -4.030  12.917  1.00 17.48 ? 122 HIS A C   1 
ATOM   960  O  O   . HIS A 1 123 ? 9.470   -3.415  12.081  1.00 17.94 ? 122 HIS A O   1 
ATOM   961  C  CB  A HIS A 1 123 ? 9.433   -3.106  15.143  0.50 18.94 ? 122 HIS A CB  1 
ATOM   962  C  CB  B HIS A 1 123 ? 9.542   -3.842  15.259  0.50 17.59 ? 122 HIS A CB  1 
ATOM   963  C  CG  A HIS A 1 123 ? 9.102   -2.165  16.257  0.50 20.76 ? 122 HIS A CG  1 
ATOM   964  C  CG  B HIS A 1 123 ? 9.350   -3.324  16.649  0.50 18.69 ? 122 HIS A CG  1 
ATOM   965  N  ND1 A HIS A 1 123 ? 8.749   -2.603  17.517  0.50 23.23 ? 122 HIS A ND1 1 
ATOM   966  N  ND1 B HIS A 1 123 ? 9.561   -2.003  16.982  0.50 20.31 ? 122 HIS A ND1 1 
ATOM   967  C  CD2 A HIS A 1 123 ? 9.045   -0.815  16.296  0.50 23.05 ? 122 HIS A CD2 1 
ATOM   968  C  CD2 B HIS A 1 123 ? 8.953   -3.941  17.785  0.50 20.00 ? 122 HIS A CD2 1 
ATOM   969  C  CE1 A HIS A 1 123 ? 8.506   -1.560  18.289  0.50 23.20 ? 122 HIS A CE1 1 
ATOM   970  C  CE1 B HIS A 1 123 ? 9.301   -1.831  18.268  0.50 20.41 ? 122 HIS A CE1 1 
ATOM   971  N  NE2 A HIS A 1 123 ? 8.673   -0.463  17.572  0.50 24.45 ? 122 HIS A NE2 1 
ATOM   972  N  NE2 B HIS A 1 123 ? 8.936   -2.992  18.778  0.50 19.02 ? 122 HIS A NE2 1 
ATOM   973  N  N   . ASP A 1 124 ? 8.346   -5.275  12.730  1.00 15.81 ? 123 ASP A N   1 
ATOM   974  C  CA  . ASP A 1 124 ? 8.720   -6.004  11.533  1.00 15.84 ? 123 ASP A CA  1 
ATOM   975  C  C   . ASP A 1 124 ? 7.596   -6.963  11.190  1.00 16.04 ? 123 ASP A C   1 
ATOM   976  O  O   . ASP A 1 124 ? 6.591   -7.086  11.945  1.00 15.45 ? 123 ASP A O   1 
ATOM   977  C  CB  . ASP A 1 124 ? 10.041  -6.761  11.814  1.00 16.83 ? 123 ASP A CB  1 
ATOM   978  C  CG  . ASP A 1 124 ? 10.908  -6.970  10.568  1.00 17.74 ? 123 ASP A CG  1 
ATOM   979  O  OD1 . ASP A 1 124 ? 10.390  -6.946  9.426   1.00 15.14 ? 123 ASP A OD1 1 
ATOM   980  O  OD2 . ASP A 1 124 ? 12.162  -7.177  10.761  1.00 19.35 ? 123 ASP A OD2 1 
ATOM   981  N  N   . ILE A 1 125 ? 7.739   -7.623  10.053  1.00 15.97 ? 124 ILE A N   1 
ATOM   982  C  CA  . ILE A 1 125 ? 6.633   -8.375  9.463   1.00 15.74 ? 124 ILE A CA  1 
ATOM   983  C  C   . ILE A 1 125 ? 6.164   -9.538  10.355  1.00 15.86 ? 124 ILE A C   1 
ATOM   984  O  O   . ILE A 1 125 ? 4.970   -9.886  10.368  1.00 16.27 ? 124 ILE A O   1 
ATOM   985  C  CB  . ILE A 1 125 ? 6.964   -8.826  8.015   1.00 16.36 ? 124 ILE A CB  1 
ATOM   986  C  CG1 . ILE A 1 125 ? 5.729   -9.372  7.288   1.00 16.32 ? 124 ILE A CG1 1 
ATOM   987  C  CG2 . ILE A 1 125 ? 8.221   -9.775  7.979   1.00 15.78 ? 124 ILE A CG2 1 
ATOM   988  C  CD1 . ILE A 1 125 ? 4.562   -8.362  7.204   1.00 16.62 ? 124 ILE A CD1 1 
ATOM   989  N  N   A ASP A 1 126 ? 7.084   -10.115 11.123  0.50 16.25 ? 125 ASP A N   1 
ATOM   990  N  N   B ASP A 1 126 ? 7.089   -10.114 11.129  0.50 16.37 ? 125 ASP A N   1 
ATOM   991  C  CA  A ASP A 1 126 ? 6.717   -11.197 12.017  0.50 16.63 ? 125 ASP A CA  1 
ATOM   992  C  CA  B ASP A 1 126 ? 6.735   -11.216 12.018  0.50 16.89 ? 125 ASP A CA  1 
ATOM   993  C  C   A ASP A 1 126 ? 5.738   -10.742 13.101  0.50 16.37 ? 125 ASP A C   1 
ATOM   994  C  C   B ASP A 1 126 ? 5.946   -10.768 13.257  0.50 16.62 ? 125 ASP A C   1 
ATOM   995  O  O   A ASP A 1 126 ? 4.908   -11.534 13.557  0.50 16.49 ? 125 ASP A O   1 
ATOM   996  O  O   B ASP A 1 126 ? 5.488   -11.607 14.016  0.50 17.50 ? 125 ASP A O   1 
ATOM   997  C  CB  A ASP A 1 126 ? 7.968   -11.869 12.609  0.50 17.79 ? 125 ASP A CB  1 
ATOM   998  C  CB  B ASP A 1 126 ? 7.968   -12.079 12.402  0.50 17.97 ? 125 ASP A CB  1 
ATOM   999  C  CG  A ASP A 1 126 ? 8.726   -12.692 11.574  0.50 19.07 ? 125 ASP A CG  1 
ATOM   1000 C  CG  B ASP A 1 126 ? 8.950   -11.349 13.315  0.50 19.26 ? 125 ASP A CG  1 
ATOM   1001 O  OD1 A ASP A 1 126 ? 8.190   -12.927 10.473  0.50 22.35 ? 125 ASP A OD1 1 
ATOM   1002 O  OD1 B ASP A 1 126 ? 9.010   -10.103 13.269  0.50 23.39 ? 125 ASP A OD1 1 
ATOM   1003 O  OD2 A ASP A 1 126 ? 9.872   -13.092 11.855  0.50 24.28 ? 125 ASP A OD2 1 
ATOM   1004 O  OD2 B ASP A 1 126 ? 9.711   -12.019 14.075  0.50 21.65 ? 125 ASP A OD2 1 
ATOM   1005 N  N   . ASP A 1 127 ? 5.799   -9.455  13.456  1.00 15.82 ? 126 ASP A N   1 
ATOM   1006 C  CA  . ASP A 1 127 ? 4.939   -8.902  14.520  1.00 16.38 ? 126 ASP A CA  1 
ATOM   1007 C  C   . ASP A 1 127 ? 3.488   -8.648  14.090  1.00 16.39 ? 126 ASP A C   1 
ATOM   1008 O  O   . ASP A 1 127 ? 2.601   -8.430  14.946  1.00 17.64 ? 126 ASP A O   1 
ATOM   1009 C  CB  . ASP A 1 127 ? 5.482   -7.565  15.032  1.00 16.11 ? 126 ASP A CB  1 
ATOM   1010 C  CG  . ASP A 1 127 ? 6.893   -7.654  15.595  1.00 16.92 ? 126 ASP A CG  1 
ATOM   1011 O  OD1 . ASP A 1 127 ? 7.179   -8.638  16.305  1.00 19.60 ? 126 ASP A OD1 1 
ATOM   1012 O  OD2 . ASP A 1 127 ? 7.665   -6.705  15.340  1.00 18.03 ? 126 ASP A OD2 1 
ATOM   1013 N  N   . VAL A 1 128 ? 3.252   -8.620  12.780  1.00 15.80 ? 127 VAL A N   1 
ATOM   1014 C  CA  . VAL A 1 128 ? 1.916   -8.409  12.251  1.00 14.80 ? 127 VAL A CA  1 
ATOM   1015 C  C   . VAL A 1 128 ? 1.116   -9.699  12.442  1.00 15.20 ? 127 VAL A C   1 
ATOM   1016 O  O   . VAL A 1 128 ? 1.647   -10.799 12.207  1.00 15.06 ? 127 VAL A O   1 
ATOM   1017 C  CB  . VAL A 1 128 ? 2.005   -8.010  10.733  1.00 14.23 ? 127 VAL A CB  1 
ATOM   1018 C  CG1 . VAL A 1 128 ? 0.593   -7.856  10.097  1.00 15.06 ? 127 VAL A CG1 1 
ATOM   1019 C  CG2 . VAL A 1 128 ? 2.864   -6.745  10.560  1.00 14.92 ? 127 VAL A CG2 1 
ATOM   1020 N  N   . PRO A 1 129 ? -0.151  -9.571  12.881  1.00 16.04 ? 128 PRO A N   1 
ATOM   1021 C  CA  . PRO A 1 129 ? -1.000  -10.752 13.052  1.00 16.70 ? 128 PRO A CA  1 
ATOM   1022 C  C   . PRO A 1 129 ? -1.002  -11.636 11.811  1.00 15.15 ? 128 PRO A C   1 
ATOM   1023 O  O   . PRO A 1 129 ? -1.161  -11.151 10.674  1.00 14.82 ? 128 PRO A O   1 
ATOM   1024 C  CB  . PRO A 1 129 ? -2.396  -10.171 13.298  1.00 18.14 ? 128 PRO A CB  1 
ATOM   1025 C  CG  . PRO A 1 129 ? -2.162  -8.821  13.888  1.00 18.43 ? 128 PRO A CG  1 
ATOM   1026 C  CD  . PRO A 1 129 ? -0.825  -8.325  13.284  1.00 17.91 ? 128 PRO A CD  1 
ATOM   1027 N  N   . GLN A 1 130 ? -0.833  -12.940 12.021  1.00 15.17 ? 129 GLN A N   1 
ATOM   1028 C  CA  . GLN A 1 130 ? -0.729  -13.877 10.889  1.00 15.54 ? 129 GLN A CA  1 
ATOM   1029 C  C   . GLN A 1 130 ? -1.963  -13.865 10.008  1.00 14.98 ? 129 GLN A C   1 
ATOM   1030 O  O   . GLN A 1 130 ? -1.844  -13.895 8.778   1.00 15.09 ? 129 GLN A O   1 
ATOM   1031 C  CB  . GLN A 1 130 ? -0.507  -15.317 11.380  1.00 15.68 ? 129 GLN A CB  1 
ATOM   1032 C  CG  . GLN A 1 130 ? -0.231  -16.302 10.268  1.00 18.77 ? 129 GLN A CG  1 
ATOM   1033 C  CD  . GLN A 1 130 ? 1.099   -16.036 9.567   1.00 20.49 ? 129 GLN A CD  1 
ATOM   1034 O  OE1 . GLN A 1 130 ? 2.143   -15.989 10.219  1.00 22.66 ? 129 GLN A OE1 1 
ATOM   1035 N  NE2 . GLN A 1 130 ? 1.073   -15.889 8.243   1.00 18.59 ? 129 GLN A NE2 1 
ATOM   1036 N  N   . LEU A 1 131 ? -3.148  -13.843 10.611  1.00 14.78 ? 130 LEU A N   1 
ATOM   1037 C  CA  . LEU A 1 131 ? -4.343  -13.917 9.768   1.00 14.26 ? 130 LEU A CA  1 
ATOM   1038 C  C   . LEU A 1 131 ? -4.415  -12.710 8.849   1.00 13.92 ? 130 LEU A C   1 
ATOM   1039 O  O   . LEU A 1 131 ? -4.752  -12.843 7.657   1.00 14.13 ? 130 LEU A O   1 
ATOM   1040 C  CB  . LEU A 1 131 ? -5.641  -14.079 10.552  1.00 14.41 ? 130 LEU A CB  1 
ATOM   1041 C  CG  . LEU A 1 131 ? -6.904  -14.229 9.697   1.00 16.80 ? 130 LEU A CG  1 
ATOM   1042 C  CD1 . LEU A 1 131 ? -6.825  -15.406 8.716   1.00 20.22 ? 130 LEU A CD1 1 
ATOM   1043 C  CD2 . LEU A 1 131 ? -8.113  -14.389 10.594  1.00 20.60 ? 130 LEU A CD2 1 
ATOM   1044 N  N   . LEU A 1 132 ? -4.053  -11.541 9.360   1.00 12.86 ? 131 LEU A N   1 
ATOM   1045 C  CA  . LEU A 1 132 ? -4.096  -10.347 8.481   1.00 13.53 ? 131 LEU A CA  1 
ATOM   1046 C  C   . LEU A 1 132 ? -3.137  -10.504 7.294   1.00 13.10 ? 131 LEU A C   1 
ATOM   1047 O  O   . LEU A 1 132 ? -3.486  -10.199 6.138   1.00 12.78 ? 131 LEU A O   1 
ATOM   1048 C  CB  . LEU A 1 132 ? -3.778  -9.093  9.317   1.00 14.35 ? 131 LEU A CB  1 
ATOM   1049 C  CG  . LEU A 1 132 ? -3.807  -7.775  8.547   1.00 14.48 ? 131 LEU A CG  1 
ATOM   1050 C  CD1 . LEU A 1 132 ? -5.175  -7.549  7.873   1.00 15.00 ? 131 LEU A CD1 1 
ATOM   1051 C  CD2 . LEU A 1 132 ? -3.452  -6.603  9.487   1.00 15.56 ? 131 LEU A CD2 1 
ATOM   1052 N  N   . LYS A 1 133 ? -1.918  -10.984 7.564   1.00 12.46 ? 132 LYS A N   1 
ATOM   1053 C  CA  . LYS A 1 133 ? -1.003  -11.246 6.435   1.00 12.85 ? 132 LYS A CA  1 
ATOM   1054 C  C   . LYS A 1 133 ? -1.600  -12.234 5.420   1.00 13.24 ? 132 LYS A C   1 
ATOM   1055 O  O   . LYS A 1 133 ? -1.567  -11.987 4.194   1.00 11.80 ? 132 LYS A O   1 
ATOM   1056 C  CB  . LYS A 1 133 ? 0.343   -11.754 6.964   1.00 13.54 ? 132 LYS A CB  1 
ATOM   1057 C  CG  . LYS A 1 133 ? 1.112   -10.654 7.710   1.00 13.09 ? 132 LYS A CG  1 
ATOM   1058 C  CD  . LYS A 1 133 ? 2.533   -11.148 8.093   1.00 13.23 ? 132 LYS A CD  1 
ATOM   1059 C  CE  . LYS A 1 133 ? 2.442   -12.123 9.280   1.00 16.48 ? 132 LYS A CE  1 
ATOM   1060 N  NZ  . LYS A 1 133 ? 3.789   -12.413 9.918   1.00 17.72 ? 132 LYS A NZ  1 
ATOM   1061 N  N   . ASP A 1 134 ? -2.171  -13.320 5.936   1.00 13.96 ? 133 ASP A N   1 
ATOM   1062 C  CA  . ASP A 1 134 ? -2.767  -14.347 5.073   1.00 13.55 ? 133 ASP A CA  1 
ATOM   1063 C  C   . ASP A 1 134 ? -3.928  -13.765 4.247   1.00 12.73 ? 133 ASP A C   1 
ATOM   1064 O  O   . ASP A 1 134 ? -4.136  -14.124 3.103   1.00 13.29 ? 133 ASP A O   1 
ATOM   1065 C  CB  . ASP A 1 134 ? -3.241  -15.542 5.900   1.00 14.24 ? 133 ASP A CB  1 
ATOM   1066 C  CG  . ASP A 1 134 ? -2.085  -16.322 6.517   1.00 15.63 ? 133 ASP A CG  1 
ATOM   1067 O  OD1 . ASP A 1 134 ? -0.898  -16.046 6.157   1.00 18.85 ? 133 ASP A OD1 1 
ATOM   1068 O  OD2 . ASP A 1 134 ? -2.388  -17.203 7.358   1.00 19.05 ? 133 ASP A OD2 1 
ATOM   1069 N  N   . GLN A 1 135 ? -4.673  -12.830 4.842   1.00 11.96 ? 134 GLN A N   1 
ATOM   1070 C  CA  . GLN A 1 135 ? -5.791  -12.196 4.125   1.00 11.83 ? 134 GLN A CA  1 
ATOM   1071 C  C   . GLN A 1 135 ? -5.287  -11.266 3.028   1.00 11.76 ? 134 GLN A C   1 
ATOM   1072 O  O   . GLN A 1 135 ? -5.868  -11.199 1.922   1.00 12.75 ? 134 GLN A O   1 
ATOM   1073 C  CB  . GLN A 1 135 ? -6.629  -11.368 5.099   1.00 11.91 ? 134 GLN A CB  1 
ATOM   1074 C  CG  . GLN A 1 135 ? -7.497  -12.239 6.041   1.00 11.56 ? 134 GLN A CG  1 
ATOM   1075 C  CD  . GLN A 1 135 ? -8.031  -11.486 7.247   1.00 13.44 ? 134 GLN A CD  1 
ATOM   1076 O  OE1 . GLN A 1 135 ? -7.479  -10.465 7.679   1.00 13.97 ? 134 GLN A OE1 1 
ATOM   1077 N  NE2 . GLN A 1 135 ? -9.100  -12.024 7.827   1.00 13.81 ? 134 GLN A NE2 1 
ATOM   1078 N  N   . ILE A 1 136 ? -4.227  -10.506 3.316   1.00 11.83 ? 135 ILE A N   1 
ATOM   1079 C  CA  . ILE A 1 136 ? -3.614  -9.626  2.288   1.00 12.39 ? 135 ILE A CA  1 
ATOM   1080 C  C   . ILE A 1 136 ? -3.098  -10.486 1.110   1.00 12.74 ? 135 ILE A C   1 
ATOM   1081 O  O   . ILE A 1 136 ? -3.404  -10.196 -0.049  1.00 13.17 ? 135 ILE A O   1 
ATOM   1082 C  CB  . ILE A 1 136 ? -2.512  -8.765  2.905   1.00 12.59 ? 135 ILE A CB  1 
ATOM   1083 C  CG1 . ILE A 1 136 ? -3.144  -7.788  3.919   1.00 11.81 ? 135 ILE A CG1 1 
ATOM   1084 C  CG2 . ILE A 1 136 ? -1.702  -8.012  1.834   1.00 12.98 ? 135 ILE A CG2 1 
ATOM   1085 C  CD1 . ILE A 1 136 ? -2.076  -6.997  4.678   1.00 12.60 ? 135 ILE A CD1 1 
ATOM   1086 N  N   . VAL A 1 137 ? -2.417  -11.595 1.443   1.00 13.29 ? 136 VAL A N   1 
ATOM   1087 C  CA  . VAL A 1 137 ? -1.987  -12.543 0.401   1.00 13.62 ? 136 VAL A CA  1 
ATOM   1088 C  C   . VAL A 1 137 ? -3.183  -13.028 -0.416  1.00 13.55 ? 136 VAL A C   1 
ATOM   1089 O  O   . VAL A 1 137 ? -3.168  -12.958 -1.651  1.00 13.59 ? 136 VAL A O   1 
ATOM   1090 C  CB  . VAL A 1 137 ? -1.157  -13.698 0.972   1.00 13.82 ? 136 VAL A CB  1 
ATOM   1091 C  CG1 . VAL A 1 137 ? -0.886  -14.701 -0.143  1.00 15.02 ? 136 VAL A CG1 1 
ATOM   1092 C  CG2 . VAL A 1 137 ? 0.152   -13.152 1.503   1.00 12.82 ? 136 VAL A CG2 1 
ATOM   1093 N  N   . HIS A 1 138 ? -4.227  -13.497 0.274   1.00 12.71 ? 137 HIS A N   1 
ATOM   1094 C  CA  . HIS A 1 138 ? -5.403  -14.037 -0.414  1.00 12.62 ? 137 HIS A CA  1 
ATOM   1095 C  C   . HIS A 1 138 ? -6.046  -12.991 -1.349  1.00 13.59 ? 137 HIS A C   1 
ATOM   1096 O  O   . HIS A 1 138 ? -6.420  -13.267 -2.504  1.00 14.14 ? 137 HIS A O   1 
ATOM   1097 C  CB  . HIS A 1 138 ? -6.426  -14.487 0.601   1.00 13.10 ? 137 HIS A CB  1 
ATOM   1098 C  CG  . HIS A 1 138 ? -7.534  -15.252 -0.022  1.00 11.85 ? 137 HIS A CG  1 
ATOM   1099 N  ND1 . HIS A 1 138 ? -8.731  -14.659 -0.391  1.00 14.55 ? 137 HIS A ND1 1 
ATOM   1100 C  CD2 . HIS A 1 138 ? -7.614  -16.547 -0.415  1.00 14.51 ? 137 HIS A CD2 1 
ATOM   1101 C  CE1 . HIS A 1 138 ? -9.499  -15.568 -0.969  1.00 14.27 ? 137 HIS A CE1 1 
ATOM   1102 N  NE2 . HIS A 1 138 ? -8.848  -16.725 -0.985  1.00 15.37 ? 137 HIS A NE2 1 
ATOM   1103 N  N   . PHE A 1 139 ? -6.154  -11.770 -0.827  1.00 12.15 ? 138 PHE A N   1 
ATOM   1104 C  CA  . PHE A 1 139 ? -6.725  -10.689 -1.590  1.00 11.97 ? 138 PHE A CA  1 
ATOM   1105 C  C   . PHE A 1 139 ? -5.909  -10.478 -2.903  1.00 12.27 ? 138 PHE A C   1 
ATOM   1106 O  O   . PHE A 1 139 ? -6.472  -10.431 -4.012  1.00 13.23 ? 138 PHE A O   1 
ATOM   1107 C  CB  . PHE A 1 139 ? -6.710  -9.382  -0.803  1.00 12.29 ? 138 PHE A CB  1 
ATOM   1108 C  CG  . PHE A 1 139 ? -7.277  -8.214  -1.606  1.00 10.13 ? 138 PHE A CG  1 
ATOM   1109 C  CD1 . PHE A 1 139 ? -8.665  -8.034  -1.688  1.00 11.49 ? 138 PHE A CD1 1 
ATOM   1110 C  CD2 . PHE A 1 139 ? -6.462  -7.361  -2.302  1.00 12.25 ? 138 PHE A CD2 1 
ATOM   1111 C  CE1 . PHE A 1 139 ? -9.212  -6.956  -2.466  1.00 13.70 ? 138 PHE A CE1 1 
ATOM   1112 C  CE2 . PHE A 1 139 ? -6.984  -6.347  -3.086  1.00 11.55 ? 138 PHE A CE2 1 
ATOM   1113 C  CZ  . PHE A 1 139 ? -8.324  -6.118  -3.156  1.00 12.89 ? 138 PHE A CZ  1 
ATOM   1114 N  N   . PHE A 1 140 ? -4.591  -10.315 -2.778  1.00 13.19 ? 139 PHE A N   1 
ATOM   1115 C  CA  . PHE A 1 140 ? -3.808  -10.085 -3.989  1.00 14.41 ? 139 PHE A CA  1 
ATOM   1116 C  C   . PHE A 1 140 ? -3.771  -11.281 -4.929  1.00 15.24 ? 139 PHE A C   1 
ATOM   1117 O  O   . PHE A 1 140 ? -3.702  -11.085 -6.140  1.00 16.06 ? 139 PHE A O   1 
ATOM   1118 C  CB  . PHE A 1 140 ? -2.433  -9.426  -3.698  1.00 14.52 ? 139 PHE A CB  1 
ATOM   1119 C  CG  . PHE A 1 140 ? -2.578  -7.988  -3.305  1.00 13.35 ? 139 PHE A CG  1 
ATOM   1120 C  CD1 . PHE A 1 140 ? -2.866  -7.008  -4.255  1.00 13.68 ? 139 PHE A CD1 1 
ATOM   1121 C  CD2 . PHE A 1 140 ? -2.495  -7.632  -1.973  1.00 14.58 ? 139 PHE A CD2 1 
ATOM   1122 C  CE1 . PHE A 1 140 ? -3.065  -5.684  -3.893  1.00 15.87 ? 139 PHE A CE1 1 
ATOM   1123 C  CE2 . PHE A 1 140 ? -2.686  -6.283  -1.573  1.00 12.30 ? 139 PHE A CE2 1 
ATOM   1124 C  CZ  . PHE A 1 140 ? -2.957  -5.311  -2.559  1.00 14.85 ? 139 PHE A CZ  1 
ATOM   1125 N  N   . GLU A 1 141 ? -3.883  -12.497 -4.390  1.00 14.57 ? 140 GLU A N   1 
ATOM   1126 C  CA  . GLU A 1 141 ? -3.979  -13.689 -5.266  1.00 15.43 ? 140 GLU A CA  1 
ATOM   1127 C  C   . GLU A 1 141 ? -5.258  -13.721 -6.099  1.00 14.97 ? 140 GLU A C   1 
ATOM   1128 O  O   . GLU A 1 141 ? -5.247  -14.237 -7.230  1.00 16.11 ? 140 GLU A O   1 
ATOM   1129 C  CB  . GLU A 1 141 ? -3.875  -14.970 -4.456  1.00 16.17 ? 140 GLU A CB  1 
ATOM   1130 C  CG  . GLU A 1 141 ? -2.505  -15.197 -3.871  1.00 18.96 ? 140 GLU A CG  1 
ATOM   1131 C  CD  . GLU A 1 141 ? -2.392  -16.475 -3.063  1.00 24.04 ? 140 GLU A CD  1 
ATOM   1132 O  OE1 . GLU A 1 141 ? -3.377  -16.904 -2.427  1.00 28.11 ? 140 GLU A OE1 1 
ATOM   1133 O  OE2 . GLU A 1 141 ? -1.269  -17.009 -3.044  1.00 24.33 ? 140 GLU A OE2 1 
ATOM   1134 N  N   . HIS A 1 142 ? -6.340  -13.127 -5.592  1.00 14.59 ? 141 HIS A N   1 
ATOM   1135 C  CA  . HIS A 1 142 ? -7.659  -13.395 -6.138  1.00 14.67 ? 141 HIS A CA  1 
ATOM   1136 C  C   . HIS A 1 142 ? -8.423  -12.186 -6.658  1.00 14.99 ? 141 HIS A C   1 
ATOM   1137 O  O   . HIS A 1 142 ? -9.402  -12.346 -7.393  1.00 16.00 ? 141 HIS A O   1 
ATOM   1138 C  CB  . HIS A 1 142 ? -8.492  -14.145 -5.097  1.00 13.90 ? 141 HIS A CB  1 
ATOM   1139 C  CG  . HIS A 1 142 ? -7.996  -15.526 -4.866  1.00 14.09 ? 141 HIS A CG  1 
ATOM   1140 N  ND1 . HIS A 1 142 ? -8.127  -16.523 -5.813  1.00 17.22 ? 141 HIS A ND1 1 
ATOM   1141 C  CD2 . HIS A 1 142 ? -7.302  -16.065 -3.833  1.00 15.73 ? 141 HIS A CD2 1 
ATOM   1142 C  CE1 . HIS A 1 142 ? -7.562  -17.628 -5.356  1.00 18.56 ? 141 HIS A CE1 1 
ATOM   1143 N  NE2 . HIS A 1 142 ? -7.059  -17.379 -4.159  1.00 17.71 ? 141 HIS A NE2 1 
ATOM   1144 N  N   . TYR A 1 143 ? -7.985  -10.987 -6.278  1.00 15.27 ? 142 TYR A N   1 
ATOM   1145 C  CA  . TYR A 1 143 ? -8.814  -9.807  -6.558  1.00 16.07 ? 142 TYR A CA  1 
ATOM   1146 C  C   . TYR A 1 143 ? -9.021  -9.579  -8.057  1.00 17.12 ? 142 TYR A C   1 
ATOM   1147 O  O   . TYR A 1 143 ? -10.013 -8.954  -8.447  1.00 18.07 ? 142 TYR A O   1 
ATOM   1148 C  CB  . TYR A 1 143 ? -8.279  -8.555  -5.876  1.00 17.03 ? 142 TYR A CB  1 
ATOM   1149 C  CG  . TYR A 1 143 ? -7.106  -7.818  -6.473  1.00 16.32 ? 142 TYR A CG  1 
ATOM   1150 C  CD1 . TYR A 1 143 ? -5.862  -8.437  -6.724  1.00 15.21 ? 142 TYR A CD1 1 
ATOM   1151 C  CD2 . TYR A 1 143 ? -7.220  -6.444  -6.708  1.00 21.10 ? 142 TYR A CD2 1 
ATOM   1152 C  CE1 . TYR A 1 143 ? -4.788  -7.691  -7.222  1.00 18.82 ? 142 TYR A CE1 1 
ATOM   1153 C  CE2 . TYR A 1 143 ? -6.166  -5.701  -7.194  1.00 22.82 ? 142 TYR A CE2 1 
ATOM   1154 C  CZ  . TYR A 1 143 ? -4.953  -6.323  -7.437  1.00 22.33 ? 142 TYR A CZ  1 
ATOM   1155 O  OH  . TYR A 1 143 ? -3.896  -5.599  -7.921  1.00 23.01 ? 142 TYR A OH  1 
ATOM   1156 N  N   . LYS A 1 144 ? -8.091  -10.069 -8.883  1.00 15.66 ? 143 LYS A N   1 
ATOM   1157 C  CA  . LYS A 1 144 ? -8.262  -9.873  -10.322 1.00 15.73 ? 143 LYS A CA  1 
ATOM   1158 C  C   . LYS A 1 144 ? -8.838  -11.083 -11.022 1.00 16.18 ? 143 LYS A C   1 
ATOM   1159 O  O   . LYS A 1 144 ? -8.851  -11.132 -12.254 1.00 15.15 ? 143 LYS A O   1 
ATOM   1160 C  CB  . LYS A 1 144 ? -6.973  -9.364  -10.996 1.00 17.17 ? 143 LYS A CB  1 
ATOM   1161 C  CG  . LYS A 1 144 ? -6.664  -7.966  -10.502 1.00 18.64 ? 143 LYS A CG  1 
ATOM   1162 C  CD  . LYS A 1 144 ? -5.801  -7.175  -11.447 1.00 27.84 ? 143 LYS A CD  1 
ATOM   1163 C  CE  . LYS A 1 144 ? -4.357  -7.250  -11.049 1.00 30.42 ? 143 LYS A CE  1 
ATOM   1164 N  NZ  . LYS A 1 144 ? -3.509  -6.321  -11.883 1.00 33.08 ? 143 LYS A NZ  1 
ATOM   1165 N  N   . ASP A 1 145 ? -9.368  -12.039 -10.263 1.00 15.27 ? 144 ASP A N   1 
ATOM   1166 C  CA  . ASP A 1 145 ? -9.849  -13.294 -10.892 1.00 16.14 ? 144 ASP A CA  1 
ATOM   1167 C  C   . ASP A 1 145 ? -10.960 -13.066 -11.927 1.00 17.40 ? 144 ASP A C   1 
ATOM   1168 O  O   . ASP A 1 145 ? -11.035 -13.819 -12.885 1.00 19.85 ? 144 ASP A O   1 
ATOM   1169 C  CB  . ASP A 1 145 ? -10.369 -14.324 -9.863  1.00 15.48 ? 144 ASP A CB  1 
ATOM   1170 C  CG  . ASP A 1 145 ? -9.242  -14.990 -8.999  1.00 17.17 ? 144 ASP A CG  1 
ATOM   1171 O  OD1 . ASP A 1 145 ? -8.054  -14.926 -9.382  1.00 17.44 ? 144 ASP A OD1 1 
ATOM   1172 O  OD2 . ASP A 1 145 ? -9.593  -15.611 -7.960  1.00 13.73 ? 144 ASP A OD2 1 
ATOM   1173 N  N   . LEU A 1 146 ? -11.820 -12.068 -11.736 1.00 18.08 ? 145 LEU A N   1 
ATOM   1174 C  CA  . LEU A 1 146 ? -12.941 -11.848 -12.690 1.00 19.15 ? 145 LEU A CA  1 
ATOM   1175 C  C   . LEU A 1 146 ? -12.749 -10.614 -13.565 1.00 21.70 ? 145 LEU A C   1 
ATOM   1176 O  O   . LEU A 1 146 ? -13.677 -10.205 -14.286 1.00 22.28 ? 145 LEU A O   1 
ATOM   1177 C  CB  . LEU A 1 146 ? -14.275 -11.719 -11.953 1.00 18.29 ? 145 LEU A CB  1 
ATOM   1178 C  CG  . LEU A 1 146 ? -14.747 -12.832 -11.023 1.00 17.38 ? 145 LEU A CG  1 
ATOM   1179 C  CD1 . LEU A 1 146 ? -16.147 -12.559 -10.489 1.00 17.65 ? 145 LEU A CD1 1 
ATOM   1180 C  CD2 . LEU A 1 146 ? -14.762 -14.116 -11.836 1.00 16.60 ? 145 LEU A CD2 1 
ATOM   1181 N  N   . GLU A 1 147 ? -11.576 -9.990  -13.477 1.00 23.18 ? 146 GLU A N   1 
ATOM   1182 C  CA  . GLU A 1 147 ? -11.221 -8.936  -14.449 1.00 24.28 ? 146 GLU A CA  1 
ATOM   1183 C  C   . GLU A 1 147 ? -10.659 -9.564  -15.713 1.00 24.89 ? 146 GLU A C   1 
ATOM   1184 O  O   . GLU A 1 147 ? -9.681  -10.325 -15.670 1.00 25.33 ? 146 GLU A O   1 
ATOM   1185 C  CB  . GLU A 1 147 ? -10.229 -7.925  -13.842 1.00 24.60 ? 146 GLU A CB  1 
ATOM   1186 C  CG  . GLU A 1 147 ? -10.584 -7.392  -12.436 1.00 23.98 ? 146 GLU A CG  1 
ATOM   1187 C  CD  . GLU A 1 147 ? -11.778 -6.413  -12.401 1.00 26.40 ? 146 GLU A CD  1 
ATOM   1188 O  OE1 . GLU A 1 147 ? -12.236 -5.947  -13.487 1.00 24.90 ? 146 GLU A OE1 1 
ATOM   1189 O  OE2 . GLU A 1 147 ? -12.238 -6.115  -11.280 1.00 19.79 ? 146 GLU A OE2 1 
ATOM   1190 N  N   . GLY A 1 149 ? -9.060  -9.299  -18.517 1.00 42.81 ? 148 GLY A N   1 
ATOM   1191 C  CA  . GLY A 1 149 ? -7.774  -9.862  -18.926 1.00 43.08 ? 148 GLY A CA  1 
ATOM   1192 C  C   . GLY A 1 149 ? -6.632  -9.389  -18.037 1.00 43.51 ? 148 GLY A C   1 
ATOM   1193 O  O   . GLY A 1 149 ? -5.729  -8.665  -18.486 1.00 43.68 ? 148 GLY A O   1 
ATOM   1194 N  N   . LYS A 1 150 ? -6.675  -9.804  -16.773 1.00 43.58 ? 149 LYS A N   1 
ATOM   1195 C  CA  . LYS A 1 150 ? -5.699  -9.392  -15.753 1.00 43.82 ? 149 LYS A CA  1 
ATOM   1196 C  C   . LYS A 1 150 ? -5.481  -10.549 -14.782 1.00 43.61 ? 149 LYS A C   1 
ATOM   1197 O  O   . LYS A 1 150 ? -6.446  -11.187 -14.359 1.00 43.64 ? 149 LYS A O   1 
ATOM   1198 C  CB  . LYS A 1 150 ? -6.211  -8.172  -14.971 1.00 43.99 ? 149 LYS A CB  1 
ATOM   1199 C  CG  . LYS A 1 150 ? -6.521  -6.944  -15.809 1.00 44.93 ? 149 LYS A CG  1 
ATOM   1200 C  CD  . LYS A 1 150 ? -6.816  -5.727  -14.944 1.00 47.71 ? 149 LYS A CD  1 
ATOM   1201 C  CE  . LYS A 1 150 ? -7.257  -4.526  -15.786 1.00 49.39 ? 149 LYS A CE  1 
ATOM   1202 N  NZ  . LYS A 1 150 ? -6.536  -4.403  -17.095 1.00 49.74 ? 149 LYS A NZ  1 
ATOM   1203 N  N   . TRP A 1 151 ? -4.227  -10.825 -14.431 1.00 43.59 ? 150 TRP A N   1 
ATOM   1204 C  CA  . TRP A 1 151 ? -3.898  -11.935 -13.520 1.00 43.41 ? 150 TRP A CA  1 
ATOM   1205 C  C   . TRP A 1 151 ? -2.829  -11.523 -12.500 1.00 42.40 ? 150 TRP A C   1 
ATOM   1206 O  O   . TRP A 1 151 ? -2.179  -10.489 -12.688 1.00 41.82 ? 150 TRP A O   1 
ATOM   1207 C  CB  . TRP A 1 151 ? -3.425  -13.157 -14.320 1.00 44.80 ? 150 TRP A CB  1 
ATOM   1208 C  CG  . TRP A 1 151 ? -2.221  -12.905 -15.202 1.00 46.50 ? 150 TRP A CG  1 
ATOM   1209 C  CD1 . TRP A 1 151 ? -2.231  -12.535 -16.523 1.00 47.88 ? 150 TRP A CD1 1 
ATOM   1210 C  CD2 . TRP A 1 151 ? -0.835  -13.011 -14.828 1.00 48.10 ? 150 TRP A CD2 1 
ATOM   1211 N  NE1 . TRP A 1 151 ? -0.940  -12.401 -16.990 1.00 49.00 ? 150 TRP A NE1 1 
ATOM   1212 C  CE2 . TRP A 1 151 ? -0.066  -12.689 -15.972 1.00 48.09 ? 150 TRP A CE2 1 
ATOM   1213 C  CE3 . TRP A 1 151 ? -0.169  -13.350 -13.638 1.00 48.87 ? 150 TRP A CE3 1 
ATOM   1214 C  CZ2 . TRP A 1 151 ? 1.334   -12.696 -15.962 1.00 47.43 ? 150 TRP A CZ2 1 
ATOM   1215 C  CZ3 . TRP A 1 151 ? 1.224   -13.348 -13.628 1.00 47.17 ? 150 TRP A CZ3 1 
ATOM   1216 C  CH2 . TRP A 1 151 ? 1.958   -13.027 -14.785 1.00 47.68 ? 150 TRP A CH2 1 
ATOM   1217 N  N   . VAL A 1 152 ? -2.654  -12.324 -11.436 1.00 40.99 ? 151 VAL A N   1 
ATOM   1218 C  CA  . VAL A 1 152 ? -1.665  -12.050 -10.365 1.00 39.73 ? 151 VAL A CA  1 
ATOM   1219 C  C   . VAL A 1 152 ? -1.076  -13.294 -9.683  1.00 39.13 ? 151 VAL A C   1 
ATOM   1220 O  O   . VAL A 1 152 ? -1.819  -14.118 -9.142  1.00 39.46 ? 151 VAL A O   1 
ATOM   1221 C  CB  . VAL A 1 152 ? -2.254  -11.177 -9.211  1.00 39.56 ? 151 VAL A CB  1 
ATOM   1222 C  CG1 . VAL A 1 152 ? -1.195  -10.955 -8.116  1.00 38.91 ? 151 VAL A CG1 1 
ATOM   1223 C  CG2 . VAL A 1 152 ? -2.742  -9.847  -9.717  1.00 39.18 ? 151 VAL A CG2 1 
ATOM   1224 N  N   . LYS A 1 153 ? 0.255   -13.385 -9.659  1.00 37.95 ? 152 LYS A N   1 
ATOM   1225 C  CA  . LYS A 1 153 ? 0.957   -14.401 -8.863  1.00 36.74 ? 152 LYS A CA  1 
ATOM   1226 C  C   . LYS A 1 153 ? 1.721   -13.822 -7.647  1.00 35.25 ? 152 LYS A C   1 
ATOM   1227 O  O   . LYS A 1 153 ? 2.643   -13.022 -7.803  1.00 35.02 ? 152 LYS A O   1 
ATOM   1228 C  CB  . LYS A 1 153 ? 1.919   -15.190 -9.752  1.00 37.08 ? 152 LYS A CB  1 
ATOM   1229 C  CG  . LYS A 1 153 ? 2.748   -16.231 -8.991  1.00 38.61 ? 152 LYS A CG  1 
ATOM   1230 C  CD  . LYS A 1 153 ? 4.214   -16.117 -9.357  1.00 39.47 ? 152 LYS A CD  1 
ATOM   1231 C  CE  . LYS A 1 153 ? 4.830   -14.893 -8.694  1.00 39.22 ? 152 LYS A CE  1 
ATOM   1232 N  NZ  . LYS A 1 153 ? 5.650   -14.028 -9.604  1.00 38.62 ? 152 LYS A NZ  1 
ATOM   1233 N  N   . VAL A 1 154 ? 1.363   -14.257 -6.444  1.00 33.50 ? 153 VAL A N   1 
ATOM   1234 C  CA  . VAL A 1 154 ? 1.990   -13.735 -5.211  1.00 31.68 ? 153 VAL A CA  1 
ATOM   1235 C  C   . VAL A 1 154 ? 3.182   -14.590 -4.741  1.00 30.68 ? 153 VAL A C   1 
ATOM   1236 O  O   . VAL A 1 154 ? 3.048   -15.808 -4.570  1.00 31.40 ? 153 VAL A O   1 
ATOM   1237 C  CB  . VAL A 1 154 ? 0.938   -13.565 -4.075  1.00 31.18 ? 153 VAL A CB  1 
ATOM   1238 C  CG1 . VAL A 1 154 ? 1.597   -13.084 -2.777  1.00 30.48 ? 153 VAL A CG1 1 
ATOM   1239 C  CG2 . VAL A 1 154 ? -0.164  -12.603 -4.515  1.00 31.62 ? 153 VAL A CG2 1 
ATOM   1240 N  N   . GLU A 1 155 ? 4.335   -13.955 -4.517  1.00 29.52 ? 154 GLU A N   1 
ATOM   1241 C  CA  . GLU A 1 155 ? 5.577   -14.668 -4.159  1.00 28.39 ? 154 GLU A CA  1 
ATOM   1242 C  C   . GLU A 1 155 ? 5.755   -14.887 -2.654  1.00 26.87 ? 154 GLU A C   1 
ATOM   1243 O  O   . GLU A 1 155 ? 6.061   -16.002 -2.196  1.00 27.89 ? 154 GLU A O   1 
ATOM   1244 C  CB  . GLU A 1 155 ? 6.818   -13.948 -4.725  1.00 29.45 ? 154 GLU A CB  1 
ATOM   1245 C  CG  . GLU A 1 155 ? 6.787   -13.751 -6.228  1.00 33.33 ? 154 GLU A CG  1 
ATOM   1246 C  CD  . GLU A 1 155 ? 7.894   -12.845 -6.727  1.00 38.56 ? 154 GLU A CD  1 
ATOM   1247 O  OE1 . GLU A 1 155 ? 9.079   -13.142 -6.447  1.00 39.55 ? 154 GLU A OE1 1 
ATOM   1248 O  OE2 . GLU A 1 155 ? 7.574   -11.834 -7.404  1.00 41.24 ? 154 GLU A OE2 1 
ATOM   1249 N  N   . GLY A 1 156 ? 5.565   -13.831 -1.869  1.00 23.46 ? 155 GLY A N   1 
ATOM   1250 C  CA  . GLY A 1 156 ? 5.754   -13.961 -0.443  1.00 21.00 ? 155 GLY A CA  1 
ATOM   1251 C  C   . GLY A 1 156 ? 6.220   -12.673 0.211   1.00 18.62 ? 155 GLY A C   1 
ATOM   1252 O  O   . GLY A 1 156 ? 6.553   -11.693 -0.479  1.00 18.32 ? 155 GLY A O   1 
ATOM   1253 N  N   . TRP A 1 157 ? 6.240   -12.687 1.534   1.00 17.50 ? 156 TRP A N   1 
ATOM   1254 C  CA  . TRP A 1 157 ? 6.638   -11.521 2.322   1.00 16.92 ? 156 TRP A CA  1 
ATOM   1255 C  C   . TRP A 1 157 ? 8.152   -11.377 2.426   1.00 17.94 ? 156 TRP A C   1 
ATOM   1256 O  O   . TRP A 1 157 ? 8.863   -12.383 2.524   1.00 18.01 ? 156 TRP A O   1 
ATOM   1257 C  CB  . TRP A 1 157 ? 6.085   -11.617 3.743   1.00 17.50 ? 156 TRP A CB  1 
ATOM   1258 C  CG  . TRP A 1 157 ? 4.589   -11.553 3.782   1.00 15.58 ? 156 TRP A CG  1 
ATOM   1259 C  CD1 . TRP A 1 157 ? 3.713   -12.591 3.919   1.00 16.25 ? 156 TRP A CD1 1 
ATOM   1260 C  CD2 . TRP A 1 157 ? 3.807   -10.356 3.717   1.00 15.95 ? 156 TRP A CD2 1 
ATOM   1261 N  NE1 . TRP A 1 157 ? 2.414   -12.114 3.914   1.00 15.35 ? 156 TRP A NE1 1 
ATOM   1262 C  CE2 . TRP A 1 157 ? 2.446   -10.743 3.801   1.00 16.03 ? 156 TRP A CE2 1 
ATOM   1263 C  CE3 . TRP A 1 157 ? 4.132   -8.993  3.583   1.00 17.24 ? 156 TRP A CE3 1 
ATOM   1264 C  CZ2 . TRP A 1 157 ? 1.403   -9.815  3.743   1.00 17.37 ? 156 TRP A CZ2 1 
ATOM   1265 C  CZ3 . TRP A 1 157 ? 3.095   -8.055  3.547   1.00 17.45 ? 156 TRP A CZ3 1 
ATOM   1266 C  CH2 . TRP A 1 157 ? 1.734   -8.483  3.623   1.00 13.64 ? 156 TRP A CH2 1 
ATOM   1267 N  N   . GLU A 1 158 ? 8.610   -10.134 2.450   1.00 16.18 ? 157 GLU A N   1 
ATOM   1268 C  CA  . GLU A 1 158 ? 9.937   -9.789  2.979   1.00 15.23 ? 157 GLU A CA  1 
ATOM   1269 C  C   . GLU A 1 158 ? 9.817   -8.754  4.106   1.00 15.51 ? 157 GLU A C   1 
ATOM   1270 O  O   . GLU A 1 158 ? 8.730   -8.177  4.353   1.00 14.49 ? 157 GLU A O   1 
ATOM   1271 C  CB  . GLU A 1 158 ? 10.861  -9.269  1.867   1.00 15.48 ? 157 GLU A CB  1 
ATOM   1272 C  CG  . GLU A 1 158 ? 10.911  -10.180 0.662   1.00 17.32 ? 157 GLU A CG  1 
ATOM   1273 C  CD  . GLU A 1 158 ? 11.678  -11.484 0.918   1.00 17.77 ? 157 GLU A CD  1 
ATOM   1274 O  OE1 . GLU A 1 158 ? 12.342  -11.613 1.969   1.00 16.00 ? 157 GLU A OE1 1 
ATOM   1275 O  OE2 . GLU A 1 158 ? 11.549  -12.409 0.073   1.00 19.90 ? 157 GLU A OE2 1 
ATOM   1276 N  N   . ASN A 1 159 ? 10.923  -8.524  4.798   1.00 13.53 ? 158 ASN A N   1 
ATOM   1277 C  CA  . ASN A 1 159 ? 10.855  -7.814  6.055   1.00 14.36 ? 158 ASN A CA  1 
ATOM   1278 C  C   . ASN A 1 159 ? 10.875  -6.265  5.947   1.00 13.88 ? 158 ASN A C   1 
ATOM   1279 O  O   . ASN A 1 159 ? 10.847  -5.706  4.839   1.00 14.20 ? 158 ASN A O   1 
ATOM   1280 C  CB  . ASN A 1 159 ? 11.956  -8.337  6.983   1.00 13.10 ? 158 ASN A CB  1 
ATOM   1281 C  CG  . ASN A 1 159 ? 13.358  -7.980  6.501   1.00 14.49 ? 158 ASN A CG  1 
ATOM   1282 O  OD1 . ASN A 1 159 ? 13.537  -7.128  5.626   1.00 14.78 ? 158 ASN A OD1 1 
ATOM   1283 N  ND2 . ASN A 1 159 ? 14.372  -8.632  7.114   1.00 16.32 ? 158 ASN A ND2 1 
ATOM   1284 N  N   . ALA A 1 160 ? 10.918  -5.598  7.098   1.00 14.17 ? 159 ALA A N   1 
ATOM   1285 C  CA  . ALA A 1 160 ? 10.857  -4.131  7.163   1.00 15.16 ? 159 ALA A CA  1 
ATOM   1286 C  C   . ALA A 1 160 ? 12.088  -3.491  6.472   1.00 14.88 ? 159 ALA A C   1 
ATOM   1287 O  O   . ALA A 1 160 ? 11.977  -2.467  5.793   1.00 13.25 ? 159 ALA A O   1 
ATOM   1288 C  CB  . ALA A 1 160 ? 10.729  -3.656  8.607   1.00 16.26 ? 159 ALA A CB  1 
ATOM   1289 N  N   . ASP A 1 161 ? 13.258  -4.118  6.626   1.00 14.85 ? 160 ASP A N   1 
ATOM   1290 C  CA  . ASP A 1 161 ? 14.447  -3.639  5.902   1.00 14.62 ? 160 ASP A CA  1 
ATOM   1291 C  C   . ASP A 1 161 ? 14.233  -3.688  4.389   1.00 13.39 ? 160 ASP A C   1 
ATOM   1292 O  O   . ASP A 1 161 ? 14.617  -2.740  3.633   1.00 13.82 ? 160 ASP A O   1 
ATOM   1293 C  CB  . ASP A 1 161 ? 15.683  -4.489  6.257   1.00 15.51 ? 160 ASP A CB  1 
ATOM   1294 C  CG  . ASP A 1 161 ? 16.204  -4.241  7.655   1.00 19.44 ? 160 ASP A CG  1 
ATOM   1295 O  OD1 . ASP A 1 161 ? 15.917  -3.188  8.244   1.00 19.72 ? 160 ASP A OD1 1 
ATOM   1296 O  OD2 . ASP A 1 161 ? 16.986  -5.111  8.127   1.00 21.89 ? 160 ASP A OD2 1 
ATOM   1297 N  N   . ALA A 1 162 ? 13.616  -4.773  3.925   1.00 12.10 ? 161 ALA A N   1 
ATOM   1298 C  CA  . ALA A 1 162 ? 13.320  -4.889  2.491   1.00 13.00 ? 161 ALA A CA  1 
ATOM   1299 C  C   . ALA A 1 162 ? 12.307  -3.831  2.065   1.00 13.02 ? 161 ALA A C   1 
ATOM   1300 O  O   . ALA A 1 162 ? 12.446  -3.235  1.001   1.00 13.51 ? 161 ALA A O   1 
ATOM   1301 C  CB  . ALA A 1 162 ? 12.889  -6.285  2.117   1.00 12.84 ? 161 ALA A CB  1 
ATOM   1302 N  N   . ALA A 1 163 ? 11.313  -3.561  2.914   1.00 13.51 ? 162 ALA A N   1 
ATOM   1303 C  CA  . ALA A 1 163 ? 10.364  -2.478  2.617   1.00 13.87 ? 162 ALA A CA  1 
ATOM   1304 C  C   . ALA A 1 163 ? 11.054  -1.102  2.506   1.00 12.98 ? 162 ALA A C   1 
ATOM   1305 O  O   . ALA A 1 163 ? 10.807  -0.303  1.552   1.00 13.56 ? 162 ALA A O   1 
ATOM   1306 C  CB  . ALA A 1 163 ? 9.257   -2.456  3.699   1.00 14.26 ? 162 ALA A CB  1 
ATOM   1307 N  N   . ARG A 1 164 ? 11.902  -0.820  3.483   1.00 14.10 ? 163 ARG A N   1 
ATOM   1308 C  CA  . ARG A 1 164 ? 12.664  0.445   3.511   1.00 14.01 ? 163 ARG A CA  1 
ATOM   1309 C  C   . ARG A 1 164 ? 13.532  0.521   2.236   1.00 14.85 ? 163 ARG A C   1 
ATOM   1310 O  O   . ARG A 1 164 ? 13.589  1.564   1.576   1.00 14.41 ? 163 ARG A O   1 
ATOM   1311 C  CB  . ARG A 1 164 ? 13.498  0.520   4.787   1.00 14.83 ? 163 ARG A CB  1 
ATOM   1312 C  CG  . ARG A 1 164 ? 12.638  0.951   5.987   1.00 13.62 ? 163 ARG A CG  1 
ATOM   1313 C  CD  . ARG A 1 164 ? 13.455  1.180   7.251   1.00 18.11 ? 163 ARG A CD  1 
ATOM   1314 N  NE  . ARG A 1 164 ? 13.833  -0.106  7.827   1.00 19.67 ? 163 ARG A NE  1 
ATOM   1315 C  CZ  . ARG A 1 164 ? 13.223  -0.705  8.860   1.00 21.44 ? 163 ARG A CZ  1 
ATOM   1316 N  NH1 . ARG A 1 164 ? 12.185  -0.149  9.501   1.00 21.62 ? 163 ARG A NH1 1 
ATOM   1317 N  NH2 . ARG A 1 164 ? 13.647  -1.881  9.264   1.00 18.74 ? 163 ARG A NH2 1 
ATOM   1318 N  N   . ALA A 1 165 ? 14.160  -0.596  1.865   1.00 14.73 ? 164 ALA A N   1 
ATOM   1319 C  CA  . ALA A 1 165 ? 14.927  -0.666  0.603   1.00 14.64 ? 164 ALA A CA  1 
ATOM   1320 C  C   . ALA A 1 165 ? 14.086  -0.311  -0.631  1.00 14.11 ? 164 ALA A C   1 
ATOM   1321 O  O   . ALA A 1 165 ? 14.531  0.432   -1.507  1.00 14.25 ? 164 ALA A O   1 
ATOM   1322 C  CB  . ALA A 1 165 ? 15.595  -2.045  0.437   1.00 15.31 ? 164 ALA A CB  1 
ATOM   1323 N  N   . ALA A 1 166 ? 12.827  -0.777  -0.646  1.00 13.56 ? 165 ALA A N   1 
ATOM   1324 C  CA  . ALA A 1 166 ? 11.914  -0.465  -1.753  1.00 14.11 ? 165 ALA A CA  1 
ATOM   1325 C  C   . ALA A 1 166 ? 11.614  1.051   -1.832  1.00 13.36 ? 165 ALA A C   1 
ATOM   1326 O  O   . ALA A 1 166 ? 11.512  1.649   -2.905  1.00 13.74 ? 165 ALA A O   1 
ATOM   1327 C  CB  . ALA A 1 166 ? 10.641  -1.299  -1.626  1.00 13.87 ? 165 ALA A CB  1 
ATOM   1328 N  N   . ILE A 1 167 ? 11.428  1.660   -0.674  1.00 12.72 ? 166 ILE A N   1 
ATOM   1329 C  CA  . ILE A 1 167 ? 11.157  3.095   -0.568  1.00 13.37 ? 166 ILE A CA  1 
ATOM   1330 C  C   . ILE A 1 167 ? 12.377  3.902   -1.029  1.00 13.44 ? 166 ILE A C   1 
ATOM   1331 O  O   . ILE A 1 167 ? 12.260  4.779   -1.843  1.00 13.16 ? 166 ILE A O   1 
ATOM   1332 C  CB  . ILE A 1 167 ? 10.807  3.423   0.858   1.00 12.86 ? 166 ILE A CB  1 
ATOM   1333 C  CG1 . ILE A 1 167 ? 9.462   2.731   1.232   1.00 13.80 ? 166 ILE A CG1 1 
ATOM   1334 C  CG2 . ILE A 1 167 ? 10.803  4.935   1.069   1.00 13.70 ? 166 ILE A CG2 1 
ATOM   1335 C  CD1 . ILE A 1 167 ? 9.115   2.800   2.727   1.00 15.79 ? 166 ILE A CD1 1 
ATOM   1336 N  N   . VAL A 1 168 ? 13.557  3.551   -0.533  1.00 14.60 ? 167 VAL A N   1 
ATOM   1337 C  CA  . VAL A 1 168 ? 14.787  4.202   -1.039  1.00 14.15 ? 167 VAL A CA  1 
ATOM   1338 C  C   . VAL A 1 168 ? 14.932  4.099   -2.563  1.00 15.22 ? 167 VAL A C   1 
ATOM   1339 O  O   . VAL A 1 168 ? 15.201  5.094   -3.254  1.00 15.50 ? 167 VAL A O   1 
ATOM   1340 C  CB  . VAL A 1 168 ? 16.059  3.607   -0.345  1.00 15.36 ? 167 VAL A CB  1 
ATOM   1341 C  CG1 . VAL A 1 168 ? 17.335  4.193   -0.961  1.00 15.75 ? 167 VAL A CG1 1 
ATOM   1342 C  CG2 . VAL A 1 168 ? 15.989  3.896   1.165   1.00 14.34 ? 167 VAL A CG2 1 
ATOM   1343 N  N   . LYS A 1 169 ? 14.816  2.883   -3.096  1.00 13.56 ? 168 LYS A N   1 
ATOM   1344 C  CA  . LYS A 1 169 ? 14.957  2.658   -4.538  1.00 15.15 ? 168 LYS A CA  1 
ATOM   1345 C  C   . LYS A 1 169 ? 13.965  3.509   -5.333  1.00 14.77 ? 168 LYS A C   1 
ATOM   1346 O  O   . LYS A 1 169 ? 14.323  4.176   -6.303  1.00 16.52 ? 168 LYS A O   1 
ATOM   1347 C  CB  . LYS A 1 169 ? 14.788  1.186   -4.883  1.00 14.62 ? 168 LYS A CB  1 
ATOM   1348 C  CG  . LYS A 1 169 ? 14.929  0.925   -6.366  1.00 17.34 ? 168 LYS A CG  1 
ATOM   1349 C  CD  . LYS A 1 169 ? 14.876  -0.535  -6.702  1.00 22.04 ? 168 LYS A CD  1 
ATOM   1350 C  CE  . LYS A 1 169 ? 15.600  -0.777  -8.023  1.00 24.61 ? 168 LYS A CE  1 
ATOM   1351 N  NZ  . LYS A 1 169 ? 15.402  -2.144  -8.542  1.00 27.89 ? 168 LYS A NZ  1 
ATOM   1352 N  N   A SER A 1 170 ? 12.715  3.505   -4.875  0.60 15.00 ? 169 SER A N   1 
ATOM   1353 N  N   B SER A 1 170 ? 12.707  3.500   -4.902  0.40 14.62 ? 169 SER A N   1 
ATOM   1354 C  CA  A SER A 1 170 ? 11.639  4.153   -5.622  0.60 15.69 ? 169 SER A CA  1 
ATOM   1355 C  CA  B SER A 1 170 ? 11.662  4.165   -5.680  0.40 14.44 ? 169 SER A CA  1 
ATOM   1356 C  C   A SER A 1 170 ? 11.697  5.687   -5.544  0.60 15.35 ? 169 SER A C   1 
ATOM   1357 C  C   B SER A 1 170 ? 11.697  5.698   -5.555  0.40 14.75 ? 169 SER A C   1 
ATOM   1358 O  O   A SER A 1 170 ? 11.341  6.383   -6.508  0.60 16.30 ? 169 SER A O   1 
ATOM   1359 O  O   B SER A 1 170 ? 11.318  6.409   -6.497  0.40 15.42 ? 169 SER A O   1 
ATOM   1360 C  CB  A SER A 1 170 ? 10.279  3.602   -5.163  0.60 16.22 ? 169 SER A CB  1 
ATOM   1361 C  CB  B SER A 1 170 ? 10.283  3.588   -5.332  0.40 14.63 ? 169 SER A CB  1 
ATOM   1362 O  OG  A SER A 1 170 ? 10.227  2.201   -5.351  0.60 18.32 ? 169 SER A OG  1 
ATOM   1363 O  OG  B SER A 1 170 ? 9.963   3.841   -3.979  0.40 12.08 ? 169 SER A OG  1 
ATOM   1364 N  N   . ALA A 1 171 ? 12.177  6.205   -4.423  1.00 15.27 ? 170 ALA A N   1 
ATOM   1365 C  CA  . ALA A 1 171 ? 12.333  7.654   -4.243  1.00 14.89 ? 170 ALA A CA  1 
ATOM   1366 C  C   . ALA A 1 171 ? 13.506  8.137   -5.103  1.00 16.01 ? 170 ALA A C   1 
ATOM   1367 O  O   . ALA A 1 171 ? 13.422  9.154   -5.789  1.00 15.48 ? 170 ALA A O   1 
ATOM   1368 C  CB  . ALA A 1 171 ? 12.541  8.012   -2.787  1.00 15.72 ? 170 ALA A CB  1 
ATOM   1369 N  N   . ALA A 1 172 ? 14.581  7.357   -5.120  1.00 16.10 ? 171 ALA A N   1 
ATOM   1370 C  CA  . ALA A 1 172 ? 15.699  7.677   -6.030  1.00 16.84 ? 171 ALA A CA  1 
ATOM   1371 C  C   . ALA A 1 172 ? 15.242  7.691   -7.508  1.00 17.66 ? 171 ALA A C   1 
ATOM   1372 O  O   . ALA A 1 172 ? 15.693  8.520   -8.286  1.00 19.47 ? 171 ALA A O   1 
ATOM   1373 C  CB  . ALA A 1 172 ? 16.803  6.675   -5.858  1.00 17.05 ? 171 ALA A CB  1 
ATOM   1374 N  N   . ALA A 1 173 ? 14.391  6.747   -7.893  1.00 17.62 ? 172 ALA A N   1 
ATOM   1375 C  CA  . ALA A 1 173 ? 13.951  6.591   -9.298  1.00 18.88 ? 172 ALA A CA  1 
ATOM   1376 C  C   . ALA A 1 173 ? 13.059  7.722   -9.787  1.00 19.85 ? 172 ALA A C   1 
ATOM   1377 O  O   . ALA A 1 173 ? 12.989  7.995   -10.978 1.00 20.37 ? 172 ALA A O   1 
ATOM   1378 C  CB  . ALA A 1 173 ? 13.257  5.242   -9.496  1.00 18.73 ? 172 ALA A CB  1 
ATOM   1379 N  N   . TYR A 1 174 ? 12.366  8.372   -8.859  1.00 20.24 ? 173 TYR A N   1 
ATOM   1380 C  CA  . TYR A 1 174 ? 11.498  9.485   -9.187  1.00 22.09 ? 173 TYR A CA  1 
ATOM   1381 C  C   . TYR A 1 174 ? 12.357  10.671  -9.630  1.00 23.83 ? 173 TYR A C   1 
ATOM   1382 O  O   . TYR A 1 174 ? 13.242  11.118  -8.906  1.00 25.22 ? 173 TYR A O   1 
ATOM   1383 C  CB  . TYR A 1 174 ? 10.638  9.870   -7.984  1.00 21.85 ? 173 TYR A CB  1 
ATOM   1384 C  CG  . TYR A 1 174 ? 9.683   10.980  -8.318  1.00 19.72 ? 173 TYR A CG  1 
ATOM   1385 C  CD1 . TYR A 1 174 ? 8.547   10.729  -9.079  1.00 21.09 ? 173 TYR A CD1 1 
ATOM   1386 C  CD2 . TYR A 1 174 ? 9.917   12.278  -7.870  1.00 20.93 ? 173 TYR A CD2 1 
ATOM   1387 C  CE1 . TYR A 1 174 ? 7.645   11.771  -9.396  1.00 23.82 ? 173 TYR A CE1 1 
ATOM   1388 C  CE2 . TYR A 1 174 ? 9.042   13.318  -8.185  1.00 19.84 ? 173 TYR A CE2 1 
ATOM   1389 C  CZ  . TYR A 1 174 ? 7.907   13.053  -8.941  1.00 22.87 ? 173 TYR A CZ  1 
ATOM   1390 O  OH  . TYR A 1 174 ? 7.035   14.077  -9.272  1.00 24.60 ? 173 TYR A OH  1 
ATOM   1391 N  N   . LYS A 1 175 ? 12.086  11.155  -10.832 1.00 26.01 ? 174 LYS A N   1 
ATOM   1392 C  CA  . LYS A 1 175 ? 12.837  12.281  -11.385 1.00 28.72 ? 174 LYS A CA  1 
ATOM   1393 C  C   . LYS A 1 175 ? 11.972  13.524  -11.650 1.00 29.95 ? 174 LYS A C   1 
ATOM   1394 O  O   . LYS A 1 175 ? 12.476  14.534  -12.152 1.00 30.73 ? 174 LYS A O   1 
ATOM   1395 C  CB  . LYS A 1 175 ? 13.563  11.846  -12.667 1.00 28.77 ? 174 LYS A CB  1 
ATOM   1396 C  CG  . LYS A 1 175 ? 14.500  10.646  -12.498 1.00 29.10 ? 174 LYS A CG  1 
ATOM   1397 C  CD  . LYS A 1 175 ? 15.493  10.820  -11.342 1.00 28.07 ? 174 LYS A CD  1 
ATOM   1398 C  CE  . LYS A 1 175 ? 16.442  9.638   -11.273 1.00 29.51 ? 174 LYS A CE  1 
ATOM   1399 N  NZ  . LYS A 1 175 ? 17.414  9.794   -10.163 1.00 27.01 ? 174 LYS A NZ  1 
ATOM   1400 N  N   . GLY A 1 176 ? 10.692  13.453  -11.288 1.00 30.67 ? 175 GLY A N   1 
ATOM   1401 C  CA  . GLY A 1 176 ? 9.750   14.560  -11.483 1.00 32.33 ? 175 GLY A CA  1 
ATOM   1402 C  C   . GLY A 1 176 ? 9.975   15.715  -10.517 1.00 33.04 ? 175 GLY A C   1 
ATOM   1403 O  O   . GLY A 1 176 ? 10.989  15.769  -9.803  1.00 34.22 ? 175 GLY A O   1 
HETATM 1404 NA NA  . NA  B 2 .   ? 3.007   -1.176  -7.870  1.00 22.63 ? 176 NA  A NA  1 
HETATM 1405 NA NA  . NA  C 2 .   ? -8.556  -12.135 -14.855 1.00 46.76 ? 177 NA  A NA  1 
HETATM 1406 O  O   . HOH D 3 .   ? -5.942  -3.785  8.537   1.00 16.63 ? 178 HOH A O   1 
HETATM 1407 O  O   . HOH D 3 .   ? -6.588  -1.128  8.060   1.00 11.42 ? 179 HOH A O   1 
HETATM 1408 O  O   . HOH D 3 .   ? -7.023  -5.004  10.830  1.00 19.45 ? 180 HOH A O   1 
HETATM 1409 O  O   . HOH D 3 .   ? 3.392   10.641  -0.082  1.00 16.36 ? 181 HOH A O   1 
HETATM 1410 O  O   . HOH D 3 .   ? -4.020  17.570  -2.661  1.00 16.14 ? 182 HOH A O   1 
HETATM 1411 O  O   . HOH D 3 .   ? -9.282  -8.499  6.671   1.00 14.76 ? 183 HOH A O   1 
HETATM 1412 O  O   . HOH D 3 .   ? -13.694 1.782   -1.983  1.00 14.15 ? 184 HOH A O   1 
HETATM 1413 O  O   . HOH D 3 .   ? -11.842 -2.220  0.640   1.00 16.48 ? 185 HOH A O   1 
HETATM 1414 O  O   . HOH D 3 .   ? -7.469  -2.796  12.278  1.00 16.43 ? 186 HOH A O   1 
HETATM 1415 O  O   . HOH D 3 .   ? -3.225  5.944   21.018  1.00 18.60 ? 187 HOH A O   1 
HETATM 1416 O  O   . HOH D 3 .   ? -14.576 1.178   4.920   1.00 19.76 ? 188 HOH A O   1 
HETATM 1417 O  O   . HOH D 3 .   ? -0.810  11.751  9.039   1.00 16.89 ? 189 HOH A O   1 
HETATM 1418 O  O   . HOH D 3 .   ? -18.622 -4.283  -9.644  1.00 19.85 ? 190 HOH A O   1 
HETATM 1419 O  O   . HOH D 3 .   ? 0.998   -14.580 4.711   1.00 19.22 ? 191 HOH A O   1 
HETATM 1420 O  O   . HOH D 3 .   ? -9.621  -5.954  7.390   1.00 14.54 ? 192 HOH A O   1 
HETATM 1421 O  O   . HOH D 3 .   ? -9.480  -6.196  10.319  1.00 21.52 ? 193 HOH A O   1 
HETATM 1422 O  O   . HOH D 3 .   ? -7.320  -10.054 10.444  1.00 21.96 ? 194 HOH A O   1 
HETATM 1423 O  O   . HOH D 3 .   ? 3.587   3.111   15.271  1.00 18.48 ? 195 HOH A O   1 
HETATM 1424 O  O   . HOH D 3 .   ? -17.225 -6.616  -6.227  1.00 14.05 ? 196 HOH A O   1 
HETATM 1425 O  O   . HOH D 3 .   ? -8.788  5.363   -14.178 1.00 34.27 ? 197 HOH A O   1 
HETATM 1426 O  O   . HOH D 3 .   ? -17.404 1.854   1.347   1.00 20.47 ? 198 HOH A O   1 
HETATM 1427 O  O   . HOH D 3 .   ? 17.605  -3.091  -6.859  1.00 28.71 ? 199 HOH A O   1 
HETATM 1428 O  O   . HOH D 3 .   ? 16.249  7.469   -2.107  1.00 17.66 ? 200 HOH A O   1 
HETATM 1429 O  O   . HOH D 3 .   ? -1.879  0.809   -7.433  1.00 25.19 ? 201 HOH A O   1 
HETATM 1430 O  O   . HOH D 3 .   ? -16.494 5.588   -1.501  1.00 18.57 ? 202 HOH A O   1 
HETATM 1431 O  O   . HOH D 3 .   ? 16.475  3.830   -8.132  1.00 23.18 ? 203 HOH A O   1 
HETATM 1432 O  O   . HOH D 3 .   ? 0.812   13.783  10.349  1.00 23.86 ? 204 HOH A O   1 
HETATM 1433 O  O   . HOH D 3 .   ? 6.324   11.280  7.018   1.00 16.01 ? 205 HOH A O   1 
HETATM 1434 O  O   . HOH D 3 .   ? 4.482   -0.938  -5.878  1.00 18.99 ? 206 HOH A O   1 
HETATM 1435 O  O   . HOH D 3 .   ? -10.167 2.333   -15.961 1.00 27.68 ? 207 HOH A O   1 
HETATM 1436 O  O   . HOH D 3 .   ? 2.263   13.564  12.855  1.00 20.66 ? 208 HOH A O   1 
HETATM 1437 O  O   . HOH D 3 .   ? -9.399  -3.551  -6.651  1.00 24.48 ? 209 HOH A O   1 
HETATM 1438 O  O   . HOH D 3 .   ? -12.703 -2.038  -1.747  1.00 21.93 ? 210 HOH A O   1 
HETATM 1439 O  O   . HOH D 3 .   ? -20.323 2.615   -1.924  1.00 22.27 ? 211 HOH A O   1 
HETATM 1440 O  O   . HOH D 3 .   ? -3.864  -13.831 13.447  1.00 24.98 ? 212 HOH A O   1 
HETATM 1441 O  O   . HOH D 3 .   ? 0.785   3.544   -7.356  1.00 25.23 ? 213 HOH A O   1 
HETATM 1442 O  O   . HOH D 3 .   ? -9.091  -0.206  9.092   1.00 15.50 ? 214 HOH A O   1 
HETATM 1443 O  O   . HOH D 3 .   ? -5.746  2.417   -6.174  1.00 27.92 ? 215 HOH A O   1 
HETATM 1444 O  O   . HOH D 3 .   ? 8.997   14.323  -1.538  1.00 27.85 ? 216 HOH A O   1 
HETATM 1445 O  O   . HOH D 3 .   ? 9.213   -0.582  11.219  1.00 24.45 ? 217 HOH A O   1 
HETATM 1446 O  O   . HOH D 3 .   ? -5.317  -2.639  14.159  1.00 24.93 ? 218 HOH A O   1 
HETATM 1447 O  O   . HOH D 3 .   ? 16.930  -1.219  4.241   1.00 21.68 ? 219 HOH A O   1 
HETATM 1448 O  O   . HOH D 3 .   ? -3.745  8.650   19.921  1.00 20.02 ? 220 HOH A O   1 
HETATM 1449 O  O   . HOH D 3 .   ? -17.701 -4.384  -12.169 1.00 20.06 ? 221 HOH A O   1 
HETATM 1450 O  O   . HOH D 3 .   ? 3.224   -15.207 6.395   1.00 23.85 ? 222 HOH A O   1 
HETATM 1451 O  O   . HOH D 3 .   ? -20.438 -2.480  0.049   1.00 30.07 ? 223 HOH A O   1 
HETATM 1452 O  O   . HOH D 3 .   ? 13.771  -5.856  8.967   1.00 22.09 ? 224 HOH A O   1 
HETATM 1453 O  O   . HOH D 3 .   ? 6.549   5.470   14.513  1.00 31.60 ? 225 HOH A O   1 
HETATM 1454 O  O   . HOH D 3 .   ? 17.192  -7.636  6.984   1.00 24.17 ? 226 HOH A O   1 
HETATM 1455 O  O   . HOH D 3 .   ? 15.368  -8.302  3.931   1.00 23.99 ? 227 HOH A O   1 
HETATM 1456 O  O   . HOH D 3 .   ? -8.645  -1.048  -14.143 1.00 42.34 ? 228 HOH A O   1 
HETATM 1457 O  O   . HOH D 3 .   ? 2.024   2.853   17.597  1.00 18.09 ? 229 HOH A O   1 
HETATM 1458 O  O   . HOH D 3 .   ? 13.392  -9.654  10.004  1.00 25.41 ? 230 HOH A O   1 
HETATM 1459 O  O   . HOH D 3 .   ? 10.941  0.824   12.844  1.00 30.08 ? 231 HOH A O   1 
HETATM 1460 O  O   . HOH D 3 .   ? -3.011  -16.575 2.270   1.00 23.17 ? 232 HOH A O   1 
HETATM 1461 O  O   . HOH D 3 .   ? 3.070   15.242  9.708   1.00 29.30 ? 233 HOH A O   1 
HETATM 1462 O  O   . HOH D 3 .   ? -13.754 6.411   7.228   1.00 23.15 ? 234 HOH A O   1 
HETATM 1463 O  O   . HOH D 3 .   ? 15.742  10.009  -3.006  1.00 30.45 ? 235 HOH A O   1 
HETATM 1464 O  O   . HOH D 3 .   ? 13.616  -4.347  -1.293  1.00 21.01 ? 236 HOH A O   1 
HETATM 1465 O  O   . HOH D 3 .   ? 7.112   -2.419  -9.009  1.00 31.45 ? 237 HOH A O   1 
HETATM 1466 O  O   . HOH D 3 .   ? -18.001 -2.030  3.443   1.00 32.73 ? 238 HOH A O   1 
HETATM 1467 O  O   . HOH D 3 .   ? -2.547  -3.172  17.347  1.00 34.14 ? 239 HOH A O   1 
HETATM 1468 O  O   . HOH D 3 .   ? -3.178  -5.120  13.516  1.00 30.83 ? 240 HOH A O   1 
HETATM 1469 O  O   . HOH D 3 .   ? 16.980  -1.789  -4.321  1.00 25.57 ? 241 HOH A O   1 
HETATM 1470 O  O   . HOH D 3 .   ? 13.727  6.600   -13.258 1.00 35.79 ? 242 HOH A O   1 
HETATM 1471 O  O   . HOH D 3 .   ? -0.317  1.582   -10.224 1.00 29.07 ? 243 HOH A O   1 
HETATM 1472 O  O   . HOH D 3 .   ? -10.768 -1.292  15.622  1.00 37.28 ? 244 HOH A O   1 
HETATM 1473 O  O   . HOH D 3 .   ? 3.051   0.974   -8.547  1.00 26.60 ? 245 HOH A O   1 
HETATM 1474 O  O   . HOH D 3 .   ? -12.846 -0.556  12.462  1.00 26.25 ? 246 HOH A O   1 
HETATM 1475 O  O   . HOH D 3 .   ? -0.336  -13.821 14.730  1.00 29.28 ? 247 HOH A O   1 
HETATM 1476 O  O   . HOH D 3 .   ? 3.178   16.121  13.290  1.00 33.85 ? 248 HOH A O   1 
HETATM 1477 O  O   . HOH D 3 .   ? 11.547  11.427  -4.329  1.00 27.43 ? 249 HOH A O   1 
HETATM 1478 O  O   . HOH D 3 .   ? 12.710  -11.340 -2.374  1.00 25.31 ? 250 HOH A O   1 
HETATM 1479 O  O   . HOH D 3 .   ? -1.606  3.072   -5.619  1.00 27.09 ? 251 HOH A O   1 
HETATM 1480 O  O   . HOH D 3 .   ? 8.446   6.393   11.561  1.00 29.17 ? 252 HOH A O   1 
HETATM 1481 O  O   . HOH D 3 .   ? 17.507  7.629   5.933   1.00 35.24 ? 253 HOH A O   1 
HETATM 1482 O  O   . HOH D 3 .   ? -5.435  -6.450  12.613  1.00 34.89 ? 254 HOH A O   1 
HETATM 1483 O  O   . HOH D 3 .   ? 12.075  -2.746  11.569  1.00 29.02 ? 255 HOH A O   1 
HETATM 1484 O  O   . HOH D 3 .   ? -4.313  -16.523 14.042  1.00 39.86 ? 256 HOH A O   1 
HETATM 1485 O  O   . HOH D 3 .   ? -2.015  -5.426  15.569  1.00 30.93 ? 257 HOH A O   1 
HETATM 1486 O  O   . HOH D 3 .   ? -13.590 5.609   4.586   1.00 26.70 ? 258 HOH A O   1 
HETATM 1487 O  O   . HOH D 3 .   ? 12.201  -6.877  -1.643  1.00 23.88 ? 259 HOH A O   1 
HETATM 1488 O  O   . HOH D 3 .   ? -15.663 4.023   1.963   1.00 44.24 ? 260 HOH A O   1 
HETATM 1489 O  O   . HOH D 3 .   ? 9.726   -0.811  -7.034  1.00 36.64 ? 261 HOH A O   1 
HETATM 1490 O  O   . HOH D 3 .   ? 14.142  7.185   8.083   1.00 27.17 ? 262 HOH A O   1 
HETATM 1491 O  O   . HOH D 3 .   ? 13.185  -10.185 4.151   1.00 20.43 ? 263 HOH A O   1 
HETATM 1492 O  O   . HOH D 3 .   ? -0.427  -17.263 2.585   1.00 31.98 ? 264 HOH A O   1 
HETATM 1493 O  O   . HOH D 3 .   ? -0.841  -19.265 8.023   1.00 34.48 ? 265 HOH A O   1 
HETATM 1494 O  O   . HOH D 3 .   ? 1.634   -3.084  18.996  1.00 24.44 ? 266 HOH A O   1 
HETATM 1495 O  O   . HOH D 3 .   ? 5.796   8.553   -9.919  1.00 33.09 ? 267 HOH A O   1 
HETATM 1496 O  O   . HOH D 3 .   ? 1.217   -1.596  -9.456  1.00 25.22 ? 268 HOH A O   1 
HETATM 1497 O  O   . HOH D 3 .   ? -5.675  -11.516 -8.561  1.00 26.28 ? 269 HOH A O   1 
HETATM 1498 O  O   . HOH D 3 .   ? -11.082 14.544  -7.055  1.00 26.96 ? 270 HOH A O   1 
HETATM 1499 O  O   . HOH D 3 .   ? -19.953 -6.537  -6.220  1.00 12.71 ? 271 HOH A O   1 
HETATM 1500 O  O   . HOH D 3 .   ? -7.081  -2.066  16.926  1.00 34.24 ? 272 HOH A O   1 
HETATM 1501 O  O   . HOH D 3 .   ? 10.114  -10.058 11.130  1.00 26.33 ? 273 HOH A O   1 
HETATM 1502 O  O   . HOH D 3 .   ? -14.521 -4.002  -1.788  1.00 22.30 ? 274 HOH A O   1 
HETATM 1503 O  O   . HOH D 3 .   ? -4.640  -2.648  -5.678  1.00 27.24 ? 275 HOH A O   1 
HETATM 1504 O  O   . HOH D 3 .   ? -10.944 -2.327  9.045   1.00 29.16 ? 276 HOH A O   1 
HETATM 1505 O  O   . HOH D 3 .   ? -5.811  -19.761 0.159   1.00 28.53 ? 277 HOH A O   1 
HETATM 1506 O  O   . HOH D 3 .   ? -15.946 -0.589  7.031   1.00 31.95 ? 278 HOH A O   1 
HETATM 1507 O  O   . HOH D 3 .   ? 10.281  -6.896  15.912  1.00 34.18 ? 279 HOH A O   1 
HETATM 1508 O  O   . HOH D 3 .   ? 2.411   -12.746 13.811  1.00 31.48 ? 280 HOH A O   1 
HETATM 1509 O  O   . HOH D 3 .   ? 5.533   -15.211 2.547   1.00 29.67 ? 281 HOH A O   1 
HETATM 1510 O  O   . HOH D 3 .   ? -5.303  -18.803 -2.644  1.00 30.19 ? 282 HOH A O   1 
HETATM 1511 O  O   . HOH D 3 .   ? 9.886   13.859  1.004   1.00 39.18 ? 283 HOH A O   1 
HETATM 1512 O  O   . HOH D 3 .   ? 2.907   -15.819 -0.058  1.00 33.12 ? 284 HOH A O   1 
HETATM 1513 O  O   . HOH D 3 .   ? -13.114 11.037  -0.516  1.00 25.97 ? 285 HOH A O   1 
HETATM 1514 O  O   . HOH D 3 .   ? 9.179   -12.890 -1.571  1.00 33.77 ? 286 HOH A O   1 
HETATM 1515 O  O   . HOH D 3 .   ? 3.148   -17.987 4.667   1.00 45.79 ? 287 HOH A O   1 
HETATM 1516 O  O   . HOH D 3 .   ? 11.299  0.014   -5.158  1.00 32.84 ? 288 HOH A O   1 
HETATM 1517 O  O   . HOH D 3 .   ? 2.078   -0.390  -11.787 1.00 37.03 ? 289 HOH A O   1 
HETATM 1518 O  O   . HOH D 3 .   ? 16.629  -0.618  7.114   1.00 29.16 ? 290 HOH A O   1 
HETATM 1519 O  O   . HOH D 3 .   ? 9.646   2.634   -13.392 1.00 36.49 ? 291 HOH A O   1 
HETATM 1520 O  O   . HOH D 3 .   ? 10.903  12.883  11.357  1.00 34.89 ? 292 HOH A O   1 
HETATM 1521 O  O   . HOH D 3 .   ? 5.282   -13.707 7.572   1.00 35.89 ? 293 HOH A O   1 
HETATM 1522 O  O   . HOH D 3 .   ? 12.552  12.327  3.488   1.00 35.62 ? 294 HOH A O   1 
HETATM 1523 O  O   . HOH D 3 .   ? 4.401   13.205  -8.098  1.00 38.42 ? 295 HOH A O   1 
HETATM 1524 O  O   . HOH D 3 .   ? -1.586  10.075  19.336  1.00 33.88 ? 296 HOH A O   1 
HETATM 1525 O  O   . HOH D 3 .   ? -2.179  4.996   -7.782  1.00 41.23 ? 297 HOH A O   1 
HETATM 1526 O  O   . HOH D 3 .   ? 5.580   17.570  6.395   1.00 39.34 ? 298 HOH A O   1 
HETATM 1527 O  O   . HOH D 3 .   ? 4.934   10.288  -7.858  1.00 36.14 ? 299 HOH A O   1 
HETATM 1528 O  O   . HOH D 3 .   ? 7.595   1.628   18.888  1.00 43.26 ? 300 HOH A O   1 
HETATM 1529 O  O   . HOH D 3 .   ? 4.487   -18.127 -2.844  1.00 57.43 ? 301 HOH A O   1 
HETATM 1530 O  O   . HOH D 3 .   ? 12.155  1.966   -8.939  1.00 35.83 ? 302 HOH A O   1 
HETATM 1531 O  O   . HOH D 3 .   ? -10.588 12.656  2.011   1.00 32.56 ? 303 HOH A O   1 
HETATM 1532 O  O   . HOH D 3 .   ? -1.484  9.933   -11.313 1.00 48.46 ? 304 HOH A O   1 
HETATM 1533 O  O   . HOH D 3 .   ? -4.295  -17.319 -0.124  1.00 36.01 ? 305 HOH A O   1 
HETATM 1534 O  O   . HOH D 3 .   ? 13.587  -7.161  12.981  1.00 38.51 ? 306 HOH A O   1 
HETATM 1535 O  O   . HOH D 3 .   ? 13.415  11.144  11.585  1.00 44.80 ? 307 HOH A O   1 
HETATM 1536 O  O   . HOH D 3 .   ? 7.521   16.370  -7.609  1.00 47.92 ? 308 HOH A O   1 
HETATM 1537 O  O   . HOH D 3 .   ? 1.125   -17.005 -2.196  1.00 41.69 ? 309 HOH A O   1 
HETATM 1538 O  O   . HOH D 3 .   ? 2.508   -15.919 2.590   1.00 36.37 ? 310 HOH A O   1 
HETATM 1539 O  O   . HOH D 3 .   ? 9.865   16.141  -5.896  1.00 41.18 ? 311 HOH A O   1 
HETATM 1540 O  O   . HOH D 3 .   ? 15.313  10.847  0.877   1.00 37.85 ? 312 HOH A O   1 
HETATM 1541 O  O   . HOH D 3 .   ? 9.848   9.717   13.196  1.00 31.89 ? 313 HOH A O   1 
HETATM 1542 O  O   . HOH D 3 .   ? 17.283  2.538   6.144   1.00 38.10 ? 314 HOH A O   1 
HETATM 1543 O  O   . HOH D 3 .   ? 7.285   3.702   16.972  1.00 40.92 ? 315 HOH A O   1 
HETATM 1544 O  O   . HOH D 3 .   ? 15.667  3.823   8.055   1.00 38.56 ? 316 HOH A O   1 
HETATM 1545 O  O   . HOH D 3 .   ? -1.865  4.643   25.074  1.00 33.52 ? 317 HOH A O   1 
HETATM 1546 O  O   . HOH D 3 .   ? 13.179  7.810   10.746  1.00 34.45 ? 318 HOH A O   1 
HETATM 1547 O  O   . HOH D 3 .   ? 16.838  1.436   3.478   1.00 41.13 ? 319 HOH A O   1 
HETATM 1548 O  O   . HOH D 3 .   ? 14.987  2.035   10.305  1.00 44.58 ? 320 HOH A O   1 
HETATM 1549 O  O   . HOH D 3 .   ? -2.942  6.620   23.858  1.00 28.75 ? 321 HOH A O   1 
HETATM 1550 O  O   . HOH D 3 .   ? -15.127 3.528   4.428   1.00 32.86 ? 322 HOH A O   1 
HETATM 1551 O  O   . HOH D 3 .   ? 17.570  7.021   2.722   1.00 32.48 ? 323 HOH A O   1 
HETATM 1552 O  O   . HOH D 3 .   ? 15.450  7.816   0.520   1.00 30.68 ? 324 HOH A O   1 
HETATM 1553 O  O   . HOH D 3 .   ? 9.232   -15.686 -0.590  1.00 42.78 ? 325 HOH A O   1 
HETATM 1554 O  O   . HOH D 3 .   ? 14.665  10.814  -6.997  1.00 27.15 ? 326 HOH A O   1 
HETATM 1555 O  O   . HOH D 3 .   ? 0.428   -18.360 5.403   1.00 33.15 ? 327 HOH A O   1 
HETATM 1556 O  O   . HOH D 3 .   ? -3.078  -19.120 3.963   1.00 35.33 ? 328 HOH A O   1 
HETATM 1557 O  O   . HOH D 3 .   ? -15.186 10.006  5.276   1.00 30.12 ? 329 HOH A O   1 
HETATM 1558 O  O   . HOH D 3 .   ? -5.972  -6.035  16.706  0.50 34.35 ? 330 HOH A O   1 
HETATM 1559 O  O   . HOH D 3 .   ? 0.477   0.723   -8.326  1.00 16.54 ? 331 HOH A O   1 
HETATM 1560 O  O   . HOH D 3 .   ? -5.918  -13.640 -10.406 1.00 32.96 ? 332 HOH A O   1 
HETATM 1561 O  O   . HOH D 3 .   ? 15.862  4.838   -12.548 1.00 34.35 ? 333 HOH A O   1 
HETATM 1562 O  O   . HOH D 3 .   ? 11.294  -9.676  13.911  1.00 42.80 ? 334 HOH A O   1 
HETATM 1563 O  O   . HOH D 3 .   ? -9.653  -5.679  -9.097  1.00 35.15 ? 335 HOH A O   1 
HETATM 1564 O  O   . HOH D 3 .   ? 1.427   6.384   -9.367  1.00 33.16 ? 336 HOH A O   1 
HETATM 1565 O  O   . HOH D 3 .   ? -7.501  -20.616 -4.116  1.00 40.68 ? 337 HOH A O   1 
HETATM 1566 O  O   . HOH D 3 .   ? -9.991  -22.275 -3.884  1.00 28.15 ? 338 HOH A O   1 
HETATM 1567 O  O   . HOH D 3 .   ? -2.800  -3.135  -7.372  1.00 33.64 ? 339 HOH A O   1 
HETATM 1568 O  O   . HOH D 3 .   ? -5.104  -10.916 11.952  1.00 29.14 ? 340 HOH A O   1 
HETATM 1569 O  O   . HOH D 3 .   ? 9.907   10.391  -12.508 1.00 32.81 ? 341 HOH A O   1 
HETATM 1570 O  O   . HOH D 3 .   ? 15.691  10.716  4.155   1.00 36.18 ? 342 HOH A O   1 
HETATM 1571 O  O   . HOH D 3 .   ? 14.045  -13.527 2.324   1.00 35.11 ? 343 HOH A O   1 
HETATM 1572 O  O   . HOH D 3 .   ? 7.334   9.300   -12.180 1.00 33.82 ? 344 HOH A O   1 
HETATM 1573 O  O   . HOH D 3 .   ? -0.512  -18.908 -0.765  1.00 55.43 ? 345 HOH A O   1 
HETATM 1574 O  O   . HOH D 3 .   ? -7.161  -13.577 -13.559 1.00 34.33 ? 346 HOH A O   1 
HETATM 1575 O  O   . HOH D 3 .   ? -10.268 -4.619  -15.287 1.00 33.13 ? 347 HOH A O   1 
HETATM 1576 O  O   . HOH D 3 .   ? -11.458 -9.640  -10.919 1.00 29.71 ? 348 HOH A O   1 
HETATM 1577 O  O   . HOH D 3 .   ? -9.378  -8.789  11.533  1.00 23.22 ? 349 HOH A O   1 
HETATM 1578 O  O   . HOH D 3 .   ? -10.566 -10.524 10.181  1.00 16.32 ? 350 HOH A O   1 
HETATM 1579 O  O   . HOH D 3 .   ? -15.296 7.798   3.563   1.00 37.71 ? 351 HOH A O   1 
# 
